data_3GVK
#
_entry.id   3GVK
#
_cell.length_a   90.400
_cell.length_b   153.700
_cell.length_c   157.800
_cell.angle_alpha   90.00
_cell.angle_beta   90.00
_cell.angle_gamma   90.00
#
_symmetry.space_group_name_H-M   'P 21 21 21'
#
loop_
_entity.id
_entity.type
_entity.pdbx_description
1 polymer Endo-N-acetylneuraminidase
2 branched 'N-acetyl-alpha-neuraminic acid-(2-8)-N-acetyl-alpha-neuraminic acid-(2-8)-N-acetyl-beta-neuraminic acid'
3 branched 'N-acetyl-alpha-neuraminic acid-(2-8)-N-acetyl-beta-neuraminic acid'
4 non-polymer 'SODIUM ION'
5 water water
#
_entity_poly.entity_id   1
_entity_poly.type   'polypeptide(L)'
_entity_poly.pdbx_seq_one_letter_code
;VPRGSAKGDGVTDDTAALTSALNDTPVGQKINGNGKTYKVTSLPDISRFINTRFVYERIPGQPLYYASEEFVQGELFKIT
DTPYYNAWPQDKAFVYENVIYAPYMGSDRAGVSRLHVSWVKSGDDGQTWSTPEWLTDLHPDYPTVNYHCMSMGVCRNRLF
AMIETRTLAKNALTNCALWDRPMSRSLHLTGGITKAANQRYATIHVPDHGLFVGDFVNFSNSAVTGVSGDMTVATVIDKD
NFTVLTPNQQTSDLNNAGKNWHMGTSFHKSPWRKTDLGLIPSVTEVHSFATIDNNGFAMGYHQGDVAPREVGLFYFPDAF
NSPSNYVRRQIPSEYEPDASEPCIKYYDGVLYLITRGTRGDRLGSSLHRSRDIGQTWESLRFPHNVHHTTLPFAKVGDDL
IMFGSERAENEWEAGAPDDRYKASYPRTFYARLNVNNWNADDIEWVNITDQIYQGGIVNSGVGVGSVVVKDNYIYYMFGG
EDHFNPWTYGDNSAKDPFKSDGHPSDLYCYKMKIGPDNRVSRDFRYGAVPNRAVPVFFDTNGVRTVPAPMEFTGDLGLGH
VTIRASTSSNIRSEVLMEGEYGFIGKSIPTDNPAGQRIIFCGGEGTSSTTGAQITLYGANNTDSRRIVYNGDEHLFQSAD
VKPYNDNVTALGGPSNRFTTAYLGSNPIVT
;
_entity_poly.pdbx_strand_id   A,B,C
#
loop_
_chem_comp.id
_chem_comp.type
_chem_comp.name
_chem_comp.formula
NA non-polymer 'SODIUM ION' 'Na 1'
SIA D-saccharide, alpha linking 'N-acetyl-alpha-neuraminic acid' 'C11 H19 N O9'
SLB D-saccharide, beta linking 'N-acetyl-beta-neuraminic acid' 'C11 H19 N O9'
#
# COMPACT_ATOMS: atom_id res chain seq x y z
N VAL A 27 -23.32 -26.36 -15.01
CA VAL A 27 -23.31 -24.87 -15.16
C VAL A 27 -23.87 -24.49 -16.53
N GLY A 28 -24.94 -23.69 -16.53
CA GLY A 28 -25.63 -23.31 -17.76
C GLY A 28 -24.83 -22.37 -18.65
N GLN A 29 -24.94 -22.59 -19.96
CA GLN A 29 -24.38 -21.69 -20.96
C GLN A 29 -24.99 -20.30 -20.82
N LYS A 30 -24.16 -19.26 -20.98
CA LYS A 30 -24.62 -17.89 -20.78
C LYS A 30 -25.61 -17.43 -21.85
N ILE A 31 -26.55 -16.59 -21.44
CA ILE A 31 -27.68 -16.19 -22.28
C ILE A 31 -27.81 -14.66 -22.37
N ASN A 32 -27.99 -14.17 -23.60
CA ASN A 32 -28.28 -12.76 -23.83
C ASN A 32 -29.78 -12.49 -23.81
N GLY A 33 -30.22 -11.64 -22.89
CA GLY A 33 -31.65 -11.35 -22.71
C GLY A 33 -32.16 -10.19 -23.53
N ASN A 34 -31.28 -9.56 -24.30
CA ASN A 34 -31.63 -8.48 -25.24
C ASN A 34 -32.31 -7.26 -24.61
N GLY A 35 -31.94 -6.97 -23.36
CA GLY A 35 -32.47 -5.80 -22.64
C GLY A 35 -33.89 -5.96 -22.15
N LYS A 36 -34.40 -7.19 -22.18
CA LYS A 36 -35.78 -7.47 -21.80
C LYS A 36 -35.96 -7.73 -20.30
N THR A 37 -37.19 -7.57 -19.84
CA THR A 37 -37.56 -7.87 -18.47
C THR A 37 -38.47 -9.10 -18.43
N TYR A 38 -38.10 -10.09 -17.62
CA TYR A 38 -38.86 -11.32 -17.50
C TYR A 38 -39.47 -11.48 -16.12
N LYS A 39 -40.72 -11.94 -16.09
CA LYS A 39 -41.39 -12.30 -14.84
C LYS A 39 -41.02 -13.73 -14.44
N VAL A 40 -40.70 -13.91 -13.16
CA VAL A 40 -40.30 -15.21 -12.63
C VAL A 40 -40.93 -15.46 -11.26
N THR A 41 -41.09 -16.74 -10.89
CA THR A 41 -41.66 -17.11 -9.58
C THR A 41 -40.58 -17.49 -8.56
N SER A 42 -39.41 -17.87 -9.08
CA SER A 42 -38.20 -18.06 -8.29
C SER A 42 -37.11 -17.25 -8.96
N LEU A 43 -36.15 -16.73 -8.19
CA LEU A 43 -35.02 -16.05 -8.80
C LEU A 43 -34.22 -17.08 -9.59
N PRO A 44 -33.89 -16.75 -10.86
CA PRO A 44 -33.16 -17.67 -11.69
C PRO A 44 -31.67 -17.63 -11.37
N ASP A 45 -30.88 -18.30 -12.19
CA ASP A 45 -29.43 -18.25 -12.13
C ASP A 45 -29.01 -16.95 -12.78
N ILE A 46 -28.95 -15.89 -11.98
CA ILE A 46 -28.74 -14.53 -12.48
C ILE A 46 -27.42 -14.36 -13.25
N SER A 47 -26.36 -14.96 -12.73
CA SER A 47 -25.04 -14.85 -13.37
C SER A 47 -24.93 -15.61 -14.70
N ARG A 48 -25.96 -16.38 -15.03
CA ARG A 48 -26.05 -17.03 -16.34
C ARG A 48 -26.45 -16.03 -17.42
N PHE A 49 -27.09 -14.94 -17.00
CA PHE A 49 -27.68 -13.98 -17.94
C PHE A 49 -26.85 -12.71 -18.12
N ILE A 50 -26.85 -12.18 -19.35
CA ILE A 50 -26.33 -10.85 -19.63
C ILE A 50 -27.47 -10.01 -20.21
N ASN A 51 -27.43 -8.69 -19.94
CA ASN A 51 -28.43 -7.74 -20.43
CA ASN A 51 -28.42 -7.75 -20.48
C ASN A 51 -29.87 -8.19 -20.21
N THR A 52 -30.14 -8.65 -19.00
CA THR A 52 -31.47 -9.14 -18.63
C THR A 52 -31.91 -8.56 -17.28
N ARG A 53 -33.20 -8.24 -17.17
CA ARG A 53 -33.79 -7.84 -15.89
C ARG A 53 -34.92 -8.80 -15.54
N PHE A 54 -35.03 -9.14 -14.25
CA PHE A 54 -36.11 -10.01 -13.78
C PHE A 54 -37.02 -9.28 -12.78
N VAL A 55 -38.32 -9.50 -12.91
CA VAL A 55 -39.31 -9.03 -11.93
CA VAL A 55 -39.27 -9.02 -11.92
C VAL A 55 -39.77 -10.22 -11.11
N TYR A 56 -39.65 -10.11 -9.79
CA TYR A 56 -39.91 -11.21 -8.89
C TYR A 56 -40.53 -10.73 -7.58
N GLU A 57 -41.54 -11.48 -7.13
CA GLU A 57 -42.23 -11.15 -5.88
C GLU A 57 -41.79 -12.12 -4.79
N ARG A 58 -40.67 -11.82 -4.15
CA ARG A 58 -40.18 -12.61 -3.03
C ARG A 58 -41.28 -12.72 -1.96
N ILE A 59 -41.89 -11.57 -1.68
CA ILE A 59 -43.10 -11.50 -0.87
C ILE A 59 -44.25 -11.21 -1.82
N PRO A 60 -45.28 -12.10 -1.85
CA PRO A 60 -46.42 -11.90 -2.75
C PRO A 60 -46.99 -10.49 -2.71
N GLY A 61 -47.20 -9.90 -3.88
CA GLY A 61 -47.75 -8.54 -3.98
C GLY A 61 -46.73 -7.41 -3.92
N GLN A 62 -45.45 -7.76 -3.77
CA GLN A 62 -44.39 -6.73 -3.74
C GLN A 62 -43.32 -7.00 -4.80
N PRO A 63 -43.62 -6.68 -6.07
CA PRO A 63 -42.64 -6.93 -7.13
C PRO A 63 -41.40 -6.03 -6.99
N LEU A 64 -40.23 -6.63 -7.19
CA LEU A 64 -38.97 -5.89 -7.22
C LEU A 64 -38.20 -6.38 -8.43
N TYR A 65 -37.24 -5.58 -8.90
CA TYR A 65 -36.53 -5.87 -10.13
C TYR A 65 -35.07 -6.23 -9.86
N TYR A 66 -34.54 -7.15 -10.66
CA TYR A 66 -33.21 -7.70 -10.42
C TYR A 66 -32.41 -7.68 -11.71
N ALA A 67 -31.31 -6.95 -11.71
CA ALA A 67 -30.52 -6.73 -12.92
C ALA A 67 -29.39 -7.75 -13.03
N SER A 68 -29.28 -8.38 -14.20
CA SER A 68 -28.10 -9.19 -14.51
C SER A 68 -26.96 -8.26 -14.94
N GLU A 69 -25.77 -8.84 -15.13
CA GLU A 69 -24.62 -8.08 -15.62
C GLU A 69 -24.93 -7.39 -16.95
N GLU A 70 -24.50 -6.13 -17.06
CA GLU A 70 -24.63 -5.34 -18.28
C GLU A 70 -26.04 -4.83 -18.61
N PHE A 71 -27.03 -5.12 -17.76
CA PHE A 71 -28.36 -4.55 -17.97
C PHE A 71 -28.37 -3.04 -17.68
N VAL A 72 -27.68 -2.66 -16.61
CA VAL A 72 -27.46 -1.26 -16.26
C VAL A 72 -26.05 -0.88 -16.72
N GLN A 73 -25.91 0.30 -17.32
CA GLN A 73 -24.59 0.85 -17.60
C GLN A 73 -24.06 1.46 -16.31
N GLY A 74 -23.44 0.62 -15.48
CA GLY A 74 -22.99 1.04 -14.16
C GLY A 74 -22.01 0.05 -13.56
N GLU A 75 -21.37 0.45 -12.47
CA GLU A 75 -20.32 -0.36 -11.86
C GLU A 75 -20.15 0.00 -10.39
N LEU A 76 -19.86 -0.99 -9.56
CA LEU A 76 -19.57 -0.77 -8.15
C LEU A 76 -18.07 -0.68 -7.91
N PHE A 77 -17.69 0.24 -7.03
CA PHE A 77 -16.31 0.45 -6.61
C PHE A 77 -16.23 0.38 -5.09
N LYS A 78 -15.15 -0.22 -4.56
CA LYS A 78 -14.82 -0.05 -3.14
C LYS A 78 -13.92 1.16 -3.02
N ILE A 79 -14.26 2.08 -2.10
CA ILE A 79 -13.60 3.38 -2.04
C ILE A 79 -12.87 3.72 -0.72
N THR A 80 -13.19 3.00 0.37
CA THR A 80 -12.34 3.00 1.57
C THR A 80 -11.97 1.58 1.96
N ASP A 81 -10.83 1.44 2.64
CA ASP A 81 -10.39 0.16 3.18
C ASP A 81 -9.53 0.40 4.41
N THR A 82 -10.18 0.83 5.50
CA THR A 82 -9.47 1.15 6.75
C THR A 82 -10.11 0.41 7.93
N PRO A 83 -9.35 0.23 9.04
CA PRO A 83 -9.81 -0.57 10.19
C PRO A 83 -10.92 0.07 11.01
N TYR A 84 -11.16 1.38 10.82
CA TYR A 84 -12.26 2.05 11.50
C TYR A 84 -13.60 1.54 10.97
N TYR A 85 -14.64 1.73 11.78
CA TYR A 85 -16.01 1.52 11.37
C TYR A 85 -16.35 2.68 10.44
N ASN A 86 -16.22 2.44 9.13
CA ASN A 86 -16.43 3.49 8.14
C ASN A 86 -17.82 3.39 7.53
N ALA A 87 -18.67 4.34 7.90
CA ALA A 87 -20.06 4.34 7.44
C ALA A 87 -20.63 5.74 7.44
N TRP A 88 -21.93 5.83 7.17
CA TRP A 88 -22.68 7.09 7.21
C TRP A 88 -22.15 8.19 6.29
N PRO A 89 -22.05 7.92 4.97
CA PRO A 89 -21.90 9.07 4.07
C PRO A 89 -23.11 10.01 4.18
N GLN A 90 -24.24 9.47 4.64
CA GLN A 90 -25.49 10.24 4.79
C GLN A 90 -25.33 11.55 5.56
N ASP A 91 -25.76 12.68 5.00
CA ASP A 91 -25.98 12.86 3.57
C ASP A 91 -25.15 14.09 3.22
N LYS A 92 -23.86 13.84 2.96
CA LYS A 92 -22.83 14.87 2.97
C LYS A 92 -22.05 15.03 1.67
N ALA A 93 -22.23 14.11 0.72
CA ALA A 93 -21.43 14.13 -0.51
C ALA A 93 -21.73 15.35 -1.36
N PHE A 94 -20.70 15.81 -2.07
CA PHE A 94 -20.82 16.95 -3.00
C PHE A 94 -19.73 16.90 -4.04
N VAL A 95 -19.91 17.66 -5.11
CA VAL A 95 -18.90 17.81 -6.15
C VAL A 95 -18.47 19.27 -6.13
N TYR A 96 -17.17 19.52 -6.02
CA TYR A 96 -16.65 20.88 -6.09
C TYR A 96 -15.46 20.98 -7.01
N GLU A 97 -15.63 21.81 -8.05
CA GLU A 97 -14.59 22.08 -9.04
C GLU A 97 -13.84 20.80 -9.45
N ASN A 98 -14.60 19.88 -10.04
CA ASN A 98 -14.11 18.66 -10.71
C ASN A 98 -13.80 17.48 -9.78
N VAL A 99 -13.85 17.71 -8.47
CA VAL A 99 -13.51 16.68 -7.49
C VAL A 99 -14.76 16.18 -6.78
N ILE A 100 -14.89 14.85 -6.71
CA ILE A 100 -15.99 14.21 -6.01
C ILE A 100 -15.59 13.95 -4.55
N TYR A 101 -16.37 14.50 -3.62
CA TYR A 101 -16.10 14.36 -2.19
C TYR A 101 -17.06 13.36 -1.54
N ALA A 102 -16.51 12.40 -0.81
CA ALA A 102 -17.32 11.42 -0.08
C ALA A 102 -17.05 11.52 1.43
N PRO A 103 -17.69 12.49 2.11
CA PRO A 103 -17.51 12.60 3.55
C PRO A 103 -18.27 11.51 4.29
N TYR A 104 -17.75 11.14 5.47
CA TYR A 104 -18.32 10.06 6.25
C TYR A 104 -17.88 10.20 7.71
N MET A 105 -18.22 9.21 8.52
CA MET A 105 -17.71 9.14 9.88
C MET A 105 -16.98 7.80 10.11
N GLY A 106 -15.72 7.89 10.53
CA GLY A 106 -14.93 6.72 10.89
C GLY A 106 -14.84 6.65 12.40
N SER A 107 -15.47 5.62 12.96
CA SER A 107 -15.56 5.43 14.42
C SER A 107 -15.16 4.02 14.81
N ASP A 108 -15.59 3.57 15.99
CA ASP A 108 -15.42 2.16 16.38
C ASP A 108 -16.75 1.44 16.63
N ARG A 109 -17.86 2.14 16.38
CA ARG A 109 -19.21 1.62 16.64
C ARG A 109 -20.28 2.54 16.07
N ALA A 110 -21.54 2.11 16.16
CA ALA A 110 -22.66 3.00 15.86
C ALA A 110 -22.80 3.97 17.03
N GLY A 111 -21.99 5.02 16.99
CA GLY A 111 -21.86 5.99 18.07
C GLY A 111 -20.64 6.86 17.82
N VAL A 112 -20.32 7.73 18.77
CA VAL A 112 -19.26 8.73 18.57
C VAL A 112 -17.90 8.40 19.20
N SER A 113 -17.78 7.20 19.79
CA SER A 113 -16.48 6.74 20.29
C SER A 113 -15.45 6.62 19.15
N ARG A 114 -14.26 7.13 19.40
CA ARG A 114 -13.12 7.13 18.44
C ARG A 114 -13.42 7.80 17.09
N LEU A 115 -14.47 8.62 17.05
CA LEU A 115 -14.97 9.17 15.79
C LEU A 115 -14.22 10.40 15.28
N HIS A 116 -13.88 10.36 13.99
CA HIS A 116 -13.48 11.55 13.25
C HIS A 116 -14.43 11.70 12.08
N VAL A 117 -14.96 12.90 11.89
CA VAL A 117 -15.62 13.22 10.62
C VAL A 117 -14.50 13.24 9.58
N SER A 118 -14.67 12.47 8.52
CA SER A 118 -13.62 12.20 7.55
C SER A 118 -14.13 12.34 6.13
N TRP A 119 -13.22 12.42 5.15
CA TRP A 119 -13.60 12.18 3.75
C TRP A 119 -12.54 11.48 2.92
N VAL A 120 -12.99 10.86 1.84
CA VAL A 120 -12.12 10.46 0.75
C VAL A 120 -12.63 11.17 -0.51
N LYS A 121 -11.74 11.38 -1.45
CA LYS A 121 -12.06 12.16 -2.65
C LYS A 121 -11.65 11.39 -3.89
N SER A 122 -12.31 11.66 -5.00
CA SER A 122 -11.85 11.14 -6.29
C SER A 122 -11.56 12.28 -7.26
N GLY A 123 -10.37 12.22 -7.86
CA GLY A 123 -9.98 13.19 -8.88
C GLY A 123 -9.97 12.59 -10.28
N ASP A 124 -10.64 11.45 -10.45
CA ASP A 124 -10.69 10.80 -11.76
C ASP A 124 -12.06 10.20 -12.08
N ASP A 125 -13.10 10.93 -11.67
CA ASP A 125 -14.49 10.57 -11.90
C ASP A 125 -14.86 9.22 -11.30
N GLY A 126 -14.28 8.92 -10.13
CA GLY A 126 -14.66 7.76 -9.34
C GLY A 126 -13.85 6.49 -9.52
N GLN A 127 -12.82 6.52 -10.37
CA GLN A 127 -12.00 5.32 -10.63
C GLN A 127 -11.12 4.97 -9.42
N THR A 128 -10.47 5.99 -8.87
CA THR A 128 -9.58 5.83 -7.72
CA THR A 128 -9.60 5.81 -7.69
C THR A 128 -9.90 6.89 -6.66
N TRP A 129 -9.59 6.58 -5.39
CA TRP A 129 -9.92 7.48 -4.29
C TRP A 129 -8.72 7.74 -3.39
N SER A 130 -8.80 8.85 -2.65
CA SER A 130 -7.67 9.38 -1.89
C SER A 130 -7.55 8.74 -0.51
N THR A 131 -6.42 9.00 0.15
CA THR A 131 -6.19 8.59 1.54
C THR A 131 -7.15 9.37 2.44
N PRO A 132 -7.79 8.70 3.41
CA PRO A 132 -8.74 9.39 4.28
C PRO A 132 -8.14 10.61 4.98
N GLU A 133 -8.90 11.71 5.01
CA GLU A 133 -8.52 12.90 5.76
C GLU A 133 -9.48 13.12 6.91
N TRP A 134 -8.95 13.37 8.09
CA TRP A 134 -9.76 13.72 9.25
C TRP A 134 -10.11 15.20 9.18
N LEU A 135 -11.40 15.49 9.22
CA LEU A 135 -11.92 16.87 9.18
C LEU A 135 -12.09 17.42 10.58
N THR A 136 -12.35 16.53 11.54
CA THR A 136 -12.48 16.93 12.94
C THR A 136 -11.49 16.15 13.81
N ASP A 137 -11.08 16.78 14.91
CA ASP A 137 -10.33 16.07 15.93
C ASP A 137 -11.31 15.54 16.96
N LEU A 138 -10.81 14.79 17.93
CA LEU A 138 -11.64 14.39 19.07
C LEU A 138 -12.02 15.66 19.83
N HIS A 139 -13.27 15.73 20.28
CA HIS A 139 -13.81 16.85 21.06
C HIS A 139 -12.89 17.13 22.27
N PRO A 140 -12.70 18.42 22.62
CA PRO A 140 -11.93 18.80 23.80
C PRO A 140 -12.34 18.06 25.08
N ASP A 141 -13.61 17.70 25.17
CA ASP A 141 -14.15 17.03 26.36
C ASP A 141 -14.35 15.52 26.17
N TYR A 142 -13.67 14.95 25.18
CA TYR A 142 -13.59 13.50 25.00
C TYR A 142 -12.95 12.91 26.27
N PRO A 143 -13.44 11.75 26.75
CA PRO A 143 -14.44 10.84 26.17
C PRO A 143 -15.86 11.00 26.71
N THR A 144 -16.22 12.18 27.22
CA THR A 144 -17.60 12.42 27.65
C THR A 144 -18.49 12.66 26.43
N VAL A 145 -17.99 13.47 25.50
CA VAL A 145 -18.70 13.80 24.27
C VAL A 145 -17.75 13.76 23.07
N ASN A 146 -18.32 13.67 21.87
CA ASN A 146 -17.54 13.76 20.63
C ASN A 146 -18.41 14.28 19.48
N TYR A 147 -17.77 14.65 18.37
CA TYR A 147 -18.47 15.21 17.22
C TYR A 147 -19.27 14.18 16.40
N HIS A 148 -20.13 14.71 15.54
CA HIS A 148 -21.04 13.92 14.71
C HIS A 148 -21.55 14.84 13.62
N CYS A 149 -21.63 14.34 12.38
CA CYS A 149 -22.11 15.17 11.28
C CYS A 149 -22.80 14.36 10.20
N MET A 150 -24.02 14.77 9.86
CA MET A 150 -24.75 14.16 8.75
C MET A 150 -25.25 15.21 7.76
N SER A 151 -24.79 16.45 7.92
CA SER A 151 -25.18 17.53 7.03
C SER A 151 -23.98 18.39 6.63
N MET A 152 -23.65 18.38 5.34
CA MET A 152 -22.47 19.05 4.80
C MET A 152 -22.69 19.38 3.33
N GLY A 153 -22.19 20.53 2.89
CA GLY A 153 -22.34 20.97 1.51
C GLY A 153 -21.58 22.25 1.23
N VAL A 154 -21.77 22.78 0.03
CA VAL A 154 -21.05 23.98 -0.40
C VAL A 154 -22.02 25.09 -0.80
N CYS A 155 -21.79 26.28 -0.24
CA CYS A 155 -22.56 27.47 -0.57
C CYS A 155 -21.60 28.64 -0.77
N ARG A 156 -21.63 29.23 -1.97
CA ARG A 156 -20.71 30.31 -2.38
C ARG A 156 -19.25 30.07 -1.99
N ASN A 157 -18.69 28.97 -2.49
CA ASN A 157 -17.25 28.63 -2.32
C ASN A 157 -16.80 28.38 -0.87
N ARG A 158 -17.75 28.11 0.01
CA ARG A 158 -17.46 27.72 1.39
C ARG A 158 -18.10 26.39 1.73
N LEU A 159 -17.36 25.54 2.41
CA LEU A 159 -17.93 24.34 3.01
C LEU A 159 -18.73 24.75 4.24
N PHE A 160 -19.97 24.27 4.32
CA PHE A 160 -20.79 24.42 5.52
C PHE A 160 -21.09 23.04 6.08
N ALA A 161 -21.03 22.91 7.40
CA ALA A 161 -21.38 21.65 8.06
C ALA A 161 -22.06 21.89 9.40
N MET A 162 -23.06 21.06 9.70
CA MET A 162 -23.66 21.07 11.02
C MET A 162 -22.91 20.08 11.90
N ILE A 163 -22.03 20.62 12.74
CA ILE A 163 -21.20 19.82 13.62
C ILE A 163 -21.91 19.65 14.96
N GLU A 164 -22.38 18.43 15.21
CA GLU A 164 -23.12 18.10 16.42
C GLU A 164 -22.18 17.58 17.48
N THR A 165 -22.51 17.88 18.74
CA THR A 165 -21.83 17.26 19.87
C THR A 165 -22.80 16.28 20.53
N ARG A 166 -22.35 15.03 20.70
CA ARG A 166 -23.18 13.98 21.26
C ARG A 166 -22.41 13.21 22.33
N THR A 167 -23.13 12.67 23.31
CA THR A 167 -22.51 11.89 24.37
C THR A 167 -22.07 10.51 23.87
N LEU A 168 -20.95 10.02 24.37
CA LEU A 168 -20.50 8.66 24.06
C LEU A 168 -21.42 7.61 24.67
N ALA A 169 -21.93 7.88 25.86
CA ALA A 169 -22.73 6.91 26.62
C ALA A 169 -24.09 6.57 25.99
N LYS A 170 -24.78 7.57 25.46
CA LYS A 170 -26.15 7.39 24.95
C LYS A 170 -26.40 7.93 23.54
N ASN A 171 -25.36 8.51 22.93
CA ASN A 171 -25.47 9.19 21.63
C ASN A 171 -26.51 10.32 21.65
N ALA A 172 -26.67 10.93 22.81
CA ALA A 172 -27.62 12.02 23.01
C ALA A 172 -27.01 13.33 22.55
N LEU A 173 -27.79 14.11 21.79
CA LEU A 173 -27.35 15.40 21.28
C LEU A 173 -27.26 16.45 22.39
N THR A 174 -26.13 17.14 22.48
CA THR A 174 -25.94 18.17 23.51
C THR A 174 -25.74 19.57 22.93
N ASN A 175 -25.28 19.64 21.68
CA ASN A 175 -24.95 20.91 21.04
C ASN A 175 -24.99 20.80 19.51
N CYS A 176 -25.46 21.87 18.87
CA CYS A 176 -25.36 22.04 17.42
C CYS A 176 -24.55 23.28 17.10
N ALA A 177 -23.58 23.13 16.20
CA ALA A 177 -22.78 24.26 15.74
C ALA A 177 -22.61 24.26 14.22
N LEU A 178 -22.77 25.43 13.61
CA LEU A 178 -22.50 25.59 12.19
C LEU A 178 -21.02 25.94 11.99
N TRP A 179 -20.29 25.01 11.35
CA TRP A 179 -18.89 25.24 11.01
C TRP A 179 -18.78 25.52 9.52
N ASP A 180 -18.03 26.57 9.17
CA ASP A 180 -17.78 26.85 7.77
C ASP A 180 -16.35 27.27 7.48
N ARG A 181 -15.92 27.06 6.23
CA ARG A 181 -14.53 27.20 5.84
C ARG A 181 -14.47 27.39 4.33
N PRO A 182 -13.61 28.31 3.84
CA PRO A 182 -13.51 28.51 2.39
C PRO A 182 -12.88 27.30 1.70
N MET A 183 -13.34 26.99 0.49
CA MET A 183 -12.79 25.87 -0.27
C MET A 183 -11.55 26.32 -1.03
N SER A 184 -10.61 25.40 -1.22
CA SER A 184 -9.38 25.70 -1.94
C SER A 184 -9.67 25.85 -3.43
N ARG A 185 -9.20 26.95 -4.01
CA ARG A 185 -9.39 27.26 -5.43
C ARG A 185 -8.14 27.90 -6.03
N SER A 186 -7.96 27.70 -7.33
CA SER A 186 -6.99 28.46 -8.11
C SER A 186 -7.74 29.29 -9.14
N LEU A 187 -7.56 30.61 -9.08
CA LEU A 187 -8.24 31.55 -9.96
C LEU A 187 -7.26 32.25 -10.89
N HIS A 188 -7.56 32.17 -12.19
CA HIS A 188 -6.74 32.82 -13.21
CA HIS A 188 -6.74 32.81 -13.23
C HIS A 188 -7.52 33.98 -13.80
N LEU A 189 -7.17 35.19 -13.35
CA LEU A 189 -7.99 36.38 -13.59
C LEU A 189 -7.30 37.50 -14.37
N THR A 190 -8.05 38.57 -14.62
CA THR A 190 -7.57 39.74 -15.36
C THR A 190 -8.09 41.02 -14.69
N GLY A 191 -7.17 41.79 -14.10
CA GLY A 191 -7.53 43.02 -13.41
C GLY A 191 -8.23 42.80 -12.07
N GLY A 192 -8.68 43.88 -11.46
CA GLY A 192 -9.44 43.79 -10.21
C GLY A 192 -8.66 44.24 -8.98
N ILE A 193 -7.35 44.37 -9.11
CA ILE A 193 -6.51 44.83 -8.01
C ILE A 193 -6.16 46.31 -8.19
N THR A 194 -6.58 47.13 -7.24
CA THR A 194 -6.26 48.56 -7.23
C THR A 194 -5.68 48.98 -5.89
N LYS A 195 -4.62 49.79 -5.96
CA LYS A 195 -3.93 50.27 -4.77
C LYS A 195 -3.70 51.78 -4.85
N ALA A 196 -4.36 52.50 -3.95
CA ALA A 196 -4.22 53.96 -3.86
C ALA A 196 -2.83 54.34 -3.36
N ALA A 197 -2.34 55.50 -3.80
CA ALA A 197 -1.00 55.97 -3.46
C ALA A 197 -0.86 56.38 -1.99
N ASN A 198 0.37 56.27 -1.48
CA ASN A 198 0.74 56.71 -0.13
C ASN A 198 0.14 55.88 1.01
N GLN A 199 -0.51 54.77 0.66
CA GLN A 199 -1.08 53.83 1.63
C GLN A 199 -0.81 52.39 1.21
N ARG A 200 -1.00 51.45 2.14
CA ARG A 200 -0.58 50.07 1.92
C ARG A 200 -1.70 49.09 1.55
N TYR A 201 -2.91 49.39 2.00
CA TYR A 201 -4.07 48.53 1.72
C TYR A 201 -4.42 48.49 0.23
N ALA A 202 -4.58 47.28 -0.30
CA ALA A 202 -4.99 47.08 -1.69
C ALA A 202 -6.33 46.38 -1.75
N THR A 203 -7.18 46.84 -2.67
CA THR A 203 -8.52 46.27 -2.85
CA THR A 203 -8.52 46.28 -2.86
C THR A 203 -8.49 45.20 -3.92
N ILE A 204 -9.01 44.02 -3.59
CA ILE A 204 -9.06 42.88 -4.50
C ILE A 204 -10.50 42.58 -4.90
N HIS A 205 -10.74 42.50 -6.21
CA HIS A 205 -12.07 42.24 -6.75
C HIS A 205 -12.19 40.79 -7.24
N VAL A 206 -12.85 39.96 -6.42
CA VAL A 206 -13.13 38.58 -6.77
C VAL A 206 -14.62 38.33 -6.53
N PRO A 207 -15.40 38.11 -7.61
CA PRO A 207 -16.85 37.95 -7.50
C PRO A 207 -17.22 36.72 -6.66
N ASP A 208 -18.15 36.92 -5.73
CA ASP A 208 -18.63 35.85 -4.85
C ASP A 208 -17.49 35.05 -4.22
N HIS A 209 -16.52 35.75 -3.67
CA HIS A 209 -15.32 35.13 -3.10
C HIS A 209 -15.62 34.23 -1.89
N GLY A 210 -16.60 34.63 -1.09
CA GLY A 210 -17.00 33.88 0.09
C GLY A 210 -15.94 33.84 1.18
N LEU A 211 -14.99 34.76 1.12
CA LEU A 211 -13.91 34.81 2.10
C LEU A 211 -14.26 35.78 3.24
N PHE A 212 -13.71 35.50 4.42
CA PHE A 212 -13.88 36.37 5.58
C PHE A 212 -12.52 36.94 5.99
N VAL A 213 -12.53 37.92 6.89
CA VAL A 213 -11.31 38.47 7.46
C VAL A 213 -10.47 37.35 8.08
N GLY A 214 -9.19 37.30 7.71
CA GLY A 214 -8.27 36.31 8.27
C GLY A 214 -8.07 35.08 7.39
N ASP A 215 -8.92 34.92 6.38
CA ASP A 215 -8.82 33.78 5.46
C ASP A 215 -7.62 33.90 4.54
N PHE A 216 -7.05 32.75 4.15
CA PHE A 216 -5.85 32.68 3.34
C PHE A 216 -6.09 33.15 1.91
N VAL A 217 -5.15 33.94 1.39
CA VAL A 217 -5.10 34.33 -0.02
C VAL A 217 -3.66 34.39 -0.52
N ASN A 218 -3.42 33.76 -1.68
CA ASN A 218 -2.11 33.74 -2.31
C ASN A 218 -2.13 34.49 -3.63
N PHE A 219 -1.11 35.32 -3.86
CA PHE A 219 -1.05 36.12 -5.08
C PHE A 219 0.20 35.86 -5.90
N SER A 220 0.02 35.76 -7.22
CA SER A 220 1.12 35.57 -8.14
C SER A 220 0.92 36.41 -9.40
N ASN A 221 2.00 37.07 -9.84
CA ASN A 221 1.99 37.90 -11.07
C ASN A 221 0.95 39.01 -11.04
N SER A 222 0.75 39.62 -9.87
CA SER A 222 -0.34 40.59 -9.68
C SER A 222 -0.13 41.91 -10.42
N ALA A 223 1.14 42.21 -10.74
CA ALA A 223 1.55 43.49 -11.36
C ALA A 223 1.28 44.71 -10.47
N VAL A 224 0.85 44.45 -9.23
CA VAL A 224 0.60 45.49 -8.23
C VAL A 224 1.54 45.25 -7.05
N THR A 225 2.53 46.13 -6.91
CA THR A 225 3.58 45.99 -5.89
C THR A 225 3.00 45.77 -4.49
N GLY A 226 3.52 44.76 -3.80
CA GLY A 226 3.09 44.44 -2.44
C GLY A 226 2.05 43.33 -2.37
N VAL A 227 1.24 43.20 -3.41
CA VAL A 227 0.26 42.12 -3.51
C VAL A 227 0.98 40.89 -4.04
N SER A 228 1.55 40.10 -3.13
CA SER A 228 2.45 39.00 -3.50
C SER A 228 2.53 37.90 -2.45
N GLY A 229 2.51 36.65 -2.91
CA GLY A 229 2.69 35.49 -2.04
C GLY A 229 1.55 35.23 -1.08
N ASP A 230 1.85 34.52 0.00
CA ASP A 230 0.86 34.18 1.03
C ASP A 230 0.43 35.43 1.80
N MET A 231 -0.86 35.74 1.72
CA MET A 231 -1.44 36.86 2.47
C MET A 231 -2.73 36.41 3.16
N THR A 232 -3.35 37.34 3.88
CA THR A 232 -4.66 37.11 4.49
C THR A 232 -5.59 38.28 4.17
N VAL A 233 -6.89 38.01 4.20
CA VAL A 233 -7.91 39.04 4.00
C VAL A 233 -7.93 39.98 5.21
N ALA A 234 -7.74 41.27 4.96
CA ALA A 234 -7.73 42.28 6.03
C ALA A 234 -9.14 42.77 6.36
N THR A 235 -9.91 43.11 5.33
CA THR A 235 -11.29 43.51 5.49
C THR A 235 -12.14 43.01 4.33
N VAL A 236 -13.45 42.90 4.58
CA VAL A 236 -14.41 42.55 3.53
C VAL A 236 -15.33 43.74 3.28
N ILE A 237 -15.27 44.31 2.08
CA ILE A 237 -16.11 45.45 1.69
C ILE A 237 -17.54 44.99 1.41
N ASP A 238 -17.67 44.01 0.53
CA ASP A 238 -18.95 43.39 0.19
C ASP A 238 -18.72 41.95 -0.29
N LYS A 239 -19.70 41.37 -0.96
CA LYS A 239 -19.61 39.98 -1.44
C LYS A 239 -18.62 39.78 -2.60
N ASP A 240 -18.24 40.87 -3.26
CA ASP A 240 -17.39 40.80 -4.45
C ASP A 240 -16.02 41.46 -4.29
N ASN A 241 -15.80 42.13 -3.17
CA ASN A 241 -14.57 42.88 -2.93
C ASN A 241 -14.03 42.72 -1.52
N PHE A 242 -12.71 42.60 -1.41
CA PHE A 242 -12.02 42.56 -0.12
C PHE A 242 -10.67 43.26 -0.22
N THR A 243 -10.07 43.58 0.92
CA THR A 243 -8.75 44.23 0.94
C THR A 243 -7.68 43.38 1.60
N VAL A 244 -6.45 43.54 1.13
CA VAL A 244 -5.27 42.97 1.77
C VAL A 244 -4.29 44.07 2.16
N LEU A 245 -3.57 43.86 3.26
CA LEU A 245 -2.55 44.80 3.71
C LEU A 245 -1.18 44.40 3.18
N THR A 246 -0.61 45.23 2.30
CA THR A 246 0.72 45.00 1.74
C THR A 246 1.81 45.54 2.68
N PRO A 247 3.07 45.11 2.50
CA PRO A 247 4.13 45.64 3.36
C PRO A 247 4.87 46.86 2.77
N ASN A 248 4.26 47.51 1.77
CA ASN A 248 4.85 48.70 1.12
C ASN A 248 3.82 49.64 0.50
N GLN A 249 4.28 50.80 0.05
CA GLN A 249 3.41 51.80 -0.59
C GLN A 249 4.13 52.55 -1.71
N GLN A 250 3.36 53.09 -2.65
CA GLN A 250 3.92 53.76 -3.82
C GLN A 250 3.43 55.20 -3.97
N THR A 251 4.19 56.01 -4.70
CA THR A 251 3.87 57.44 -4.87
C THR A 251 2.73 57.67 -5.86
N SER A 252 2.54 56.72 -6.79
CA SER A 252 1.46 56.78 -7.76
C SER A 252 0.46 55.65 -7.55
N ASP A 253 -0.77 55.86 -8.03
CA ASP A 253 -1.83 54.86 -7.95
C ASP A 253 -1.49 53.63 -8.79
N LEU A 254 -1.99 52.47 -8.38
CA LEU A 254 -1.74 51.21 -9.07
C LEU A 254 -3.04 50.51 -9.48
N ASN A 255 -3.03 49.93 -10.67
CA ASN A 255 -4.18 49.21 -11.20
C ASN A 255 -3.74 48.24 -12.30
N ASN A 256 -4.05 46.95 -12.10
CA ASN A 256 -3.63 45.91 -13.04
C ASN A 256 -4.68 45.54 -14.08
N ALA A 257 -5.60 46.46 -14.34
CA ALA A 257 -6.63 46.26 -15.37
C ALA A 257 -5.99 45.84 -16.69
N GLY A 258 -6.49 44.75 -17.26
CA GLY A 258 -5.96 44.21 -18.51
C GLY A 258 -4.78 43.27 -18.37
N LYS A 259 -4.35 43.03 -17.13
CA LYS A 259 -3.20 42.15 -16.88
C LYS A 259 -3.61 40.86 -16.16
N ASN A 260 -3.01 39.74 -16.58
CA ASN A 260 -3.32 38.42 -16.04
C ASN A 260 -2.54 38.08 -14.77
N TRP A 261 -3.26 37.57 -13.77
CA TRP A 261 -2.67 37.23 -12.46
C TRP A 261 -3.35 36.02 -11.80
N HIS A 262 -2.86 35.61 -10.63
CA HIS A 262 -3.32 34.37 -9.99
C HIS A 262 -3.68 34.49 -8.49
N MET A 263 -4.72 33.76 -8.10
CA MET A 263 -5.15 33.58 -6.70
C MET A 263 -5.69 32.14 -6.61
N GLY A 264 -5.67 31.46 -5.46
CA GLY A 264 -5.05 31.90 -4.22
C GLY A 264 -5.74 31.53 -2.91
N THR A 265 -6.69 30.58 -2.91
CA THR A 265 -7.40 30.25 -1.64
C THR A 265 -7.02 28.90 -1.04
N SER A 266 -7.26 28.74 0.27
CA SER A 266 -6.88 27.52 0.98
C SER A 266 -7.82 27.13 2.13
N PHE A 267 -8.40 25.94 1.99
CA PHE A 267 -9.18 25.31 3.05
C PHE A 267 -8.30 25.04 4.27
N HIS A 268 -7.14 24.42 4.04
CA HIS A 268 -6.25 24.02 5.12
CA HIS A 268 -6.20 24.02 5.11
C HIS A 268 -5.63 25.20 5.89
N LYS A 269 -5.30 26.28 5.18
CA LYS A 269 -4.65 27.45 5.80
C LYS A 269 -5.62 28.50 6.36
N SER A 270 -6.93 28.25 6.24
CA SER A 270 -7.93 29.14 6.82
C SER A 270 -8.62 28.46 7.99
N PRO A 271 -8.99 29.23 9.03
CA PRO A 271 -9.68 28.61 10.17
C PRO A 271 -11.15 28.36 9.87
N TRP A 272 -11.78 27.52 10.69
CA TRP A 272 -13.23 27.36 10.68
C TRP A 272 -13.87 28.60 11.29
N ARG A 273 -14.96 29.06 10.70
CA ARG A 273 -15.88 29.92 11.42
C ARG A 273 -16.88 29.00 12.14
N LYS A 274 -16.96 29.14 13.46
CA LYS A 274 -17.83 28.30 14.26
C LYS A 274 -18.93 29.13 14.89
N THR A 275 -20.18 28.84 14.49
CA THR A 275 -21.35 29.51 15.06
C THR A 275 -22.10 28.53 15.96
N ASP A 276 -22.05 28.80 17.26
CA ASP A 276 -22.74 28.00 18.26
C ASP A 276 -24.24 28.25 18.20
N LEU A 277 -25.01 27.19 17.94
CA LEU A 277 -26.47 27.30 17.88
C LEU A 277 -27.13 26.75 19.15
N GLY A 278 -26.30 26.34 20.10
CA GLY A 278 -26.75 25.74 21.35
C GLY A 278 -27.39 24.38 21.13
N LEU A 279 -28.18 23.93 22.09
CA LEU A 279 -28.99 22.74 21.91
C LEU A 279 -30.31 23.13 21.27
N ILE A 280 -30.37 23.05 19.94
CA ILE A 280 -31.58 23.39 19.19
C ILE A 280 -32.73 22.50 19.70
N PRO A 281 -33.87 23.13 20.06
CA PRO A 281 -34.98 22.39 20.65
C PRO A 281 -35.64 21.46 19.64
N SER A 282 -36.12 20.32 20.13
CA SER A 282 -36.85 19.35 19.32
C SER A 282 -36.06 18.91 18.09
N VAL A 283 -34.81 18.49 18.34
CA VAL A 283 -33.92 18.00 17.29
C VAL A 283 -33.19 16.75 17.76
N THR A 284 -33.30 15.67 16.99
CA THR A 284 -32.56 14.43 17.23
C THR A 284 -31.31 14.36 16.35
N GLU A 285 -31.49 14.57 15.04
CA GLU A 285 -30.39 14.60 14.08
C GLU A 285 -30.60 15.69 13.02
N VAL A 286 -29.52 16.37 12.65
CA VAL A 286 -29.51 17.21 11.46
C VAL A 286 -28.90 16.37 10.34
N HIS A 287 -29.53 16.38 9.17
CA HIS A 287 -29.19 15.44 8.09
C HIS A 287 -29.54 16.01 6.73
N SER A 288 -28.57 15.98 5.81
CA SER A 288 -28.73 16.41 4.40
C SER A 288 -28.59 17.93 4.22
N PHE A 289 -28.26 18.32 2.99
CA PHE A 289 -27.89 19.70 2.68
C PHE A 289 -28.39 20.06 1.29
N ALA A 290 -29.13 21.17 1.20
CA ALA A 290 -29.57 21.69 -0.09
C ALA A 290 -29.20 23.15 -0.24
N THR A 291 -28.25 23.43 -1.13
CA THR A 291 -27.89 24.79 -1.48
C THR A 291 -29.10 25.46 -2.16
N ILE A 292 -29.50 26.61 -1.65
CA ILE A 292 -30.64 27.35 -2.19
C ILE A 292 -30.18 28.40 -3.20
N ASP A 293 -29.25 29.25 -2.78
CA ASP A 293 -28.72 30.32 -3.65
C ASP A 293 -27.34 30.80 -3.23
N ASN A 294 -27.00 32.02 -3.63
CA ASN A 294 -25.71 32.64 -3.29
C ASN A 294 -25.58 33.06 -1.83
N ASN A 295 -26.70 33.05 -1.09
CA ASN A 295 -26.74 33.51 0.29
C ASN A 295 -26.93 32.41 1.34
N GLY A 296 -27.61 31.33 0.96
CA GLY A 296 -27.96 30.32 1.94
C GLY A 296 -28.34 28.94 1.45
N PHE A 297 -28.87 28.15 2.38
CA PHE A 297 -29.10 26.73 2.16
C PHE A 297 -30.08 26.19 3.20
N ALA A 298 -30.54 24.97 2.98
CA ALA A 298 -31.35 24.28 3.97
C ALA A 298 -30.66 23.00 4.42
N MET A 299 -30.97 22.59 5.65
CA MET A 299 -30.46 21.35 6.24
C MET A 299 -31.65 20.57 6.79
N GLY A 300 -31.70 19.27 6.51
CA GLY A 300 -32.81 18.43 6.98
C GLY A 300 -32.67 18.13 8.46
N TYR A 301 -33.78 17.77 9.09
CA TYR A 301 -33.77 17.35 10.50
C TYR A 301 -34.95 16.44 10.80
N HIS A 302 -34.84 15.73 11.92
CA HIS A 302 -35.99 15.05 12.50
C HIS A 302 -35.85 15.05 14.01
N GLN A 303 -36.98 14.84 14.68
CA GLN A 303 -37.01 14.67 16.12
C GLN A 303 -37.76 13.37 16.39
N GLY A 304 -37.09 12.41 17.04
CA GLY A 304 -37.69 11.09 17.27
C GLY A 304 -37.44 10.48 18.63
N ASP A 305 -37.20 11.30 19.63
CA ASP A 305 -37.01 10.81 21.01
C ASP A 305 -38.28 10.96 21.86
N VAL A 306 -39.08 11.98 21.55
CA VAL A 306 -40.37 12.19 22.23
C VAL A 306 -41.53 12.37 21.24
N ALA A 307 -42.74 12.10 21.71
CA ALA A 307 -43.95 12.30 20.91
C ALA A 307 -44.46 13.73 21.05
N PRO A 308 -44.95 14.33 19.93
CA PRO A 308 -44.99 13.75 18.60
C PRO A 308 -43.70 13.93 17.82
N ARG A 309 -43.50 13.08 16.82
CA ARG A 309 -42.33 13.13 15.96
C ARG A 309 -42.38 14.34 15.02
N GLU A 310 -41.21 14.91 14.73
CA GLU A 310 -41.07 16.00 13.76
C GLU A 310 -40.11 15.61 12.63
N VAL A 311 -40.46 16.00 11.40
CA VAL A 311 -39.57 15.86 10.24
C VAL A 311 -39.70 17.09 9.36
N GLY A 312 -38.57 17.67 8.99
CA GLY A 312 -38.56 18.80 8.08
C GLY A 312 -37.16 19.31 7.76
N LEU A 313 -37.03 20.63 7.72
CA LEU A 313 -35.76 21.26 7.40
C LEU A 313 -35.56 22.55 8.20
N PHE A 314 -34.29 22.97 8.29
CA PHE A 314 -33.94 24.31 8.77
C PHE A 314 -33.38 25.08 7.58
N TYR A 315 -33.99 26.23 7.28
CA TYR A 315 -33.51 27.10 6.21
C TYR A 315 -32.74 28.28 6.81
N PHE A 316 -31.49 28.41 6.38
CA PHE A 316 -30.60 29.52 6.73
C PHE A 316 -30.57 30.47 5.54
N PRO A 317 -31.45 31.49 5.52
CA PRO A 317 -31.57 32.35 4.33
C PRO A 317 -30.31 33.18 4.00
N ASP A 318 -29.58 33.61 5.03
CA ASP A 318 -28.33 34.35 4.84
C ASP A 318 -27.28 33.82 5.79
N ALA A 319 -26.60 32.73 5.38
CA ALA A 319 -25.61 32.06 6.22
C ALA A 319 -24.33 32.86 6.40
N PHE A 320 -24.07 33.77 5.47
CA PHE A 320 -22.87 34.59 5.48
C PHE A 320 -22.93 35.72 6.51
N ASN A 321 -23.98 36.53 6.44
CA ASN A 321 -24.17 37.62 7.41
C ASN A 321 -24.75 37.13 8.74
N SER A 322 -25.71 36.21 8.67
CA SER A 322 -26.42 35.75 9.87
C SER A 322 -26.44 34.21 9.96
N PRO A 323 -25.30 33.59 10.33
CA PRO A 323 -25.23 32.13 10.45
C PRO A 323 -26.09 31.54 11.57
N SER A 324 -26.48 32.35 12.54
CA SER A 324 -27.32 31.89 13.64
C SER A 324 -28.81 32.00 13.34
N ASN A 325 -29.16 32.63 12.22
CA ASN A 325 -30.55 32.83 11.84
CA ASN A 325 -30.55 32.83 11.83
C ASN A 325 -31.09 31.72 10.94
N TYR A 326 -32.01 30.93 11.46
CA TYR A 326 -32.63 29.84 10.71
C TYR A 326 -34.13 29.73 10.98
N VAL A 327 -34.88 29.20 10.02
CA VAL A 327 -36.32 28.98 10.16
C VAL A 327 -36.67 27.49 10.02
N ARG A 328 -37.50 27.01 10.94
CA ARG A 328 -37.94 25.60 10.98
C ARG A 328 -39.17 25.37 10.10
N ARG A 329 -39.07 24.42 9.17
CA ARG A 329 -40.17 24.08 8.27
C ARG A 329 -40.45 22.58 8.32
N GLN A 330 -41.64 22.20 8.79
CA GLN A 330 -42.00 20.79 8.88
C GLN A 330 -42.76 20.32 7.64
N ILE A 331 -42.65 19.03 7.32
CA ILE A 331 -43.49 18.41 6.29
C ILE A 331 -44.90 18.23 6.87
N PRO A 332 -45.91 17.96 6.01
CA PRO A 332 -47.28 17.79 6.53
C PRO A 332 -47.37 16.75 7.65
N SER A 333 -48.22 17.01 8.63
CA SER A 333 -48.31 16.21 9.85
C SER A 333 -48.55 14.72 9.65
N GLU A 334 -49.30 14.35 8.62
CA GLU A 334 -49.62 12.93 8.37
C GLU A 334 -48.40 12.12 7.92
N TYR A 335 -47.34 12.81 7.50
CA TYR A 335 -46.13 12.16 7.00
C TYR A 335 -44.99 12.12 8.02
N GLU A 336 -45.20 12.72 9.19
CA GLU A 336 -44.17 12.78 10.22
C GLU A 336 -44.05 11.52 11.10
N PRO A 337 -45.17 10.85 11.43
CA PRO A 337 -45.00 9.65 12.25
C PRO A 337 -44.17 8.58 11.55
N ASP A 338 -43.34 7.87 12.32
CA ASP A 338 -42.54 6.76 11.83
C ASP A 338 -41.57 7.16 10.69
N ALA A 339 -41.03 8.37 10.78
CA ALA A 339 -40.15 8.90 9.74
C ALA A 339 -38.94 9.63 10.32
N SER A 340 -37.83 9.63 9.58
CA SER A 340 -36.61 10.28 10.03
C SER A 340 -35.74 10.72 8.86
N GLU A 341 -34.61 11.35 9.20
CA GLU A 341 -33.47 11.57 8.28
C GLU A 341 -33.86 11.91 6.84
N PRO A 342 -34.46 13.09 6.65
CA PRO A 342 -34.86 13.49 5.29
C PRO A 342 -33.67 13.87 4.43
N CYS A 343 -33.69 13.44 3.17
CA CYS A 343 -32.77 13.93 2.16
C CYS A 343 -33.45 15.05 1.41
N ILE A 344 -32.75 16.18 1.27
CA ILE A 344 -33.29 17.35 0.58
C ILE A 344 -32.37 17.84 -0.52
N LYS A 345 -32.96 18.18 -1.66
CA LYS A 345 -32.24 18.84 -2.76
C LYS A 345 -33.13 19.89 -3.42
N TYR A 346 -32.50 20.86 -4.07
CA TYR A 346 -33.19 22.01 -4.64
C TYR A 346 -32.86 22.13 -6.12
N TYR A 347 -33.88 22.06 -6.97
CA TYR A 347 -33.73 22.17 -8.42
C TYR A 347 -34.79 23.07 -9.04
N ASP A 348 -34.36 24.10 -9.77
CA ASP A 348 -35.25 24.97 -10.56
C ASP A 348 -36.43 25.51 -9.75
N GLY A 349 -36.14 26.02 -8.56
CA GLY A 349 -37.14 26.66 -7.71
C GLY A 349 -37.95 25.71 -6.85
N VAL A 350 -37.71 24.41 -6.96
CA VAL A 350 -38.46 23.46 -6.14
C VAL A 350 -37.57 22.62 -5.22
N LEU A 351 -37.97 22.59 -3.96
CA LEU A 351 -37.27 21.83 -2.93
CA LEU A 351 -37.26 21.80 -2.95
C LEU A 351 -37.92 20.44 -2.79
N TYR A 352 -37.12 19.39 -2.96
CA TYR A 352 -37.59 18.01 -2.86
C TYR A 352 -37.08 17.40 -1.56
N LEU A 353 -37.93 16.61 -0.92
CA LEU A 353 -37.59 15.96 0.34
C LEU A 353 -38.10 14.52 0.36
N ILE A 354 -37.24 13.59 0.76
CA ILE A 354 -37.61 12.17 0.90
C ILE A 354 -37.23 11.68 2.28
N THR A 355 -38.20 11.08 2.98
CA THR A 355 -37.98 10.58 4.34
C THR A 355 -37.51 9.13 4.38
N ARG A 356 -36.95 8.74 5.52
CA ARG A 356 -36.64 7.36 5.86
C ARG A 356 -37.76 6.84 6.75
N GLY A 357 -38.25 5.64 6.47
CA GLY A 357 -39.23 4.99 7.34
C GLY A 357 -38.55 4.29 8.51
N THR A 358 -39.22 4.29 9.66
CA THR A 358 -38.66 3.67 10.88
C THR A 358 -38.98 2.17 11.00
N ARG A 359 -40.10 1.75 10.42
CA ARG A 359 -40.67 0.43 10.67
C ARG A 359 -41.36 -0.16 9.44
N GLY A 360 -41.16 -1.47 9.21
CA GLY A 360 -41.78 -2.15 8.08
C GLY A 360 -43.27 -2.42 8.21
N ASP A 361 -43.81 -2.27 9.43
CA ASP A 361 -45.24 -2.51 9.68
C ASP A 361 -46.07 -1.22 9.70
N ARG A 362 -45.42 -0.10 9.38
CA ARG A 362 -46.07 1.21 9.29
C ARG A 362 -45.69 1.92 8.00
N LEU A 363 -46.52 2.88 7.58
CA LEU A 363 -46.21 3.67 6.38
C LEU A 363 -44.80 4.26 6.47
N GLY A 364 -44.05 4.14 5.38
CA GLY A 364 -42.65 4.50 5.40
C GLY A 364 -42.32 5.73 4.57
N SER A 365 -41.21 5.63 3.84
CA SER A 365 -40.68 6.73 3.03
C SER A 365 -41.76 7.44 2.22
N SER A 366 -41.72 8.77 2.28
CA SER A 366 -42.60 9.62 1.48
C SER A 366 -41.79 10.70 0.77
N LEU A 367 -42.33 11.20 -0.34
CA LEU A 367 -41.68 12.20 -1.16
C LEU A 367 -42.48 13.51 -1.15
N HIS A 368 -41.77 14.63 -1.04
CA HIS A 368 -42.40 15.94 -0.92
C HIS A 368 -41.73 16.98 -1.82
N ARG A 369 -42.52 17.92 -2.34
CA ARG A 369 -41.99 19.04 -3.09
C ARG A 369 -42.63 20.36 -2.67
N SER A 370 -41.84 21.43 -2.72
CA SER A 370 -42.27 22.75 -2.28
C SER A 370 -41.68 23.84 -3.17
N ARG A 371 -42.50 24.84 -3.49
CA ARG A 371 -42.05 26.00 -4.25
C ARG A 371 -41.83 27.23 -3.38
N ASP A 372 -41.93 27.04 -2.06
CA ASP A 372 -41.72 28.14 -1.10
C ASP A 372 -40.82 27.73 0.07
N ILE A 373 -39.82 26.89 -0.22
CA ILE A 373 -38.83 26.42 0.74
C ILE A 373 -39.48 25.83 2.01
N GLY A 374 -40.41 24.90 1.80
CA GLY A 374 -41.00 24.13 2.88
C GLY A 374 -42.14 24.76 3.66
N GLN A 375 -42.66 25.88 3.19
CA GLN A 375 -43.85 26.49 3.83
C GLN A 375 -45.10 25.71 3.46
N THR A 376 -45.20 25.31 2.18
CA THR A 376 -46.29 24.46 1.70
C THR A 376 -45.72 23.29 0.89
N TRP A 377 -46.43 22.17 0.86
CA TRP A 377 -45.93 20.95 0.23
C TRP A 377 -46.96 20.21 -0.64
N GLU A 378 -46.44 19.54 -1.67
CA GLU A 378 -47.18 18.50 -2.38
CA GLU A 378 -47.18 18.50 -2.36
C GLU A 378 -46.52 17.17 -2.00
N SER A 379 -47.32 16.15 -1.75
CA SER A 379 -46.78 14.90 -1.18
C SER A 379 -47.23 13.61 -1.86
N LEU A 380 -46.42 12.57 -1.68
CA LEU A 380 -46.80 11.20 -2.03
C LEU A 380 -46.08 10.18 -1.14
N ARG A 381 -46.66 8.99 -1.04
CA ARG A 381 -46.07 7.91 -0.25
C ARG A 381 -45.59 6.80 -1.18
N PHE A 382 -44.38 6.31 -0.94
CA PHE A 382 -43.88 5.15 -1.66
C PHE A 382 -44.65 3.92 -1.18
N PRO A 383 -45.08 3.06 -2.12
CA PRO A 383 -45.81 1.85 -1.76
C PRO A 383 -44.99 0.95 -0.85
N HIS A 384 -45.67 0.17 -0.02
CA HIS A 384 -45.08 -0.94 0.72
C HIS A 384 -44.05 -0.59 1.81
N ASN A 385 -44.31 0.49 2.55
CA ASN A 385 -43.61 0.77 3.80
C ASN A 385 -42.07 0.72 3.71
N VAL A 386 -41.50 1.50 2.78
CA VAL A 386 -40.05 1.57 2.64
C VAL A 386 -39.43 2.05 3.95
N HIS A 387 -38.47 1.29 4.47
CA HIS A 387 -37.94 1.53 5.82
C HIS A 387 -36.46 1.21 5.99
N HIS A 388 -35.87 1.76 7.04
CA HIS A 388 -34.47 1.51 7.45
C HIS A 388 -33.40 2.14 6.55
N THR A 389 -33.82 2.64 5.40
CA THR A 389 -32.90 3.28 4.47
C THR A 389 -33.24 4.75 4.25
N THR A 390 -32.21 5.58 4.12
CA THR A 390 -32.40 6.90 3.54
C THR A 390 -32.47 6.73 2.03
N LEU A 391 -33.05 7.72 1.36
CA LEU A 391 -33.17 7.69 -0.08
C LEU A 391 -32.55 8.93 -0.72
N PRO A 392 -31.20 9.05 -0.64
CA PRO A 392 -30.50 10.13 -1.34
C PRO A 392 -30.77 10.07 -2.83
N PHE A 393 -30.79 11.24 -3.47
CA PHE A 393 -31.27 11.35 -4.84
C PHE A 393 -30.72 12.56 -5.55
N ALA A 394 -30.86 12.56 -6.86
CA ALA A 394 -30.62 13.74 -7.69
C ALA A 394 -31.73 13.82 -8.72
N LYS A 395 -31.85 14.99 -9.36
CA LYS A 395 -32.78 15.18 -10.45
C LYS A 395 -32.03 15.27 -11.76
N VAL A 396 -32.36 14.38 -12.68
CA VAL A 396 -31.78 14.33 -14.01
C VAL A 396 -32.94 14.37 -15.00
N GLY A 397 -33.08 15.49 -15.70
CA GLY A 397 -34.25 15.70 -16.57
C GLY A 397 -35.51 15.70 -15.73
N ASP A 398 -36.52 14.96 -16.18
CA ASP A 398 -37.82 14.90 -15.51
C ASP A 398 -37.86 13.90 -14.35
N ASP A 399 -36.77 13.14 -14.18
CA ASP A 399 -36.73 12.07 -13.19
C ASP A 399 -35.93 12.40 -11.94
N LEU A 400 -36.47 12.03 -10.79
CA LEU A 400 -35.66 11.87 -9.59
C LEU A 400 -35.05 10.48 -9.66
N ILE A 401 -33.75 10.40 -9.40
CA ILE A 401 -33.06 9.11 -9.38
C ILE A 401 -32.56 8.91 -7.97
N MET A 402 -33.13 7.91 -7.29
CA MET A 402 -32.89 7.68 -5.87
C MET A 402 -32.29 6.30 -5.62
N PHE A 403 -31.52 6.20 -4.56
CA PHE A 403 -30.83 4.97 -4.20
C PHE A 403 -31.15 4.63 -2.75
N GLY A 404 -31.30 3.34 -2.47
CA GLY A 404 -31.50 2.86 -1.12
C GLY A 404 -30.90 1.48 -0.94
N SER A 405 -30.62 1.11 0.32
CA SER A 405 -30.06 -0.19 0.63
C SER A 405 -30.72 -0.75 1.87
N GLU A 406 -31.21 -1.99 1.80
CA GLU A 406 -31.62 -2.67 3.03
C GLU A 406 -30.35 -2.91 3.85
N ARG A 407 -30.49 -2.98 5.17
CA ARG A 407 -29.33 -3.02 6.06
C ARG A 407 -28.82 -4.44 6.27
N ALA A 408 -29.72 -5.40 6.08
CA ALA A 408 -29.40 -6.82 6.07
C ALA A 408 -30.36 -7.49 5.09
N GLU A 409 -30.04 -8.71 4.65
CA GLU A 409 -30.81 -9.36 3.58
C GLU A 409 -32.28 -9.57 3.96
N ASN A 410 -33.16 -9.26 2.99
CA ASN A 410 -34.60 -9.53 3.08
C ASN A 410 -35.38 -8.67 4.09
N GLU A 411 -34.87 -7.47 4.35
CA GLU A 411 -35.51 -6.51 5.24
C GLU A 411 -36.34 -5.45 4.51
N TRP A 412 -36.16 -5.35 3.19
CA TRP A 412 -36.75 -4.27 2.38
C TRP A 412 -38.27 -4.23 2.36
N GLU A 413 -38.90 -5.39 2.19
CA GLU A 413 -40.34 -5.47 1.96
C GLU A 413 -41.17 -5.04 3.17
N ALA A 414 -42.39 -4.56 2.91
CA ALA A 414 -43.35 -4.27 3.97
C ALA A 414 -43.61 -5.53 4.79
N GLY A 415 -43.61 -5.38 6.11
CA GLY A 415 -43.91 -6.48 7.03
C GLY A 415 -42.73 -7.40 7.29
N ALA A 416 -41.61 -7.18 6.58
CA ALA A 416 -40.42 -8.00 6.74
C ALA A 416 -39.74 -7.67 8.07
N PRO A 417 -39.44 -8.71 8.87
CA PRO A 417 -38.79 -8.49 10.16
C PRO A 417 -37.30 -8.19 9.99
N ASP A 418 -36.72 -7.49 10.96
CA ASP A 418 -35.27 -7.34 11.00
C ASP A 418 -34.64 -8.72 11.10
N ASP A 419 -33.52 -8.92 10.39
CA ASP A 419 -32.84 -10.20 10.36
C ASP A 419 -31.35 -9.95 10.61
N ARG A 420 -30.98 -9.89 11.88
CA ARG A 420 -29.62 -9.55 12.28
C ARG A 420 -28.96 -10.73 12.98
N TYR A 421 -27.68 -10.57 13.33
CA TYR A 421 -26.92 -11.57 14.07
C TYR A 421 -26.58 -12.81 13.25
N LYS A 422 -26.68 -12.69 11.93
CA LYS A 422 -26.18 -13.71 11.01
C LYS A 422 -25.75 -13.02 9.72
N ALA A 423 -24.71 -13.54 9.10
CA ALA A 423 -24.20 -12.96 7.86
C ALA A 423 -25.22 -13.10 6.75
N SER A 424 -25.36 -12.04 5.95
CA SER A 424 -26.23 -12.07 4.79
C SER A 424 -25.77 -11.11 3.69
N TYR A 425 -26.53 -11.07 2.60
CA TYR A 425 -26.18 -10.28 1.41
C TYR A 425 -27.30 -9.29 1.09
N PRO A 426 -27.34 -8.15 1.82
CA PRO A 426 -28.39 -7.14 1.59
C PRO A 426 -28.38 -6.56 0.18
N ARG A 427 -29.59 -6.32 -0.35
CA ARG A 427 -29.80 -5.78 -1.68
C ARG A 427 -29.76 -4.26 -1.68
N THR A 428 -29.10 -3.69 -2.69
CA THR A 428 -29.13 -2.25 -2.92
C THR A 428 -29.93 -1.95 -4.18
N PHE A 429 -30.82 -0.96 -4.10
CA PHE A 429 -31.72 -0.62 -5.19
C PHE A 429 -31.54 0.81 -5.66
N TYR A 430 -31.97 1.07 -6.90
CA TYR A 430 -32.26 2.43 -7.33
C TYR A 430 -33.64 2.48 -7.98
N ALA A 431 -34.22 3.68 -8.06
CA ALA A 431 -35.48 3.86 -8.77
C ALA A 431 -35.55 5.26 -9.37
N ARG A 432 -36.32 5.38 -10.45
CA ARG A 432 -36.62 6.65 -11.08
C ARG A 432 -38.06 7.05 -10.77
N LEU A 433 -38.28 8.35 -10.62
CA LEU A 433 -39.63 8.87 -10.45
C LEU A 433 -39.79 10.14 -11.27
N ASN A 434 -40.72 10.12 -12.21
CA ASN A 434 -41.04 11.26 -13.05
C ASN A 434 -41.82 12.30 -12.24
N VAL A 435 -41.29 13.50 -12.13
CA VAL A 435 -41.90 14.55 -11.29
C VAL A 435 -43.18 15.14 -11.89
N ASN A 436 -43.36 15.03 -13.20
CA ASN A 436 -44.58 15.49 -13.84
C ASN A 436 -45.76 14.59 -13.50
N ASN A 437 -45.52 13.29 -13.47
CA ASN A 437 -46.55 12.29 -13.18
C ASN A 437 -46.88 12.21 -11.69
N TRP A 438 -45.90 12.54 -10.86
CA TRP A 438 -46.05 12.58 -9.39
C TRP A 438 -46.89 11.42 -8.84
N ASN A 439 -46.45 10.20 -9.15
CA ASN A 439 -47.15 9.00 -8.73
C ASN A 439 -46.16 7.84 -8.61
N ALA A 440 -45.99 7.34 -7.39
CA ALA A 440 -45.01 6.28 -7.12
C ALA A 440 -45.62 4.88 -7.07
N ASP A 441 -46.93 4.78 -7.34
CA ASP A 441 -47.63 3.49 -7.26
C ASP A 441 -46.97 2.38 -8.09
N ASP A 442 -46.49 2.73 -9.28
CA ASP A 442 -45.87 1.76 -10.18
C ASP A 442 -44.34 1.83 -10.19
N ILE A 443 -43.75 2.37 -9.12
CA ILE A 443 -42.30 2.53 -9.02
C ILE A 443 -41.58 1.18 -9.19
N GLU A 444 -40.47 1.20 -9.91
CA GLU A 444 -39.70 -0.02 -10.15
C GLU A 444 -38.35 0.07 -9.44
N TRP A 445 -38.25 -0.59 -8.28
CA TRP A 445 -36.99 -0.67 -7.55
C TRP A 445 -36.12 -1.73 -8.19
N VAL A 446 -34.95 -1.31 -8.67
CA VAL A 446 -34.04 -2.20 -9.39
C VAL A 446 -32.81 -2.53 -8.55
N ASN A 447 -32.71 -3.80 -8.16
CA ASN A 447 -31.57 -4.32 -7.41
C ASN A 447 -30.36 -4.40 -8.34
N ILE A 448 -29.38 -3.53 -8.10
CA ILE A 448 -28.24 -3.35 -8.99
C ILE A 448 -26.94 -3.94 -8.43
N THR A 449 -26.91 -4.16 -7.12
CA THR A 449 -25.73 -4.67 -6.44
C THR A 449 -26.11 -5.22 -5.07
N ASP A 450 -25.38 -6.24 -4.63
CA ASP A 450 -25.57 -6.80 -3.29
C ASP A 450 -24.32 -6.56 -2.43
N GLN A 451 -24.54 -6.18 -1.18
CA GLN A 451 -23.49 -5.93 -0.20
C GLN A 451 -23.43 -7.09 0.78
N ILE A 452 -22.53 -7.00 1.75
CA ILE A 452 -22.44 -7.99 2.82
C ILE A 452 -22.80 -7.29 4.15
N TYR A 453 -23.64 -7.96 4.95
CA TYR A 453 -23.83 -7.60 6.36
C TYR A 453 -23.16 -8.69 7.19
N GLN A 454 -22.20 -8.30 8.03
CA GLN A 454 -21.32 -9.26 8.72
C GLN A 454 -22.03 -10.13 9.77
N GLY A 455 -22.81 -9.48 10.65
CA GLY A 455 -23.66 -10.20 11.60
C GLY A 455 -23.08 -10.41 12.99
N GLY A 456 -21.87 -9.93 13.22
CA GLY A 456 -21.21 -10.04 14.55
C GLY A 456 -21.82 -9.16 15.62
N ILE A 457 -22.46 -8.08 15.20
CA ILE A 457 -23.23 -7.20 16.08
C ILE A 457 -24.55 -6.88 15.39
N VAL A 458 -25.50 -6.29 16.14
CA VAL A 458 -26.84 -6.03 15.61
C VAL A 458 -26.87 -4.91 14.57
N ASN A 459 -25.97 -3.94 14.74
CA ASN A 459 -25.89 -2.78 13.86
C ASN A 459 -25.32 -3.13 12.51
N SER A 460 -25.72 -2.37 11.49
CA SER A 460 -25.22 -2.54 10.14
C SER A 460 -24.70 -1.21 9.60
N GLY A 461 -23.51 -1.27 9.01
CA GLY A 461 -22.93 -0.12 8.30
C GLY A 461 -23.39 -0.04 6.84
N VAL A 462 -24.16 -1.04 6.41
CA VAL A 462 -24.64 -1.06 5.01
C VAL A 462 -25.55 0.11 4.69
N GLY A 463 -25.29 0.77 3.57
CA GLY A 463 -26.20 1.78 3.03
C GLY A 463 -26.03 3.17 3.62
N VAL A 464 -27.17 3.75 4.03
CA VAL A 464 -27.27 5.14 4.54
C VAL A 464 -26.36 6.19 3.88
N GLY A 465 -26.42 6.21 2.55
CA GLY A 465 -25.44 6.93 1.74
C GLY A 465 -25.76 8.34 1.27
N SER A 466 -25.17 8.69 0.14
CA SER A 466 -25.26 10.05 -0.40
C SER A 466 -25.11 10.00 -1.91
N VAL A 467 -25.73 10.96 -2.61
CA VAL A 467 -25.77 10.92 -4.06
C VAL A 467 -25.30 12.24 -4.68
N VAL A 468 -24.43 12.14 -5.69
CA VAL A 468 -24.07 13.29 -6.53
C VAL A 468 -24.11 12.95 -8.01
N VAL A 469 -24.29 13.98 -8.82
CA VAL A 469 -24.14 13.88 -10.26
C VAL A 469 -22.91 14.69 -10.68
N LYS A 470 -22.05 14.10 -11.49
CA LYS A 470 -20.99 14.82 -12.19
C LYS A 470 -21.03 14.44 -13.65
N ASP A 471 -21.16 15.46 -14.50
CA ASP A 471 -21.28 15.27 -15.95
C ASP A 471 -22.45 14.30 -16.25
N ASN A 472 -22.21 13.25 -17.01
CA ASN A 472 -23.24 12.29 -17.40
CA ASN A 472 -23.30 12.33 -17.35
C ASN A 472 -23.28 11.02 -16.53
N TYR A 473 -22.79 11.14 -15.30
CA TYR A 473 -22.79 10.00 -14.35
C TYR A 473 -23.40 10.38 -13.02
N ILE A 474 -24.12 9.43 -12.42
CA ILE A 474 -24.62 9.59 -11.05
C ILE A 474 -23.82 8.67 -10.13
N TYR A 475 -23.59 9.11 -8.90
CA TYR A 475 -22.73 8.40 -7.96
C TYR A 475 -23.45 8.20 -6.64
N TYR A 476 -23.50 6.95 -6.18
CA TYR A 476 -24.12 6.63 -4.91
C TYR A 476 -23.04 6.10 -3.98
N MET A 477 -22.70 6.91 -2.98
CA MET A 477 -21.65 6.58 -2.01
C MET A 477 -22.31 6.07 -0.74
N PHE A 478 -21.94 4.86 -0.31
CA PHE A 478 -22.67 4.16 0.76
C PHE A 478 -21.81 3.11 1.46
N GLY A 479 -22.30 2.61 2.58
CA GLY A 479 -21.55 1.63 3.36
C GLY A 479 -21.82 0.19 2.96
N GLY A 480 -20.85 -0.67 3.22
CA GLY A 480 -20.99 -2.11 3.04
C GLY A 480 -19.99 -2.80 3.93
N GLU A 481 -20.31 -4.00 4.38
CA GLU A 481 -19.40 -4.74 5.27
C GLU A 481 -18.73 -5.89 4.54
N ASP A 482 -17.96 -6.69 5.26
CA ASP A 482 -17.35 -7.92 4.74
C ASP A 482 -17.55 -9.00 5.79
N HIS A 483 -17.02 -10.21 5.57
CA HIS A 483 -17.24 -11.31 6.52
C HIS A 483 -16.34 -11.31 7.76
N PHE A 484 -15.45 -10.33 7.89
CA PHE A 484 -14.52 -10.28 9.03
C PHE A 484 -15.20 -9.71 10.30
N ASN A 485 -15.39 -10.57 11.31
CA ASN A 485 -15.99 -10.19 12.58
C ASN A 485 -15.14 -9.16 13.34
N PRO A 486 -15.78 -8.12 13.93
CA PRO A 486 -15.03 -7.14 14.73
C PRO A 486 -14.63 -7.66 16.11
N TRP A 487 -15.20 -8.80 16.50
CA TRP A 487 -14.94 -9.46 17.81
C TRP A 487 -15.35 -8.62 19.02
N THR A 488 -16.43 -7.85 18.85
CA THR A 488 -17.08 -7.14 19.96
C THR A 488 -17.56 -8.14 20.99
N TYR A 489 -18.14 -9.23 20.49
CA TYR A 489 -18.42 -10.39 21.31
C TYR A 489 -17.31 -11.38 21.01
N GLY A 490 -16.31 -11.37 21.88
CA GLY A 490 -15.03 -12.01 21.61
C GLY A 490 -13.92 -11.23 22.28
N ASP A 491 -12.74 -11.21 21.66
CA ASP A 491 -11.54 -10.66 22.30
C ASP A 491 -11.36 -9.14 22.16
N ASN A 492 -12.32 -8.48 21.51
CA ASN A 492 -12.21 -7.03 21.27
C ASN A 492 -13.47 -6.25 21.64
N SER A 493 -13.96 -6.46 22.86
CA SER A 493 -15.10 -5.68 23.36
C SER A 493 -14.78 -4.19 23.47
N ALA A 494 -13.49 -3.87 23.64
CA ALA A 494 -13.02 -2.48 23.66
C ALA A 494 -13.13 -1.81 22.29
N LYS A 495 -13.35 -2.63 21.25
CA LYS A 495 -13.58 -2.16 19.87
C LYS A 495 -12.37 -1.42 19.26
N ASP A 496 -11.17 -1.81 19.69
CA ASP A 496 -9.93 -1.24 19.15
C ASP A 496 -9.82 -1.58 17.67
N PRO A 497 -9.83 -0.55 16.79
CA PRO A 497 -9.81 -0.82 15.35
C PRO A 497 -8.56 -1.56 14.89
N PHE A 498 -7.47 -1.45 15.64
CA PHE A 498 -6.16 -1.91 15.17
C PHE A 498 -5.79 -3.34 15.62
N LYS A 499 -6.74 -4.00 16.26
CA LYS A 499 -6.63 -5.43 16.56
C LYS A 499 -7.33 -6.24 15.47
N SER A 500 -6.73 -7.38 15.12
CA SER A 500 -7.27 -8.26 14.08
CA SER A 500 -7.25 -8.26 14.07
C SER A 500 -7.63 -7.47 12.82
N ASP A 501 -8.84 -7.67 12.31
CA ASP A 501 -9.27 -7.00 11.07
C ASP A 501 -10.07 -5.73 11.32
N GLY A 502 -10.04 -5.25 12.55
CA GLY A 502 -10.82 -4.06 12.93
C GLY A 502 -12.29 -4.20 12.60
N HIS A 503 -12.86 -3.13 12.08
CA HIS A 503 -14.30 -3.07 11.82
C HIS A 503 -14.61 -3.20 10.33
N PRO A 504 -15.58 -4.07 9.99
CA PRO A 504 -15.83 -4.49 8.60
C PRO A 504 -16.45 -3.45 7.67
N SER A 505 -17.12 -2.44 8.24
CA SER A 505 -17.78 -1.42 7.42
CA SER A 505 -17.80 -1.40 7.44
C SER A 505 -16.77 -0.53 6.71
N ASP A 506 -16.99 -0.35 5.41
CA ASP A 506 -16.18 0.50 4.56
C ASP A 506 -17.09 1.09 3.48
N LEU A 507 -16.59 2.07 2.75
CA LEU A 507 -17.42 2.75 1.75
C LEU A 507 -17.29 2.17 0.36
N TYR A 508 -18.41 2.23 -0.37
CA TYR A 508 -18.49 1.84 -1.76
C TYR A 508 -19.13 2.98 -2.54
N CYS A 509 -18.98 2.93 -3.86
CA CYS A 509 -19.61 3.91 -4.73
C CYS A 509 -20.11 3.22 -5.99
N TYR A 510 -21.41 3.32 -6.24
CA TYR A 510 -21.97 2.81 -7.48
C TYR A 510 -22.03 3.96 -8.47
N LYS A 511 -21.33 3.78 -9.59
CA LYS A 511 -21.26 4.79 -10.64
C LYS A 511 -22.15 4.35 -11.80
N MET A 512 -23.19 5.14 -12.08
CA MET A 512 -24.18 4.80 -13.11
C MET A 512 -24.27 5.88 -14.19
N LYS A 513 -24.26 5.44 -15.45
CA LYS A 513 -24.40 6.37 -16.57
C LYS A 513 -25.82 6.88 -16.69
N ILE A 514 -25.97 8.20 -16.83
CA ILE A 514 -27.29 8.83 -16.89
C ILE A 514 -27.47 9.74 -18.10
N GLY A 515 -26.44 9.79 -18.95
CA GLY A 515 -26.50 10.55 -20.21
C GLY A 515 -25.40 10.10 -21.15
N PRO A 516 -25.46 10.52 -22.42
CA PRO A 516 -24.48 10.11 -23.42
C PRO A 516 -23.03 10.45 -23.04
N ASP A 517 -22.10 9.56 -23.40
CA ASP A 517 -20.68 9.80 -23.22
C ASP A 517 -20.04 9.94 -24.59
N ASN A 518 -19.82 11.19 -25.00
CA ASN A 518 -19.36 11.51 -26.36
C ASN A 518 -17.84 11.53 -26.50
N ARG A 519 -17.15 10.99 -25.50
CA ARG A 519 -15.70 10.86 -25.52
C ARG A 519 -15.28 9.39 -25.49
N VAL A 520 -14.09 9.11 -26.02
CA VAL A 520 -13.47 7.79 -25.88
C VAL A 520 -13.20 7.55 -24.39
N SER A 521 -13.15 6.28 -24.00
CA SER A 521 -13.07 5.88 -22.59
C SER A 521 -11.84 6.41 -21.86
N ARG A 522 -12.04 6.77 -20.59
CA ARG A 522 -10.95 7.20 -19.70
C ARG A 522 -10.56 6.05 -18.76
N ASP A 523 -11.27 4.92 -18.86
CA ASP A 523 -11.08 3.81 -17.94
C ASP A 523 -9.69 3.20 -18.02
N PHE A 524 -9.14 2.87 -16.85
CA PHE A 524 -7.87 2.16 -16.77
C PHE A 524 -7.95 1.05 -15.73
N ARG A 525 -7.07 0.07 -15.87
CA ARG A 525 -6.84 -0.91 -14.81
CA ARG A 525 -6.85 -0.89 -14.79
C ARG A 525 -5.73 -0.34 -13.93
N TYR A 526 -5.96 -0.34 -12.61
CA TYR A 526 -4.96 0.18 -11.67
C TYR A 526 -3.89 -0.89 -11.43
N GLY A 527 -2.67 -0.60 -11.89
CA GLY A 527 -1.56 -1.54 -11.77
C GLY A 527 -0.37 -1.00 -10.99
N ALA A 528 -0.54 0.18 -10.38
CA ALA A 528 0.53 0.84 -9.63
C ALA A 528 0.66 0.36 -8.19
N VAL A 529 1.84 0.58 -7.62
CA VAL A 529 2.01 0.49 -6.17
C VAL A 529 1.34 1.75 -5.58
N PRO A 530 0.33 1.58 -4.69
CA PRO A 530 -0.26 2.76 -4.07
C PRO A 530 0.80 3.45 -3.21
N ASN A 531 1.11 4.69 -3.53
CA ASN A 531 2.28 5.34 -2.96
C ASN A 531 1.99 6.78 -2.51
N ARG A 532 0.76 7.02 -2.07
CA ARG A 532 0.36 8.31 -1.50
C ARG A 532 0.35 8.29 0.03
N ALA A 533 -0.22 7.23 0.61
CA ALA A 533 -0.36 7.11 2.07
C ALA A 533 1.00 7.05 2.77
N VAL A 534 1.85 6.14 2.34
CA VAL A 534 3.23 6.04 2.82
C VAL A 534 4.14 5.99 1.60
N PRO A 535 4.55 7.18 1.10
CA PRO A 535 5.34 7.24 -0.14
C PRO A 535 6.72 6.62 0.01
N VAL A 536 6.94 5.49 -0.67
CA VAL A 536 8.20 4.75 -0.61
C VAL A 536 8.93 4.78 -1.95
N PHE A 537 10.25 4.98 -1.88
CA PHE A 537 11.12 4.97 -3.04
C PHE A 537 12.36 4.20 -2.67
N PHE A 538 12.75 3.26 -3.54
CA PHE A 538 14.02 2.58 -3.35
C PHE A 538 15.11 3.60 -3.67
N ASP A 539 15.93 3.93 -2.68
CA ASP A 539 17.01 4.89 -2.87
C ASP A 539 18.11 4.32 -3.75
N THR A 540 19.13 5.12 -4.04
CA THR A 540 20.22 4.67 -4.93
C THR A 540 21.05 3.56 -4.29
N ASN A 541 20.88 3.38 -2.98
CA ASN A 541 21.53 2.28 -2.26
C ASN A 541 20.63 1.04 -2.12
N GLY A 542 19.46 1.06 -2.76
CA GLY A 542 18.56 -0.10 -2.73
C GLY A 542 17.70 -0.24 -1.49
N VAL A 543 17.59 0.82 -0.69
CA VAL A 543 16.79 0.79 0.55
C VAL A 543 15.52 1.64 0.46
N ARG A 544 14.40 1.07 0.91
CA ARG A 544 13.11 1.74 0.95
C ARG A 544 13.19 3.04 1.74
N THR A 545 12.77 4.13 1.11
CA THR A 545 12.90 5.47 1.68
C THR A 545 11.57 6.22 1.62
N VAL A 546 11.16 6.73 2.78
CA VAL A 546 9.93 7.51 2.96
C VAL A 546 10.31 8.98 3.24
N PRO A 547 10.10 9.88 2.26
CA PRO A 547 10.49 11.29 2.45
C PRO A 547 9.45 12.18 3.14
N ALA A 548 8.21 11.69 3.25
CA ALA A 548 7.12 12.47 3.86
C ALA A 548 7.25 12.59 5.38
N PRO A 549 6.87 13.77 5.92
CA PRO A 549 6.75 13.86 7.38
C PRO A 549 5.61 12.96 7.86
N MET A 550 5.82 12.26 8.97
CA MET A 550 4.84 11.29 9.50
CA MET A 550 4.78 11.38 9.51
C MET A 550 4.72 11.37 11.02
N GLU A 551 3.55 11.00 11.53
CA GLU A 551 3.31 10.87 12.96
C GLU A 551 2.88 9.44 13.24
N PHE A 552 3.62 8.77 14.11
CA PHE A 552 3.22 7.46 14.62
C PHE A 552 2.75 7.63 16.05
N THR A 553 1.46 7.41 16.30
CA THR A 553 0.89 7.62 17.63
C THR A 553 0.67 6.33 18.41
N GLY A 554 0.63 5.20 17.70
CA GLY A 554 0.54 3.90 18.35
C GLY A 554 1.90 3.47 18.86
N ASP A 555 1.91 2.59 19.86
CA ASP A 555 3.14 2.10 20.46
C ASP A 555 4.06 1.48 19.41
N LEU A 556 5.32 1.91 19.41
CA LEU A 556 6.30 1.44 18.43
C LEU A 556 7.37 0.57 19.06
N GLY A 557 7.69 -0.53 18.38
CA GLY A 557 8.85 -1.34 18.70
C GLY A 557 9.81 -1.20 17.52
N LEU A 558 11.06 -0.86 17.82
CA LEU A 558 12.07 -0.66 16.77
C LEU A 558 13.25 -1.62 16.94
N GLY A 559 13.84 -2.02 15.82
CA GLY A 559 15.05 -2.86 15.84
C GLY A 559 16.29 -2.00 15.97
N HIS A 560 17.31 -2.31 15.16
CA HIS A 560 18.50 -1.45 15.12
C HIS A 560 18.14 -0.10 14.54
N VAL A 561 18.46 0.96 15.29
CA VAL A 561 18.13 2.33 14.90
C VAL A 561 19.37 3.18 14.65
N THR A 562 19.41 3.84 13.50
CA THR A 562 20.40 4.89 13.26
C THR A 562 19.70 6.23 13.10
N ILE A 563 20.13 7.23 13.87
CA ILE A 563 19.59 8.57 13.72
C ILE A 563 20.55 9.34 12.80
N ARG A 564 20.06 9.68 11.62
CA ARG A 564 20.88 10.29 10.57
C ARG A 564 21.07 11.78 10.82
N ALA A 565 22.13 12.36 10.24
CA ALA A 565 22.32 13.81 10.27
C ALA A 565 21.13 14.48 9.58
N SER A 566 20.56 15.49 10.23
CA SER A 566 19.30 16.09 9.76
C SER A 566 19.23 17.59 10.02
N THR A 567 19.95 18.07 11.04
CA THR A 567 19.69 19.39 11.61
C THR A 567 20.89 20.34 11.62
N SER A 568 20.60 21.62 11.38
CA SER A 568 21.59 22.70 11.34
C SER A 568 22.65 22.47 10.26
N SER A 569 22.24 22.62 9.00
CA SER A 569 23.07 22.30 7.83
C SER A 569 23.61 20.87 7.91
N ASN A 570 22.76 19.98 8.42
CA ASN A 570 23.08 18.56 8.63
C ASN A 570 24.33 18.30 9.46
N ILE A 571 24.68 19.22 10.36
CA ILE A 571 25.85 19.02 11.22
C ILE A 571 25.58 17.96 12.30
N ARG A 572 24.32 17.82 12.69
CA ARG A 572 23.99 16.94 13.81
C ARG A 572 22.78 16.05 13.53
N SER A 573 22.78 14.90 14.20
CA SER A 573 21.58 14.09 14.36
C SER A 573 20.87 14.62 15.62
N GLU A 574 19.56 14.50 15.65
CA GLU A 574 18.79 15.10 16.75
C GLU A 574 17.56 14.31 17.15
N VAL A 575 17.43 14.11 18.47
CA VAL A 575 16.21 13.59 19.07
C VAL A 575 15.72 14.59 20.11
N LEU A 576 14.47 15.05 19.98
CA LEU A 576 13.84 15.92 20.98
C LEU A 576 12.74 15.19 21.73
N MET A 577 12.73 15.34 23.05
CA MET A 577 11.73 14.68 23.89
C MET A 577 10.74 15.71 24.43
N GLU A 578 9.46 15.42 24.27
CA GLU A 578 8.39 16.32 24.72
C GLU A 578 7.83 15.91 26.08
N GLY A 579 6.72 16.53 26.48
CA GLY A 579 6.12 16.31 27.79
C GLY A 579 6.78 17.17 28.85
N GLU A 580 6.38 16.97 30.11
CA GLU A 580 7.02 17.68 31.22
C GLU A 580 8.46 17.23 31.35
N TYR A 581 8.67 15.92 31.20
CA TYR A 581 10.01 15.35 31.23
C TYR A 581 10.12 14.20 30.24
N GLY A 582 11.35 13.87 29.86
CA GLY A 582 11.61 12.67 29.06
C GLY A 582 12.19 11.58 29.95
N PHE A 583 11.96 10.32 29.57
CA PHE A 583 12.51 9.19 30.29
C PHE A 583 13.10 8.18 29.33
N ILE A 584 14.38 7.86 29.51
CA ILE A 584 15.04 6.79 28.76
C ILE A 584 15.46 5.71 29.77
N GLY A 585 14.86 4.54 29.64
CA GLY A 585 15.06 3.45 30.61
C GLY A 585 15.39 2.12 30.00
N LYS A 586 15.58 1.12 30.87
CA LYS A 586 16.06 -0.21 30.48
C LYS A 586 15.15 -1.28 31.06
N SER A 587 14.54 -2.06 30.17
CA SER A 587 13.67 -3.18 30.59
C SER A 587 14.44 -4.21 31.42
N ILE A 588 13.73 -4.94 32.26
CA ILE A 588 14.32 -6.08 32.96
C ILE A 588 14.58 -7.19 31.93
N PRO A 589 15.87 -7.57 31.75
CA PRO A 589 16.22 -8.62 30.78
C PRO A 589 15.59 -9.97 31.12
N THR A 590 15.27 -10.75 30.09
CA THR A 590 14.61 -12.05 30.27
C THR A 590 15.62 -13.13 30.62
N ASP A 591 16.70 -13.20 29.84
CA ASP A 591 17.65 -14.31 29.97
C ASP A 591 18.78 -14.03 30.96
N ASN A 592 19.27 -12.80 30.96
CA ASN A 592 20.33 -12.39 31.87
C ASN A 592 20.02 -11.06 32.58
N PRO A 593 19.10 -11.09 33.57
CA PRO A 593 18.78 -9.87 34.33
C PRO A 593 19.96 -9.31 35.14
N ALA A 594 20.93 -10.17 35.49
CA ALA A 594 22.14 -9.73 36.20
C ALA A 594 23.01 -8.80 35.35
N GLY A 595 22.71 -8.69 34.06
CA GLY A 595 23.43 -7.79 33.16
C GLY A 595 22.75 -6.46 32.87
N GLN A 596 21.58 -6.23 33.48
CA GLN A 596 20.75 -5.05 33.19
C GLN A 596 21.53 -3.73 33.29
N ARG A 597 21.59 -2.98 32.19
CA ARG A 597 22.32 -1.70 32.13
C ARG A 597 22.10 -1.00 30.80
N ILE A 598 22.40 0.29 30.73
CA ILE A 598 22.55 0.99 29.45
C ILE A 598 23.92 1.64 29.39
N ILE A 599 24.61 1.42 28.27
CA ILE A 599 25.90 2.06 28.01
C ILE A 599 25.66 3.24 27.07
N PHE A 600 26.01 4.43 27.54
CA PHE A 600 25.97 5.64 26.71
C PHE A 600 27.41 5.92 26.27
N CYS A 601 27.63 6.15 24.97
CA CYS A 601 28.98 6.24 24.44
C CYS A 601 29.15 7.36 23.43
N GLY A 602 30.24 8.11 23.57
CA GLY A 602 30.62 9.14 22.60
C GLY A 602 31.22 8.59 21.32
N GLY A 603 31.38 7.26 21.27
CA GLY A 603 31.98 6.56 20.14
C GLY A 603 31.09 5.51 19.50
N GLU A 604 31.64 4.81 18.52
CA GLU A 604 30.87 3.92 17.62
CA GLU A 604 30.85 3.94 17.64
C GLU A 604 30.55 2.55 18.20
N GLY A 605 31.31 2.12 19.20
CA GLY A 605 31.19 0.75 19.70
C GLY A 605 31.04 0.61 21.20
N THR A 606 30.73 -0.61 21.63
CA THR A 606 30.58 -0.90 23.07
C THR A 606 31.92 -0.85 23.81
N SER A 607 33.02 -1.13 23.11
CA SER A 607 34.35 -0.99 23.72
C SER A 607 34.61 0.47 24.07
N SER A 608 35.07 0.73 25.28
CA SER A 608 35.38 2.10 25.71
C SER A 608 36.57 2.69 24.95
N THR A 609 37.29 1.85 24.20
CA THR A 609 38.36 2.33 23.33
CA THR A 609 38.36 2.35 23.33
C THR A 609 37.81 3.28 22.24
N THR A 610 36.52 3.10 21.90
CA THR A 610 35.89 3.92 20.85
C THR A 610 35.40 5.30 21.33
N GLY A 611 35.22 5.47 22.63
CA GLY A 611 34.72 6.74 23.15
C GLY A 611 34.49 6.75 24.65
N ALA A 612 34.28 7.96 25.18
CA ALA A 612 33.90 8.14 26.57
C ALA A 612 32.54 7.48 26.83
N GLN A 613 32.43 6.85 27.99
CA GLN A 613 31.21 6.13 28.34
C GLN A 613 30.71 6.48 29.73
N ILE A 614 29.39 6.50 29.87
CA ILE A 614 28.73 6.43 31.16
C ILE A 614 27.79 5.23 31.10
N THR A 615 27.94 4.33 32.07
CA THR A 615 27.10 3.14 32.11
C THR A 615 26.25 3.16 33.37
N LEU A 616 24.93 3.15 33.18
CA LEU A 616 23.98 3.10 34.28
C LEU A 616 23.50 1.67 34.49
N TYR A 617 23.80 1.11 35.65
CA TYR A 617 23.44 -0.26 35.99
C TYR A 617 22.04 -0.34 36.60
N GLY A 618 21.27 -1.34 36.20
CA GLY A 618 19.95 -1.56 36.77
C GLY A 618 20.03 -2.13 38.17
N ALA A 619 18.91 -2.07 38.89
CA ALA A 619 18.80 -2.70 40.21
C ALA A 619 18.97 -4.22 40.16
N ASN A 620 18.64 -4.80 39.00
CA ASN A 620 18.75 -6.26 38.81
C ASN A 620 20.17 -6.72 38.52
N ASN A 621 21.05 -5.79 38.14
CA ASN A 621 22.44 -6.09 37.85
C ASN A 621 23.19 -6.62 39.08
N THR A 622 24.16 -7.50 38.86
CA THR A 622 25.05 -7.99 39.93
C THR A 622 25.60 -6.82 40.75
N ASP A 623 25.99 -5.76 40.04
CA ASP A 623 26.40 -4.50 40.66
C ASP A 623 25.22 -3.55 40.63
N SER A 624 24.33 -3.69 41.61
CA SER A 624 23.04 -2.99 41.64
C SER A 624 23.19 -1.47 41.72
N ARG A 625 22.60 -0.80 40.74
CA ARG A 625 22.58 0.68 40.65
C ARG A 625 23.98 1.31 40.63
N ARG A 626 24.95 0.56 40.12
CA ARG A 626 26.30 1.09 39.91
C ARG A 626 26.28 2.12 38.78
N ILE A 627 27.12 3.14 38.88
CA ILE A 627 27.43 3.99 37.74
C ILE A 627 28.94 4.01 37.52
N VAL A 628 29.35 3.76 36.28
CA VAL A 628 30.74 3.86 35.87
C VAL A 628 30.88 4.99 34.86
N TYR A 629 31.70 5.98 35.20
CA TYR A 629 32.02 7.09 34.31
C TYR A 629 33.42 6.84 33.78
N ASN A 630 33.54 6.67 32.46
CA ASN A 630 34.80 6.24 31.86
C ASN A 630 35.23 7.14 30.71
N GLY A 631 36.16 8.05 31.00
CA GLY A 631 36.71 8.94 29.99
C GLY A 631 38.17 9.22 30.29
N ASP A 632 38.86 9.84 29.34
CA ASP A 632 40.26 10.24 29.54
C ASP A 632 40.37 11.63 30.18
N GLU A 633 39.22 12.31 30.29
CA GLU A 633 39.06 13.52 31.11
C GLU A 633 37.66 13.50 31.72
N HIS A 634 37.56 13.86 33.00
CA HIS A 634 36.28 14.11 33.67
C HIS A 634 36.29 15.57 34.12
N LEU A 635 35.59 16.43 33.39
CA LEU A 635 35.63 17.87 33.65
C LEU A 635 34.29 18.43 34.13
N PHE A 636 34.26 18.84 35.39
CA PHE A 636 33.03 19.37 35.99
C PHE A 636 32.95 20.89 35.91
N GLN A 637 32.06 21.36 35.05
CA GLN A 637 31.93 22.77 34.72
C GLN A 637 30.74 23.44 35.41
N SER A 638 30.92 24.72 35.75
CA SER A 638 29.84 25.64 36.13
C SER A 638 29.29 25.52 37.55
N ALA A 639 29.75 24.52 38.29
CA ALA A 639 29.26 24.27 39.65
C ALA A 639 30.22 23.41 40.47
N ASP A 640 30.11 23.58 41.78
CA ASP A 640 30.81 22.73 42.75
C ASP A 640 30.43 21.27 42.55
N VAL A 641 31.37 20.38 42.87
CA VAL A 641 31.10 18.94 42.90
C VAL A 641 30.68 18.62 44.32
N LYS A 642 29.39 18.32 44.50
CA LYS A 642 28.81 18.19 45.84
C LYS A 642 28.13 16.85 46.06
N PRO A 643 28.14 16.36 47.32
CA PRO A 643 27.26 15.26 47.66
C PRO A 643 25.83 15.80 47.82
N TYR A 644 24.83 14.97 47.54
CA TYR A 644 23.43 15.39 47.64
C TYR A 644 23.06 15.74 49.07
N ASN A 645 23.52 14.89 50.00
CA ASN A 645 23.25 15.06 51.41
C ASN A 645 24.47 15.57 52.18
N ASP A 646 24.24 15.97 53.43
CA ASP A 646 25.28 16.59 54.25
C ASP A 646 25.92 15.59 55.21
N ASN A 647 27.24 15.42 55.06
CA ASN A 647 28.05 14.58 55.95
C ASN A 647 27.61 13.12 56.03
N VAL A 648 27.29 12.54 54.86
CA VAL A 648 26.81 11.15 54.74
CA VAL A 648 26.89 11.13 54.81
C VAL A 648 27.68 10.31 53.81
N THR A 649 28.16 10.94 52.74
CA THR A 649 28.99 10.24 51.74
C THR A 649 30.39 10.85 51.65
N ALA A 650 31.35 10.03 51.19
CA ALA A 650 32.77 10.40 51.17
C ALA A 650 33.30 10.65 49.75
N LEU A 651 34.48 11.27 49.69
CA LEU A 651 35.31 11.25 48.50
C LEU A 651 36.26 10.07 48.65
N GLY A 652 36.14 9.10 47.75
CA GLY A 652 36.97 7.91 47.78
C GLY A 652 36.58 6.91 48.85
N GLY A 653 37.42 5.89 49.02
CA GLY A 653 37.24 4.85 50.02
C GLY A 653 38.56 4.15 50.29
N PRO A 654 38.61 3.26 51.30
CA PRO A 654 39.85 2.58 51.69
C PRO A 654 40.48 1.77 50.55
N SER A 655 39.64 1.27 49.64
CA SER A 655 40.11 0.52 48.47
C SER A 655 39.96 1.32 47.18
N ASN A 656 39.55 2.58 47.32
CA ASN A 656 39.36 3.48 46.18
C ASN A 656 39.89 4.87 46.53
N ARG A 657 41.18 4.96 46.80
CA ARG A 657 41.79 6.23 47.16
C ARG A 657 42.11 7.07 45.93
N PHE A 658 41.85 8.38 46.04
CA PHE A 658 42.41 9.32 45.08
C PHE A 658 43.88 9.52 45.45
N THR A 659 44.72 9.76 44.45
CA THR A 659 46.17 9.93 44.69
C THR A 659 46.45 11.14 45.58
N THR A 660 45.72 12.22 45.32
CA THR A 660 45.79 13.46 46.08
C THR A 660 44.59 14.32 45.69
N ALA A 661 44.51 15.50 46.30
CA ALA A 661 43.57 16.54 45.89
C ALA A 661 44.36 17.82 45.64
N TYR A 662 44.16 18.39 44.46
CA TYR A 662 44.77 19.67 44.09
C TYR A 662 43.81 20.79 44.46
N LEU A 663 44.24 21.60 45.43
CA LEU A 663 43.37 22.60 46.05
C LEU A 663 44.00 24.00 46.08
N GLY A 664 43.16 25.03 46.00
CA GLY A 664 43.61 26.41 46.13
C GLY A 664 43.75 26.85 47.58
N SER A 665 43.21 26.05 48.49
CA SER A 665 43.31 26.29 49.92
C SER A 665 43.11 24.97 50.66
N ASN A 666 43.55 24.92 51.92
CA ASN A 666 43.36 23.73 52.75
C ASN A 666 41.87 23.41 52.96
N PRO A 667 41.56 22.12 53.17
CA PRO A 667 40.16 21.70 53.39
C PRO A 667 39.49 22.44 54.55
N ILE A 668 38.20 22.69 54.40
CA ILE A 668 37.41 23.30 55.46
C ILE A 668 36.74 22.19 56.25
N VAL A 669 37.30 21.93 57.43
CA VAL A 669 36.91 20.77 58.23
C VAL A 669 36.07 21.19 59.45
N THR A 670 34.96 20.48 59.64
CA THR A 670 34.10 20.67 60.81
C THR A 670 34.86 20.31 62.08
N SER B 5 -16.74 -24.00 -43.08
CA SER B 5 -16.96 -23.62 -41.65
C SER B 5 -16.62 -24.78 -40.71
N ALA B 6 -16.18 -24.44 -39.51
CA ALA B 6 -15.74 -25.43 -38.52
C ALA B 6 -16.90 -26.26 -37.98
N LYS B 7 -16.63 -27.53 -37.72
CA LYS B 7 -17.68 -28.45 -37.25
C LYS B 7 -17.92 -28.35 -35.75
N GLY B 8 -16.84 -28.19 -34.98
CA GLY B 8 -16.93 -28.13 -33.52
C GLY B 8 -17.46 -29.41 -32.91
N ASP B 9 -16.91 -30.54 -33.35
CA ASP B 9 -17.33 -31.86 -32.88
C ASP B 9 -16.22 -32.58 -32.11
N GLY B 10 -15.08 -31.91 -31.95
CA GLY B 10 -13.93 -32.47 -31.22
C GLY B 10 -13.18 -33.57 -31.95
N VAL B 11 -13.59 -33.88 -33.18
CA VAL B 11 -12.99 -34.97 -33.96
C VAL B 11 -12.51 -34.52 -35.35
N THR B 12 -13.28 -33.67 -36.01
CA THR B 12 -12.91 -33.14 -37.33
C THR B 12 -11.81 -32.10 -37.17
N ASP B 13 -10.77 -32.20 -37.99
CA ASP B 13 -9.72 -31.20 -38.04
C ASP B 13 -10.29 -29.88 -38.54
N ASP B 14 -10.42 -28.92 -37.62
CA ASP B 14 -11.04 -27.63 -37.92
C ASP B 14 -10.03 -26.50 -38.17
N THR B 15 -8.74 -26.85 -38.23
CA THR B 15 -7.66 -25.88 -38.37
C THR B 15 -7.86 -24.91 -39.56
N ALA B 16 -8.12 -25.48 -40.74
CA ALA B 16 -8.27 -24.68 -41.96
C ALA B 16 -9.48 -23.75 -41.92
N ALA B 17 -10.59 -24.26 -41.40
CA ALA B 17 -11.82 -23.49 -41.27
C ALA B 17 -11.67 -22.32 -40.30
N LEU B 18 -10.98 -22.54 -39.19
CA LEU B 18 -10.73 -21.49 -38.20
C LEU B 18 -9.75 -20.43 -38.71
N THR B 19 -8.72 -20.85 -39.45
CA THR B 19 -7.76 -19.92 -40.06
C THR B 19 -8.47 -19.01 -41.06
N SER B 20 -9.32 -19.59 -41.89
CA SER B 20 -10.13 -18.84 -42.86
C SER B 20 -11.06 -17.87 -42.13
N ALA B 21 -11.70 -18.34 -41.07
CA ALA B 21 -12.60 -17.52 -40.26
C ALA B 21 -11.86 -16.34 -39.64
N LEU B 22 -10.69 -16.61 -39.06
CA LEU B 22 -9.84 -15.57 -38.44
C LEU B 22 -9.37 -14.53 -39.46
N ASN B 23 -9.02 -14.99 -40.66
CA ASN B 23 -8.62 -14.10 -41.75
C ASN B 23 -9.75 -13.19 -42.23
N ASP B 24 -10.98 -13.71 -42.22
CA ASP B 24 -12.14 -13.02 -42.78
C ASP B 24 -12.89 -12.12 -41.80
N THR B 25 -12.46 -12.12 -40.54
CA THR B 25 -13.13 -11.34 -39.49
C THR B 25 -12.22 -10.26 -38.90
N PRO B 26 -12.78 -9.08 -38.57
CA PRO B 26 -12.00 -8.01 -37.93
C PRO B 26 -11.45 -8.44 -36.57
N VAL B 27 -10.26 -7.96 -36.25
CA VAL B 27 -9.51 -8.40 -35.06
C VAL B 27 -10.25 -8.18 -33.74
N GLY B 28 -11.10 -7.15 -33.69
CA GLY B 28 -11.87 -6.82 -32.48
C GLY B 28 -13.14 -7.64 -32.30
N GLN B 29 -13.48 -8.42 -33.32
CA GLN B 29 -14.63 -9.33 -33.27
C GLN B 29 -14.26 -10.59 -32.48
N LYS B 30 -15.00 -10.85 -31.41
CA LYS B 30 -14.81 -12.08 -30.66
C LYS B 30 -15.61 -13.20 -31.33
N ILE B 31 -14.88 -14.12 -31.98
CA ILE B 31 -15.50 -15.27 -32.63
C ILE B 31 -16.11 -16.18 -31.56
N ASN B 32 -17.43 -16.36 -31.64
CA ASN B 32 -18.13 -17.18 -30.67
C ASN B 32 -18.15 -18.65 -31.10
N GLY B 33 -17.57 -19.51 -30.26
CA GLY B 33 -17.49 -20.94 -30.53
C GLY B 33 -18.70 -21.71 -30.04
N ASN B 34 -19.63 -21.00 -29.41
CA ASN B 34 -20.91 -21.55 -28.94
C ASN B 34 -20.76 -22.72 -27.96
N GLY B 35 -19.70 -22.68 -27.16
CA GLY B 35 -19.45 -23.70 -26.14
C GLY B 35 -18.89 -25.01 -26.68
N LYS B 36 -18.58 -25.05 -27.97
CA LYS B 36 -18.12 -26.28 -28.61
C LYS B 36 -16.60 -26.44 -28.55
N THR B 37 -16.16 -27.66 -28.84
CA THR B 37 -14.73 -28.01 -28.85
C THR B 37 -14.28 -28.23 -30.29
N TYR B 38 -13.15 -27.64 -30.64
CA TYR B 38 -12.62 -27.68 -32.00
C TYR B 38 -11.23 -28.32 -32.01
N LYS B 39 -11.08 -29.38 -32.80
CA LYS B 39 -9.79 -30.03 -32.98
C LYS B 39 -8.88 -29.20 -33.89
N VAL B 40 -7.67 -28.94 -33.42
CA VAL B 40 -6.69 -28.15 -34.18
C VAL B 40 -5.32 -28.83 -34.18
N THR B 41 -4.53 -28.58 -35.22
CA THR B 41 -3.17 -29.10 -35.31
C THR B 41 -2.13 -28.09 -34.80
N SER B 42 -2.58 -26.86 -34.60
CA SER B 42 -1.82 -25.80 -33.93
C SER B 42 -2.83 -24.89 -33.22
N LEU B 43 -2.45 -24.35 -32.07
CA LEU B 43 -3.31 -23.40 -31.37
C LEU B 43 -3.37 -22.07 -32.11
N PRO B 44 -4.61 -21.60 -32.42
CA PRO B 44 -4.76 -20.34 -33.11
C PRO B 44 -4.65 -19.16 -32.14
N ASP B 45 -4.95 -17.97 -32.62
CA ASP B 45 -5.00 -16.76 -31.79
C ASP B 45 -6.18 -16.88 -30.82
N ILE B 46 -5.92 -17.50 -29.66
CA ILE B 46 -6.97 -17.79 -28.68
C ILE B 46 -7.72 -16.55 -28.19
N SER B 47 -7.00 -15.43 -28.06
CA SER B 47 -7.57 -14.17 -27.55
C SER B 47 -8.74 -13.64 -28.39
N ARG B 48 -8.84 -14.09 -29.64
CA ARG B 48 -9.89 -13.62 -30.55
C ARG B 48 -11.16 -14.47 -30.49
N PHE B 49 -11.16 -15.48 -29.64
CA PHE B 49 -12.32 -16.35 -29.48
C PHE B 49 -13.01 -16.10 -28.14
N ILE B 50 -14.34 -16.24 -28.14
CA ILE B 50 -15.09 -16.38 -26.88
C ILE B 50 -15.89 -17.67 -26.90
N ASN B 51 -16.13 -18.22 -25.71
CA ASN B 51 -16.93 -19.43 -25.54
C ASN B 51 -16.47 -20.56 -26.48
N THR B 52 -15.15 -20.72 -26.58
CA THR B 52 -14.52 -21.73 -27.43
C THR B 52 -13.53 -22.56 -26.63
N ARG B 53 -13.51 -23.87 -26.89
CA ARG B 53 -12.49 -24.77 -26.36
C ARG B 53 -11.77 -25.43 -27.53
N PHE B 54 -10.46 -25.56 -27.42
CA PHE B 54 -9.66 -26.24 -28.43
C PHE B 54 -9.12 -27.55 -27.87
N VAL B 55 -9.13 -28.60 -28.70
CA VAL B 55 -8.41 -29.83 -28.37
C VAL B 55 -7.18 -29.93 -29.28
N TYR B 56 -6.01 -30.06 -28.65
CA TYR B 56 -4.74 -29.98 -29.36
C TYR B 56 -3.72 -30.97 -28.78
N GLU B 57 -3.00 -31.66 -29.66
CA GLU B 57 -1.94 -32.57 -29.25
C GLU B 57 -0.57 -31.93 -29.46
N ARG B 58 -0.10 -31.18 -28.45
CA ARG B 58 1.24 -30.62 -28.48
C ARG B 58 2.25 -31.75 -28.64
N ILE B 59 2.08 -32.78 -27.82
CA ILE B 59 2.79 -34.04 -27.98
C ILE B 59 1.81 -35.05 -28.61
N PRO B 60 2.20 -35.67 -29.74
CA PRO B 60 1.32 -36.63 -30.42
C PRO B 60 0.78 -37.72 -29.47
N GLY B 61 -0.53 -37.94 -29.50
CA GLY B 61 -1.17 -38.97 -28.70
C GLY B 61 -1.56 -38.52 -27.29
N GLN B 62 -1.33 -37.25 -27.00
CA GLN B 62 -1.70 -36.69 -25.70
C GLN B 62 -2.52 -35.42 -25.85
N PRO B 63 -3.83 -35.57 -26.16
CA PRO B 63 -4.69 -34.41 -26.32
C PRO B 63 -4.94 -33.70 -25.00
N LEU B 64 -4.86 -32.37 -25.04
CA LEU B 64 -5.20 -31.52 -23.91
C LEU B 64 -6.12 -30.43 -24.43
N TYR B 65 -6.83 -29.78 -23.53
CA TYR B 65 -7.86 -28.82 -23.90
C TYR B 65 -7.48 -27.41 -23.48
N TYR B 66 -7.93 -26.42 -24.25
CA TYR B 66 -7.50 -25.04 -24.07
C TYR B 66 -8.69 -24.10 -24.16
N ALA B 67 -8.93 -23.36 -23.09
CA ALA B 67 -10.12 -22.50 -22.97
C ALA B 67 -9.86 -21.08 -23.43
N SER B 68 -10.73 -20.58 -24.32
CA SER B 68 -10.76 -19.15 -24.61
C SER B 68 -11.50 -18.49 -23.45
N GLU B 69 -11.47 -17.16 -23.41
CA GLU B 69 -12.21 -16.46 -22.38
C GLU B 69 -13.71 -16.69 -22.53
N GLU B 70 -14.40 -16.71 -21.39
CA GLU B 70 -15.85 -16.97 -21.29
C GLU B 70 -16.25 -18.39 -21.70
N PHE B 71 -15.31 -19.33 -21.72
CA PHE B 71 -15.66 -20.73 -21.90
C PHE B 71 -16.00 -21.38 -20.56
N VAL B 72 -15.13 -21.18 -19.57
CA VAL B 72 -15.51 -21.45 -18.19
C VAL B 72 -15.88 -20.12 -17.57
N GLN B 73 -16.85 -20.15 -16.66
CA GLN B 73 -17.23 -18.96 -15.93
C GLN B 73 -16.33 -18.88 -14.71
N GLY B 74 -15.11 -18.40 -14.92
CA GLY B 74 -14.12 -18.27 -13.86
C GLY B 74 -13.22 -17.07 -14.05
N GLU B 75 -12.38 -16.79 -13.05
CA GLU B 75 -11.49 -15.64 -13.08
C GLU B 75 -10.29 -15.89 -12.17
N LEU B 76 -9.11 -15.43 -12.61
CA LEU B 76 -7.91 -15.52 -11.79
C LEU B 76 -7.70 -14.26 -10.96
N PHE B 77 -7.31 -14.46 -9.70
CA PHE B 77 -6.96 -13.37 -8.79
C PHE B 77 -5.52 -13.54 -8.30
N LYS B 78 -4.80 -12.43 -8.15
CA LYS B 78 -3.54 -12.44 -7.38
C LYS B 78 -3.88 -12.11 -5.93
N ILE B 79 -3.39 -12.90 -4.98
CA ILE B 79 -3.87 -12.80 -3.59
C ILE B 79 -2.80 -12.55 -2.53
N THR B 80 -1.53 -12.75 -2.89
CA THR B 80 -0.40 -12.19 -2.11
C THR B 80 0.52 -11.39 -3.03
N ASP B 81 1.24 -10.45 -2.44
CA ASP B 81 2.26 -9.68 -3.14
C ASP B 81 3.28 -9.24 -2.10
N THR B 82 4.10 -10.20 -1.63
CA THR B 82 5.11 -9.94 -0.60
C THR B 82 6.49 -10.42 -1.07
N PRO B 83 7.57 -9.85 -0.51
CA PRO B 83 8.93 -10.18 -0.96
C PRO B 83 9.40 -11.59 -0.60
N TYR B 84 8.71 -12.26 0.32
CA TYR B 84 9.04 -13.66 0.65
C TYR B 84 8.78 -14.58 -0.53
N TYR B 85 9.41 -15.76 -0.47
CA TYR B 85 9.09 -16.85 -1.36
C TYR B 85 7.77 -17.42 -0.85
N ASN B 86 6.67 -17.00 -1.47
CA ASN B 86 5.32 -17.37 -1.03
C ASN B 86 4.77 -18.46 -1.92
N ALA B 87 4.69 -19.67 -1.37
CA ALA B 87 4.25 -20.82 -2.14
C ALA B 87 3.67 -21.87 -1.20
N TRP B 88 3.36 -23.04 -1.76
CA TRP B 88 2.87 -24.20 -1.01
C TRP B 88 1.59 -23.97 -0.19
N PRO B 89 0.50 -23.51 -0.85
CA PRO B 89 -0.77 -23.63 -0.13
C PRO B 89 -1.11 -25.10 0.14
N GLN B 90 -0.51 -26.01 -0.62
CA GLN B 90 -0.72 -27.46 -0.46
C GLN B 90 -0.53 -27.91 1.00
N ASP B 91 -1.50 -28.64 1.55
CA ASP B 91 -2.89 -28.66 1.09
C ASP B 91 -3.66 -28.24 2.34
N LYS B 92 -3.82 -26.93 2.52
CA LYS B 92 -4.18 -26.36 3.82
C LYS B 92 -5.43 -25.47 3.83
N ALA B 93 -5.95 -25.13 2.65
CA ALA B 93 -7.07 -24.19 2.55
C ALA B 93 -8.36 -24.75 3.16
N PHE B 94 -9.17 -23.87 3.74
CA PHE B 94 -10.45 -24.24 4.31
C PHE B 94 -11.38 -23.02 4.38
N VAL B 95 -12.67 -23.28 4.56
CA VAL B 95 -13.63 -22.21 4.77
C VAL B 95 -14.17 -22.36 6.19
N TYR B 96 -14.22 -21.27 6.94
CA TYR B 96 -14.80 -21.32 8.27
C TYR B 96 -15.61 -20.07 8.56
N GLU B 97 -16.89 -20.29 8.88
CA GLU B 97 -17.85 -19.23 9.18
C GLU B 97 -17.73 -18.01 8.24
N ASN B 98 -17.94 -18.29 6.96
CA ASN B 98 -18.03 -17.31 5.87
C ASN B 98 -16.69 -16.76 5.36
N VAL B 99 -15.60 -17.13 6.01
CA VAL B 99 -14.26 -16.65 5.63
C VAL B 99 -13.45 -17.74 4.93
N ILE B 100 -12.82 -17.37 3.82
CA ILE B 100 -11.94 -18.27 3.08
C ILE B 100 -10.50 -18.07 3.55
N TYR B 101 -9.87 -19.16 3.98
CA TYR B 101 -8.48 -19.13 4.46
C TYR B 101 -7.55 -19.79 3.45
N ALA B 102 -6.48 -19.07 3.10
CA ALA B 102 -5.47 -19.60 2.19
C ALA B 102 -4.11 -19.63 2.89
N PRO B 103 -3.86 -20.72 3.67
CA PRO B 103 -2.59 -20.83 4.36
C PRO B 103 -1.49 -21.27 3.40
N TYR B 104 -0.25 -20.93 3.74
CA TYR B 104 0.88 -21.18 2.88
C TYR B 104 2.15 -21.10 3.71
N MET B 105 3.29 -21.19 3.02
CA MET B 105 4.57 -20.96 3.67
C MET B 105 5.31 -19.82 2.97
N GLY B 106 5.71 -18.83 3.75
CA GLY B 106 6.53 -17.74 3.25
C GLY B 106 7.94 -17.90 3.77
N SER B 107 8.86 -18.21 2.86
CA SER B 107 10.24 -18.51 3.20
C SER B 107 11.18 -17.70 2.31
N ASP B 108 12.42 -18.14 2.16
CA ASP B 108 13.32 -17.54 1.19
C ASP B 108 13.77 -18.56 0.12
N ARG B 109 13.26 -19.79 0.23
CA ARG B 109 13.65 -20.89 -0.65
C ARG B 109 12.75 -22.12 -0.47
N ALA B 110 12.92 -23.10 -1.35
CA ALA B 110 12.32 -24.42 -1.18
C ALA B 110 12.99 -25.11 -0.01
N GLY B 111 12.50 -24.80 1.19
CA GLY B 111 13.13 -25.21 2.45
C GLY B 111 12.57 -24.38 3.58
N VAL B 112 13.16 -24.50 4.76
CA VAL B 112 12.61 -23.86 5.96
C VAL B 112 13.34 -22.59 6.43
N SER B 113 14.39 -22.19 5.70
CA SER B 113 15.09 -20.93 5.99
C SER B 113 14.13 -19.73 5.91
N ARG B 114 14.19 -18.86 6.93
CA ARG B 114 13.32 -17.66 7.06
C ARG B 114 11.81 -17.95 7.01
N LEU B 115 11.41 -19.21 7.25
CA LEU B 115 10.03 -19.62 7.01
C LEU B 115 9.07 -19.29 8.15
N HIS B 116 7.95 -18.70 7.78
CA HIS B 116 6.78 -18.59 8.64
C HIS B 116 5.63 -19.30 7.94
N VAL B 117 4.97 -20.22 8.65
CA VAL B 117 3.66 -20.71 8.22
C VAL B 117 2.71 -19.51 8.34
N SER B 118 2.04 -19.19 7.23
CA SER B 118 1.28 -17.95 7.12
C SER B 118 -0.10 -18.22 6.54
N TRP B 119 -0.99 -17.24 6.63
CA TRP B 119 -2.18 -17.23 5.79
C TRP B 119 -2.60 -15.84 5.34
N VAL B 120 -3.34 -15.80 4.22
CA VAL B 120 -4.17 -14.64 3.88
C VAL B 120 -5.62 -15.13 3.87
N LYS B 121 -6.55 -14.22 4.14
CA LYS B 121 -7.97 -14.56 4.26
C LYS B 121 -8.78 -13.67 3.33
N SER B 122 -9.94 -14.15 2.89
CA SER B 122 -10.89 -13.28 2.19
C SER B 122 -12.24 -13.22 2.90
N GLY B 123 -12.71 -11.99 3.13
CA GLY B 123 -14.02 -11.77 3.73
C GLY B 123 -15.07 -11.34 2.72
N ASP B 124 -14.76 -11.45 1.43
CA ASP B 124 -15.70 -11.05 0.39
C ASP B 124 -15.77 -12.05 -0.78
N ASP B 125 -15.72 -13.34 -0.44
CA ASP B 125 -15.84 -14.42 -1.43
C ASP B 125 -14.75 -14.36 -2.50
N GLY B 126 -13.54 -13.96 -2.09
CA GLY B 126 -12.36 -14.04 -2.95
C GLY B 126 -12.00 -12.80 -3.74
N GLN B 127 -12.75 -11.70 -3.56
CA GLN B 127 -12.46 -10.48 -4.32
C GLN B 127 -11.22 -9.75 -3.81
N THR B 128 -11.09 -9.67 -2.48
CA THR B 128 -9.92 -9.07 -1.83
C THR B 128 -9.42 -9.97 -0.70
N TRP B 129 -8.15 -9.78 -0.36
CA TRP B 129 -7.46 -10.65 0.59
C TRP B 129 -6.72 -9.81 1.62
N SER B 130 -6.55 -10.37 2.82
CA SER B 130 -6.06 -9.62 3.98
C SER B 130 -4.54 -9.54 4.01
N THR B 131 -4.02 -8.74 4.94
CA THR B 131 -2.60 -8.65 5.22
C THR B 131 -2.14 -10.00 5.77
N PRO B 132 -1.02 -10.55 5.25
CA PRO B 132 -0.52 -11.85 5.74
C PRO B 132 -0.36 -11.88 7.25
N GLU B 133 -0.77 -13.00 7.86
CA GLU B 133 -0.56 -13.24 9.28
C GLU B 133 0.41 -14.42 9.44
N TRP B 134 1.39 -14.26 10.31
CA TRP B 134 2.29 -15.36 10.65
C TRP B 134 1.63 -16.21 11.73
N LEU B 135 1.53 -17.51 11.46
CA LEU B 135 0.93 -18.48 12.38
C LEU B 135 1.99 -19.14 13.26
N THR B 136 3.21 -19.23 12.75
CA THR B 136 4.33 -19.77 13.52
C THR B 136 5.44 -18.74 13.66
N ASP B 137 6.15 -18.79 14.77
CA ASP B 137 7.39 -18.04 14.92
C ASP B 137 8.55 -18.89 14.40
N LEU B 138 9.72 -18.27 14.24
CA LEU B 138 10.92 -19.06 14.01
C LEU B 138 11.13 -20.01 15.19
N HIS B 139 11.48 -21.26 14.89
CA HIS B 139 11.69 -22.31 15.90
C HIS B 139 12.73 -21.88 16.93
N PRO B 140 12.53 -22.26 18.21
CA PRO B 140 13.50 -21.91 19.26
C PRO B 140 14.95 -22.27 18.90
N ASP B 141 15.14 -23.32 18.12
CA ASP B 141 16.49 -23.77 17.73
C ASP B 141 16.93 -23.34 16.33
N TYR B 142 16.25 -22.33 15.77
CA TYR B 142 16.70 -21.69 14.53
C TYR B 142 18.11 -21.14 14.77
N PRO B 143 19.02 -21.24 13.77
CA PRO B 143 18.86 -21.68 12.39
C PRO B 143 19.24 -23.15 12.11
N THR B 144 19.22 -23.99 13.13
CA THR B 144 19.47 -25.42 12.92
C THR B 144 18.24 -26.09 12.32
N VAL B 145 17.08 -25.78 12.89
CA VAL B 145 15.79 -26.31 12.42
C VAL B 145 14.74 -25.19 12.37
N ASN B 146 13.66 -25.43 11.62
CA ASN B 146 12.52 -24.52 11.56
C ASN B 146 11.25 -25.27 11.19
N TYR B 147 10.10 -24.62 11.36
CA TYR B 147 8.82 -25.24 11.10
C TYR B 147 8.47 -25.42 9.62
N HIS B 148 7.42 -26.21 9.38
CA HIS B 148 6.98 -26.60 8.05
C HIS B 148 5.58 -27.19 8.20
N CYS B 149 4.68 -26.87 7.28
CA CYS B 149 3.32 -27.39 7.38
C CYS B 149 2.64 -27.51 6.04
N MET B 150 2.10 -28.71 5.76
CA MET B 150 1.32 -28.95 4.55
C MET B 150 -0.03 -29.60 4.83
N SER B 151 -0.39 -29.69 6.12
CA SER B 151 -1.67 -30.25 6.52
C SER B 151 -2.33 -29.41 7.60
N MET B 152 -3.49 -28.87 7.28
CA MET B 152 -4.21 -27.95 8.16
C MET B 152 -5.70 -27.95 7.83
N GLY B 153 -6.54 -27.85 8.86
CA GLY B 153 -7.98 -27.80 8.67
C GLY B 153 -8.74 -27.58 9.97
N VAL B 154 -10.06 -27.70 9.90
CA VAL B 154 -10.91 -27.46 11.06
C VAL B 154 -11.73 -28.70 11.42
N CYS B 155 -11.77 -29.01 12.71
CA CYS B 155 -12.61 -30.08 13.26
C CYS B 155 -13.26 -29.56 14.52
N ARG B 156 -14.59 -29.64 14.58
CA ARG B 156 -15.41 -29.14 15.70
C ARG B 156 -14.92 -27.80 16.27
N ASN B 157 -14.85 -26.78 15.42
CA ASN B 157 -14.52 -25.41 15.84
C ASN B 157 -13.08 -25.19 16.34
N ARG B 158 -12.19 -26.11 15.99
CA ARG B 158 -10.77 -25.96 16.30
C ARG B 158 -9.96 -26.10 15.03
N LEU B 159 -8.93 -25.26 14.90
CA LEU B 159 -7.93 -25.42 13.87
C LEU B 159 -6.96 -26.52 14.28
N PHE B 160 -6.74 -27.48 13.38
CA PHE B 160 -5.74 -28.54 13.59
C PHE B 160 -4.69 -28.44 12.50
N ALA B 161 -3.42 -28.60 12.89
CA ALA B 161 -2.31 -28.54 11.93
C ALA B 161 -1.20 -29.50 12.32
N MET B 162 -0.63 -30.17 11.33
CA MET B 162 0.57 -30.95 11.55
C MET B 162 1.78 -30.04 11.37
N ILE B 163 2.34 -29.62 12.51
CA ILE B 163 3.49 -28.73 12.50
C ILE B 163 4.75 -29.58 12.57
N GLU B 164 5.50 -29.59 11.47
CA GLU B 164 6.73 -30.35 11.35
C GLU B 164 7.94 -29.50 11.71
N THR B 165 8.99 -30.14 12.21
CA THR B 165 10.29 -29.52 12.40
C THR B 165 11.26 -30.16 11.40
N ARG B 166 11.97 -29.32 10.62
CA ARG B 166 12.91 -29.82 9.61
C ARG B 166 14.25 -29.06 9.67
N THR B 167 15.34 -29.71 9.24
CA THR B 167 16.65 -29.07 9.24
C THR B 167 16.76 -28.06 8.10
N LEU B 168 17.45 -26.95 8.36
CA LEU B 168 17.74 -25.99 7.29
C LEU B 168 18.70 -26.56 6.26
N ALA B 169 19.66 -27.36 6.72
CA ALA B 169 20.71 -27.88 5.86
C ALA B 169 20.20 -28.82 4.75
N LYS B 170 19.29 -29.71 5.09
CA LYS B 170 18.86 -30.77 4.16
C LYS B 170 17.35 -30.92 3.98
N ASN B 171 16.57 -30.13 4.73
CA ASN B 171 15.10 -30.24 4.77
C ASN B 171 14.62 -31.60 5.28
N ALA B 172 15.39 -32.17 6.20
CA ALA B 172 15.10 -33.48 6.78
C ALA B 172 14.14 -33.34 7.96
N LEU B 173 13.13 -34.20 8.00
CA LEU B 173 12.17 -34.22 9.09
C LEU B 173 12.81 -34.70 10.39
N THR B 174 12.59 -33.95 11.46
CA THR B 174 13.11 -34.30 12.79
C THR B 174 12.02 -34.52 13.81
N ASN B 175 10.84 -33.92 13.59
CA ASN B 175 9.74 -33.99 14.55
C ASN B 175 8.38 -33.64 13.93
N CYS B 176 7.35 -34.35 14.38
CA CYS B 176 5.96 -34.04 14.02
C CYS B 176 5.18 -33.74 15.27
N ALA B 177 4.44 -32.63 15.24
CA ALA B 177 3.55 -32.32 16.34
C ALA B 177 2.19 -31.88 15.81
N LEU B 178 1.15 -32.34 16.49
CA LEU B 178 -0.19 -31.85 16.21
C LEU B 178 -0.42 -30.60 17.06
N TRP B 179 -0.63 -29.47 16.39
CA TRP B 179 -0.99 -28.22 17.09
C TRP B 179 -2.47 -27.91 16.82
N ASP B 180 -3.20 -27.56 17.86
CA ASP B 180 -4.59 -27.13 17.69
C ASP B 180 -5.00 -25.93 18.55
N ARG B 181 -6.01 -25.21 18.09
CA ARG B 181 -6.41 -23.94 18.67
C ARG B 181 -7.88 -23.68 18.34
N PRO B 182 -8.65 -23.12 19.30
CA PRO B 182 -10.05 -22.80 18.99
C PRO B 182 -10.14 -21.66 17.99
N MET B 183 -11.08 -21.76 17.06
CA MET B 183 -11.33 -20.69 16.12
C MET B 183 -12.15 -19.60 16.78
N SER B 184 -11.96 -18.35 16.35
CA SER B 184 -12.73 -17.23 16.90
C SER B 184 -14.17 -17.26 16.40
N ARG B 185 -15.12 -17.12 17.32
CA ARG B 185 -16.55 -17.13 17.00
C ARG B 185 -17.31 -16.14 17.86
N SER B 186 -18.41 -15.62 17.32
CA SER B 186 -19.38 -14.86 18.09
CA SER B 186 -19.37 -14.89 18.12
C SER B 186 -20.71 -15.60 18.05
N LEU B 187 -21.25 -15.93 19.22
CA LEU B 187 -22.52 -16.64 19.30
C LEU B 187 -23.56 -15.78 19.97
N HIS B 188 -24.76 -15.76 19.41
CA HIS B 188 -25.85 -14.98 19.93
C HIS B 188 -26.92 -15.98 20.34
N LEU B 189 -27.04 -16.17 21.65
CA LEU B 189 -27.75 -17.31 22.21
C LEU B 189 -28.89 -16.89 23.14
N THR B 190 -29.73 -17.86 23.47
CA THR B 190 -30.84 -17.65 24.38
C THR B 190 -30.81 -18.78 25.41
N GLY B 191 -30.62 -18.42 26.67
CA GLY B 191 -30.51 -19.40 27.75
C GLY B 191 -29.20 -20.20 27.73
N GLY B 192 -29.10 -21.17 28.62
CA GLY B 192 -27.97 -22.08 28.64
C GLY B 192 -26.92 -21.86 29.72
N ILE B 193 -27.13 -20.85 30.58
CA ILE B 193 -26.21 -20.60 31.69
C ILE B 193 -26.92 -20.79 33.03
N THR B 194 -26.28 -21.54 33.92
CA THR B 194 -26.81 -21.77 35.26
C THR B 194 -25.71 -21.56 36.29
N LYS B 195 -26.12 -21.09 37.47
CA LYS B 195 -25.19 -20.84 38.56
C LYS B 195 -25.86 -21.19 39.87
N ALA B 196 -25.30 -22.18 40.56
CA ALA B 196 -25.84 -22.65 41.83
C ALA B 196 -25.56 -21.66 42.95
N ALA B 197 -26.53 -21.49 43.84
CA ALA B 197 -26.43 -20.57 44.98
C ALA B 197 -25.21 -20.86 45.84
N ASN B 198 -24.70 -19.81 46.48
CA ASN B 198 -23.65 -19.92 47.50
C ASN B 198 -22.31 -20.51 47.04
N GLN B 199 -22.09 -20.50 45.72
CA GLN B 199 -20.82 -20.92 45.13
CA GLN B 199 -20.85 -20.96 45.10
C GLN B 199 -20.55 -20.09 43.88
N ARG B 200 -19.32 -20.15 43.37
CA ARG B 200 -18.85 -19.19 42.35
C ARG B 200 -18.77 -19.66 40.89
N TYR B 201 -18.93 -20.96 40.64
CA TYR B 201 -18.86 -21.47 39.27
C TYR B 201 -20.20 -21.34 38.55
N ALA B 202 -20.12 -21.15 37.23
CA ALA B 202 -21.31 -21.16 36.39
C ALA B 202 -21.10 -22.16 35.26
N THR B 203 -22.17 -22.85 34.88
CA THR B 203 -22.09 -23.85 33.83
C THR B 203 -22.68 -23.30 32.53
N ILE B 204 -21.90 -23.40 31.46
CA ILE B 204 -22.26 -22.86 30.15
C ILE B 204 -22.57 -24.00 29.19
N HIS B 205 -23.78 -24.01 28.66
CA HIS B 205 -24.21 -25.05 27.72
C HIS B 205 -24.11 -24.57 26.27
N VAL B 206 -23.07 -25.01 25.59
CA VAL B 206 -22.88 -24.72 24.18
C VAL B 206 -22.48 -26.03 23.51
N PRO B 207 -23.41 -26.65 22.77
CA PRO B 207 -23.08 -27.92 22.11
C PRO B 207 -21.87 -27.82 21.18
N ASP B 208 -21.00 -28.83 21.28
CA ASP B 208 -19.79 -28.93 20.45
C ASP B 208 -18.92 -27.67 20.50
N HIS B 209 -18.74 -27.14 21.72
CA HIS B 209 -17.99 -25.89 21.91
C HIS B 209 -16.54 -25.99 21.44
N GLY B 210 -15.94 -27.17 21.60
CA GLY B 210 -14.58 -27.43 21.15
C GLY B 210 -13.50 -26.71 21.94
N LEU B 211 -13.85 -26.28 23.14
CA LEU B 211 -12.92 -25.55 24.00
C LEU B 211 -12.25 -26.47 25.02
N PHE B 212 -11.05 -26.11 25.43
CA PHE B 212 -10.34 -26.80 26.50
C PHE B 212 -10.14 -25.85 27.70
N VAL B 213 -9.80 -26.42 28.86
CA VAL B 213 -9.45 -25.63 30.03
C VAL B 213 -8.40 -24.57 29.66
N GLY B 214 -8.63 -23.33 30.06
CA GLY B 214 -7.70 -22.24 29.81
C GLY B 214 -8.00 -21.42 28.55
N ASP B 215 -8.87 -21.94 27.69
CA ASP B 215 -9.26 -21.20 26.49
C ASP B 215 -10.08 -19.96 26.82
N PHE B 216 -9.92 -18.93 25.97
CA PHE B 216 -10.60 -17.64 26.14
C PHE B 216 -12.11 -17.75 25.87
N VAL B 217 -12.90 -17.16 26.76
CA VAL B 217 -14.34 -16.98 26.54
C VAL B 217 -14.81 -15.63 27.05
N ASN B 218 -15.47 -14.86 26.19
CA ASN B 218 -16.02 -13.56 26.53
C ASN B 218 -17.54 -13.61 26.65
N PHE B 219 -18.08 -12.90 27.64
CA PHE B 219 -19.52 -12.91 27.89
C PHE B 219 -20.11 -11.50 27.91
N SER B 220 -21.32 -11.37 27.37
CA SER B 220 -22.03 -10.10 27.38
C SER B 220 -23.53 -10.33 27.56
N ASN B 221 -24.14 -9.54 28.44
CA ASN B 221 -25.58 -9.57 28.70
C ASN B 221 -26.09 -10.93 29.18
N SER B 222 -25.26 -11.64 29.95
CA SER B 222 -25.55 -13.01 30.37
C SER B 222 -26.75 -13.13 31.31
N ALA B 223 -27.04 -12.07 32.06
CA ALA B 223 -28.07 -12.07 33.09
C ALA B 223 -27.79 -13.10 34.21
N VAL B 224 -26.53 -13.51 34.29
CA VAL B 224 -26.06 -14.40 35.35
C VAL B 224 -24.85 -13.74 36.00
N THR B 225 -25.05 -13.21 37.21
CA THR B 225 -24.05 -12.39 37.88
C THR B 225 -22.66 -13.04 37.93
N GLY B 226 -21.65 -12.29 37.50
CA GLY B 226 -20.27 -12.76 37.50
C GLY B 226 -19.82 -13.41 36.21
N VAL B 227 -20.78 -13.81 35.37
CA VAL B 227 -20.48 -14.31 34.02
C VAL B 227 -20.49 -13.08 33.11
N SER B 228 -19.32 -12.47 32.96
CA SER B 228 -19.20 -11.14 32.35
C SER B 228 -17.78 -10.89 31.85
N GLY B 229 -17.68 -10.33 30.65
CA GLY B 229 -16.38 -9.91 30.09
C GLY B 229 -15.42 -11.03 29.75
N ASP B 230 -14.12 -10.70 29.72
CA ASP B 230 -13.07 -11.66 29.40
C ASP B 230 -12.89 -12.66 30.54
N MET B 231 -13.10 -13.94 30.22
CA MET B 231 -12.92 -15.03 31.18
C MET B 231 -12.17 -16.19 30.51
N THR B 232 -11.93 -17.27 31.25
CA THR B 232 -11.33 -18.48 30.68
C THR B 232 -12.12 -19.72 31.12
N VAL B 233 -12.00 -20.81 30.35
CA VAL B 233 -12.66 -22.07 30.69
C VAL B 233 -11.97 -22.69 31.91
N ALA B 234 -12.75 -22.89 32.98
CA ALA B 234 -12.23 -23.48 34.22
C ALA B 234 -12.19 -25.01 34.15
N THR B 235 -13.33 -25.62 33.84
CA THR B 235 -13.40 -27.06 33.61
C THR B 235 -14.24 -27.36 32.38
N VAL B 236 -14.01 -28.52 31.79
CA VAL B 236 -14.88 -29.03 30.74
C VAL B 236 -15.62 -30.24 31.28
N ILE B 237 -16.95 -30.14 31.35
CA ILE B 237 -17.80 -31.24 31.83
C ILE B 237 -17.94 -32.33 30.75
N ASP B 238 -18.28 -31.91 29.54
CA ASP B 238 -18.33 -32.79 28.37
C ASP B 238 -18.26 -31.95 27.09
N LYS B 239 -18.49 -32.56 25.95
CA LYS B 239 -18.38 -31.87 24.65
C LYS B 239 -19.36 -30.70 24.48
N ASP B 240 -20.41 -30.67 25.30
CA ASP B 240 -21.47 -29.66 25.19
C ASP B 240 -21.54 -28.71 26.39
N ASN B 241 -20.72 -28.96 27.41
CA ASN B 241 -20.79 -28.19 28.67
C ASN B 241 -19.43 -27.87 29.28
N PHE B 242 -19.26 -26.63 29.71
CA PHE B 242 -18.05 -26.21 30.42
C PHE B 242 -18.39 -25.20 31.52
N THR B 243 -17.46 -24.99 32.45
CA THR B 243 -17.67 -24.01 33.51
C THR B 243 -16.67 -22.87 33.47
N VAL B 244 -17.05 -21.77 34.10
CA VAL B 244 -16.14 -20.65 34.35
C VAL B 244 -16.20 -20.29 35.83
N LEU B 245 -15.07 -19.85 36.37
CA LEU B 245 -15.05 -19.35 37.75
C LEU B 245 -15.34 -17.86 37.76
N THR B 246 -16.43 -17.48 38.42
CA THR B 246 -16.80 -16.07 38.56
C THR B 246 -16.17 -15.48 39.83
N PRO B 247 -16.05 -14.14 39.89
CA PRO B 247 -15.47 -13.50 41.08
C PRO B 247 -16.45 -13.33 42.26
N ASN B 248 -17.69 -13.78 42.09
CA ASN B 248 -18.73 -13.59 43.11
C ASN B 248 -19.71 -14.75 43.26
N GLN B 249 -20.61 -14.65 44.24
CA GLN B 249 -21.64 -15.67 44.49
C GLN B 249 -22.94 -15.07 45.03
N GLN B 250 -24.05 -15.72 44.73
CA GLN B 250 -25.39 -15.26 45.12
C GLN B 250 -26.08 -16.23 46.05
N THR B 251 -27.17 -15.78 46.66
CA THR B 251 -27.89 -16.56 47.67
C THR B 251 -28.98 -17.47 47.08
N SER B 252 -29.36 -17.20 45.83
CA SER B 252 -30.31 -18.05 45.12
C SER B 252 -29.74 -18.51 43.77
N ASP B 253 -30.27 -19.63 43.27
CA ASP B 253 -29.87 -20.19 41.97
C ASP B 253 -30.20 -19.25 40.83
N LEU B 254 -29.29 -19.15 39.87
CA LEU B 254 -29.49 -18.32 38.69
C LEU B 254 -29.58 -19.18 37.43
N ASN B 255 -30.46 -18.78 36.51
CA ASN B 255 -30.66 -19.47 35.24
C ASN B 255 -31.22 -18.50 34.19
N ASN B 256 -30.43 -18.21 33.16
CA ASN B 256 -30.81 -17.22 32.15
C ASN B 256 -31.72 -17.73 31.03
N ALA B 257 -32.45 -18.81 31.31
CA ALA B 257 -33.41 -19.35 30.36
C ALA B 257 -34.29 -18.25 29.78
N GLY B 258 -34.45 -18.26 28.45
CA GLY B 258 -35.29 -17.28 27.77
C GLY B 258 -34.66 -15.91 27.55
N LYS B 259 -33.43 -15.72 28.05
CA LYS B 259 -32.76 -14.43 27.93
C LYS B 259 -31.65 -14.44 26.88
N ASN B 260 -31.60 -13.37 26.09
CA ASN B 260 -30.61 -13.21 25.02
C ASN B 260 -29.26 -12.72 25.51
N TRP B 261 -28.19 -13.41 25.10
CA TRP B 261 -26.83 -13.07 25.52
C TRP B 261 -25.79 -13.41 24.43
N HIS B 262 -24.52 -13.13 24.71
CA HIS B 262 -23.46 -13.28 23.70
C HIS B 262 -22.18 -13.92 24.24
N MET B 263 -21.62 -14.84 23.44
CA MET B 263 -20.27 -15.42 23.61
C MET B 263 -19.60 -15.32 22.23
N GLY B 264 -18.27 -15.29 22.07
CA GLY B 264 -17.28 -15.21 23.11
C GLY B 264 -15.89 -15.84 22.88
N THR B 265 -15.58 -16.44 21.72
CA THR B 265 -14.29 -17.16 21.59
C THR B 265 -13.15 -16.42 20.86
N SER B 266 -11.91 -16.85 21.10
CA SER B 266 -10.74 -16.21 20.49
C SER B 266 -9.57 -17.14 20.19
N PHE B 267 -9.22 -17.22 18.91
CA PHE B 267 -8.02 -17.87 18.42
C PHE B 267 -6.77 -17.21 19.03
N HIS B 268 -6.74 -15.88 18.92
CA HIS B 268 -5.61 -15.04 19.35
CA HIS B 268 -5.57 -15.12 19.34
C HIS B 268 -5.31 -15.13 20.86
N LYS B 269 -6.37 -15.12 21.67
CA LYS B 269 -6.22 -15.12 23.13
C LYS B 269 -6.17 -16.50 23.78
N SER B 270 -6.21 -17.55 22.96
CA SER B 270 -6.10 -18.92 23.46
C SER B 270 -4.77 -19.53 23.01
N PRO B 271 -4.13 -20.33 23.89
CA PRO B 271 -2.87 -20.97 23.51
C PRO B 271 -3.11 -22.14 22.55
N TRP B 272 -2.08 -22.51 21.79
CA TRP B 272 -2.07 -23.78 21.07
C TRP B 272 -2.04 -24.93 22.09
N ARG B 273 -2.81 -25.98 21.83
CA ARG B 273 -2.52 -27.28 22.45
C ARG B 273 -1.54 -27.99 21.51
N LYS B 274 -0.41 -28.39 22.06
CA LYS B 274 0.64 -29.00 21.26
C LYS B 274 0.89 -30.43 21.72
N THR B 275 0.70 -31.37 20.79
CA THR B 275 0.88 -32.79 21.07
C THR B 275 2.08 -33.31 20.28
N ASP B 276 3.15 -33.62 21.01
CA ASP B 276 4.38 -34.12 20.41
C ASP B 276 4.19 -35.56 19.95
N LEU B 277 4.37 -35.80 18.65
CA LEU B 277 4.23 -37.13 18.07
C LEU B 277 5.60 -37.77 17.77
N GLY B 278 6.66 -37.09 18.18
CA GLY B 278 8.02 -37.54 17.93
C GLY B 278 8.35 -37.57 16.46
N LEU B 279 9.41 -38.29 16.10
CA LEU B 279 9.70 -38.55 14.71
C LEU B 279 8.92 -39.78 14.29
N ILE B 280 7.75 -39.55 13.67
CA ILE B 280 6.89 -40.62 13.18
C ILE B 280 7.67 -41.44 12.14
N PRO B 281 7.75 -42.78 12.35
CA PRO B 281 8.54 -43.63 11.47
C PRO B 281 7.99 -43.63 10.05
N SER B 282 8.89 -43.79 9.08
CA SER B 282 8.54 -43.89 7.67
C SER B 282 7.61 -42.77 7.18
N VAL B 283 8.02 -41.52 7.44
CA VAL B 283 7.29 -40.33 6.98
C VAL B 283 8.28 -39.29 6.46
N THR B 284 8.03 -38.81 5.24
CA THR B 284 8.80 -37.73 4.65
C THR B 284 8.04 -36.40 4.80
N GLU B 285 6.77 -36.40 4.44
CA GLU B 285 5.90 -35.23 4.54
C GLU B 285 4.48 -35.63 4.97
N VAL B 286 3.86 -34.81 5.81
CA VAL B 286 2.44 -34.92 6.09
C VAL B 286 1.74 -33.82 5.29
N HIS B 287 0.70 -34.20 4.54
CA HIS B 287 0.14 -33.33 3.50
C HIS B 287 -1.35 -33.59 3.35
N SER B 288 -2.14 -32.51 3.36
CA SER B 288 -3.61 -32.57 3.15
C SER B 288 -4.38 -32.99 4.39
N PHE B 289 -5.67 -32.67 4.41
CA PHE B 289 -6.52 -32.74 5.59
C PHE B 289 -7.96 -33.04 5.17
N ALA B 290 -8.56 -34.04 5.79
CA ALA B 290 -9.96 -34.38 5.54
C ALA B 290 -10.71 -34.52 6.85
N THR B 291 -11.59 -33.56 7.13
CA THR B 291 -12.46 -33.66 8.30
C THR B 291 -13.35 -34.88 8.10
N ILE B 292 -13.42 -35.75 9.10
CA ILE B 292 -14.21 -36.98 9.00
C ILE B 292 -15.58 -36.79 9.66
N ASP B 293 -15.57 -36.34 10.91
CA ASP B 293 -16.82 -36.14 11.65
C ASP B 293 -16.62 -35.15 12.80
N ASN B 294 -17.49 -35.23 13.81
CA ASN B 294 -17.43 -34.35 14.98
C ASN B 294 -16.24 -34.65 15.92
N ASN B 295 -15.54 -35.75 15.66
CA ASN B 295 -14.49 -36.23 16.55
C ASN B 295 -13.08 -36.22 16.00
N GLY B 296 -12.95 -36.35 14.68
CA GLY B 296 -11.63 -36.53 14.09
C GLY B 296 -11.52 -36.26 12.60
N PHE B 297 -10.35 -36.60 12.08
CA PHE B 297 -9.96 -36.21 10.73
C PHE B 297 -8.82 -37.11 10.26
N ALA B 298 -8.52 -37.04 8.97
CA ALA B 298 -7.36 -37.73 8.42
C ALA B 298 -6.39 -36.72 7.84
N MET B 299 -5.10 -37.08 7.88
CA MET B 299 -4.05 -36.28 7.24
C MET B 299 -3.27 -37.20 6.30
N GLY B 300 -2.97 -36.73 5.09
CA GLY B 300 -2.21 -37.53 4.13
C GLY B 300 -0.74 -37.57 4.46
N TYR B 301 -0.03 -38.58 3.96
CA TYR B 301 1.41 -38.65 4.12
C TYR B 301 2.05 -39.46 2.99
N HIS B 302 3.36 -39.30 2.84
CA HIS B 302 4.16 -40.20 2.03
C HIS B 302 5.57 -40.34 2.60
N GLN B 303 6.25 -41.42 2.22
CA GLN B 303 7.66 -41.64 2.57
C GLN B 303 8.43 -41.86 1.28
N GLY B 304 9.39 -40.97 1.01
CA GLY B 304 10.15 -41.00 -0.24
C GLY B 304 11.65 -40.80 -0.08
N ASP B 305 12.15 -41.01 1.12
CA ASP B 305 13.58 -40.87 1.41
C ASP B 305 14.34 -42.17 1.19
N VAL B 306 13.73 -43.29 1.59
CA VAL B 306 14.31 -44.62 1.41
C VAL B 306 13.33 -45.55 0.70
N ALA B 307 13.83 -46.69 0.23
CA ALA B 307 12.99 -47.74 -0.36
C ALA B 307 12.48 -48.71 0.72
N PRO B 308 11.24 -49.21 0.59
CA PRO B 308 10.28 -48.86 -0.46
C PRO B 308 9.47 -47.61 -0.10
N ARG B 309 8.86 -47.01 -1.12
CA ARG B 309 8.03 -45.82 -0.95
C ARG B 309 6.70 -46.18 -0.25
N GLU B 310 6.23 -45.27 0.61
CA GLU B 310 4.92 -45.39 1.25
C GLU B 310 4.06 -44.19 0.89
N VAL B 311 2.78 -44.44 0.60
CA VAL B 311 1.79 -43.37 0.42
C VAL B 311 0.50 -43.79 1.15
N GLY B 312 -0.09 -42.86 1.91
CA GLY B 312 -1.35 -43.14 2.58
C GLY B 312 -1.85 -42.00 3.42
N LEU B 313 -2.45 -42.34 4.56
CA LEU B 313 -3.02 -41.35 5.47
C LEU B 313 -2.88 -41.77 6.93
N PHE B 314 -2.92 -40.78 7.82
CA PHE B 314 -3.04 -41.00 9.25
C PHE B 314 -4.43 -40.54 9.69
N TYR B 315 -5.21 -41.49 10.18
CA TYR B 315 -6.54 -41.20 10.68
C TYR B 315 -6.47 -40.96 12.19
N PHE B 316 -6.93 -39.78 12.61
CA PHE B 316 -7.05 -39.43 14.03
C PHE B 316 -8.53 -39.56 14.43
N PRO B 317 -8.96 -40.74 14.93
CA PRO B 317 -10.39 -40.99 15.15
C PRO B 317 -11.04 -40.09 16.21
N ASP B 318 -10.29 -39.74 17.24
CA ASP B 318 -10.78 -38.84 18.30
C ASP B 318 -9.68 -37.87 18.72
N ALA B 319 -9.48 -36.84 17.90
CA ALA B 319 -8.43 -35.85 18.11
C ALA B 319 -8.63 -35.00 19.37
N PHE B 320 -9.85 -34.97 19.89
CA PHE B 320 -10.16 -34.17 21.09
C PHE B 320 -9.71 -34.81 22.39
N ASN B 321 -10.08 -36.07 22.59
CA ASN B 321 -9.67 -36.81 23.78
C ASN B 321 -8.31 -37.48 23.61
N SER B 322 -7.98 -37.85 22.37
CA SER B 322 -6.80 -38.65 22.10
C SER B 322 -5.99 -38.15 20.90
N PRO B 323 -5.38 -36.95 21.01
CA PRO B 323 -4.62 -36.39 19.89
C PRO B 323 -3.38 -37.19 19.49
N SER B 324 -2.90 -38.06 20.36
CA SER B 324 -1.74 -38.90 20.07
CA SER B 324 -1.73 -38.90 20.08
C SER B 324 -2.10 -40.17 19.30
N ASN B 325 -3.38 -40.52 19.30
CA ASN B 325 -3.83 -41.73 18.60
C ASN B 325 -4.15 -41.48 17.14
N TYR B 326 -3.27 -41.98 16.28
CA TYR B 326 -3.50 -41.96 14.83
C TYR B 326 -3.36 -43.37 14.26
N VAL B 327 -4.03 -43.59 13.13
CA VAL B 327 -4.09 -44.90 12.50
C VAL B 327 -3.52 -44.83 11.09
N ARG B 328 -2.40 -45.52 10.86
CA ARG B 328 -1.71 -45.50 9.57
C ARG B 328 -2.37 -46.42 8.55
N ARG B 329 -2.75 -45.86 7.41
CA ARG B 329 -3.40 -46.65 6.35
C ARG B 329 -2.82 -46.33 4.98
N GLN B 330 -2.22 -47.33 4.34
CA GLN B 330 -1.59 -47.15 3.03
C GLN B 330 -2.56 -47.40 1.88
N ILE B 331 -2.27 -46.76 0.76
CA ILE B 331 -2.94 -47.09 -0.50
C ILE B 331 -2.38 -48.43 -1.01
N PRO B 332 -3.04 -49.05 -2.01
CA PRO B 332 -2.54 -50.34 -2.52
C PRO B 332 -1.09 -50.25 -2.98
N SER B 333 -0.36 -51.35 -2.78
CA SER B 333 1.08 -51.39 -3.01
CA SER B 333 1.08 -51.39 -3.01
C SER B 333 1.51 -50.96 -4.41
N GLU B 334 0.76 -51.39 -5.43
CA GLU B 334 1.14 -51.09 -6.82
C GLU B 334 1.08 -49.60 -7.21
N TYR B 335 0.40 -48.79 -6.38
CA TYR B 335 0.26 -47.36 -6.65
C TYR B 335 1.21 -46.49 -5.83
N GLU B 336 2.00 -47.13 -4.96
CA GLU B 336 2.93 -46.41 -4.09
C GLU B 336 4.23 -45.99 -4.76
N PRO B 337 4.77 -46.81 -5.69
CA PRO B 337 5.99 -46.37 -6.37
C PRO B 337 5.78 -45.07 -7.13
N ASP B 338 6.80 -44.20 -7.07
CA ASP B 338 6.82 -42.96 -7.86
C ASP B 338 5.65 -42.02 -7.54
N ALA B 339 5.22 -42.01 -6.28
CA ALA B 339 4.08 -41.19 -5.86
C ALA B 339 4.34 -40.48 -4.54
N SER B 340 3.67 -39.35 -4.33
CA SER B 340 3.87 -38.56 -3.12
C SER B 340 2.64 -37.68 -2.84
N GLU B 341 2.70 -36.97 -1.72
CA GLU B 341 1.80 -35.85 -1.40
C GLU B 341 0.33 -36.07 -1.82
N PRO B 342 -0.34 -37.03 -1.16
CA PRO B 342 -1.73 -37.29 -1.51
C PRO B 342 -2.67 -36.19 -1.02
N CYS B 343 -3.62 -35.82 -1.86
CA CYS B 343 -4.71 -34.95 -1.45
C CYS B 343 -5.87 -35.84 -1.03
N ILE B 344 -6.46 -35.56 0.12
CA ILE B 344 -7.56 -36.36 0.64
C ILE B 344 -8.77 -35.52 1.03
N LYS B 345 -9.95 -36.00 0.66
CA LYS B 345 -11.21 -35.38 1.08
C LYS B 345 -12.27 -36.45 1.32
N TYR B 346 -13.26 -36.10 2.13
CA TYR B 346 -14.27 -37.04 2.59
C TYR B 346 -15.67 -36.51 2.31
N TYR B 347 -16.41 -37.24 1.49
CA TYR B 347 -17.76 -36.82 1.10
C TYR B 347 -18.76 -37.98 1.20
N ASP B 348 -19.82 -37.76 1.97
CA ASP B 348 -20.94 -38.71 2.08
C ASP B 348 -20.48 -40.17 2.28
N GLY B 349 -19.62 -40.36 3.27
CA GLY B 349 -19.12 -41.69 3.62
C GLY B 349 -18.02 -42.24 2.74
N VAL B 350 -17.55 -41.44 1.77
CA VAL B 350 -16.47 -41.88 0.88
C VAL B 350 -15.21 -41.03 1.06
N LEU B 351 -14.10 -41.70 1.31
CA LEU B 351 -12.80 -41.04 1.37
C LEU B 351 -12.11 -41.14 0.01
N TYR B 352 -11.77 -39.99 -0.56
CA TYR B 352 -11.10 -39.91 -1.85
C TYR B 352 -9.66 -39.47 -1.67
N LEU B 353 -8.74 -40.09 -2.41
CA LEU B 353 -7.31 -39.80 -2.34
C LEU B 353 -6.70 -39.72 -3.74
N ILE B 354 -5.95 -38.66 -4.00
CA ILE B 354 -5.25 -38.49 -5.29
C ILE B 354 -3.77 -38.19 -5.06
N THR B 355 -2.90 -38.97 -5.70
CA THR B 355 -1.45 -38.84 -5.50
C THR B 355 -0.82 -37.88 -6.51
N ARG B 356 0.37 -37.40 -6.16
CA ARG B 356 1.27 -36.70 -7.07
C ARG B 356 2.26 -37.70 -7.64
N GLY B 357 2.49 -37.65 -8.95
CA GLY B 357 3.54 -38.44 -9.60
C GLY B 357 4.91 -37.79 -9.46
N THR B 358 5.93 -38.59 -9.20
CA THR B 358 7.29 -38.07 -9.02
C THR B 358 8.01 -37.77 -10.33
N ARG B 359 7.70 -38.54 -11.38
CA ARG B 359 8.39 -38.38 -12.67
C ARG B 359 7.54 -38.72 -13.89
N GLY B 360 7.81 -38.04 -15.00
CA GLY B 360 7.03 -38.15 -16.22
C GLY B 360 7.23 -39.40 -17.05
N ASP B 361 8.28 -40.17 -16.73
CA ASP B 361 8.61 -41.39 -17.46
C ASP B 361 8.12 -42.66 -16.77
N ARG B 362 7.31 -42.47 -15.72
CA ARG B 362 6.75 -43.58 -14.96
C ARG B 362 5.30 -43.29 -14.63
N LEU B 363 4.51 -44.34 -14.42
CA LEU B 363 3.11 -44.23 -14.05
CA LEU B 363 3.10 -44.22 -14.06
C LEU B 363 2.92 -43.20 -12.93
N GLY B 364 2.00 -42.26 -13.13
CA GLY B 364 1.87 -41.11 -12.24
C GLY B 364 0.64 -41.09 -11.36
N SER B 365 0.05 -39.90 -11.24
CA SER B 365 -1.09 -39.68 -10.35
C SER B 365 -2.15 -40.76 -10.47
N SER B 366 -2.60 -41.26 -9.32
CA SER B 366 -3.68 -42.23 -9.27
C SER B 366 -4.75 -41.76 -8.30
N LEU B 367 -5.98 -42.24 -8.52
CA LEU B 367 -7.14 -41.86 -7.72
C LEU B 367 -7.67 -43.09 -6.99
N HIS B 368 -8.11 -42.87 -5.74
CA HIS B 368 -8.54 -43.96 -4.86
C HIS B 368 -9.77 -43.56 -4.07
N ARG B 369 -10.70 -44.49 -3.91
CA ARG B 369 -11.86 -44.25 -3.06
C ARG B 369 -12.08 -45.39 -2.05
N SER B 370 -12.61 -45.02 -0.89
CA SER B 370 -12.80 -45.96 0.21
C SER B 370 -14.08 -45.67 0.98
N ARG B 371 -14.82 -46.72 1.32
CA ARG B 371 -16.02 -46.57 2.14
C ARG B 371 -15.76 -46.94 3.61
N ASP B 372 -14.50 -47.18 3.94
CA ASP B 372 -14.11 -47.50 5.32
C ASP B 372 -12.88 -46.70 5.77
N ILE B 373 -12.82 -45.44 5.35
CA ILE B 373 -11.75 -44.50 5.72
C ILE B 373 -10.34 -45.09 5.51
N GLY B 374 -10.14 -45.69 4.34
CA GLY B 374 -8.81 -46.12 3.91
C GLY B 374 -8.39 -47.53 4.26
N GLN B 375 -9.29 -48.31 4.85
CA GLN B 375 -8.98 -49.71 5.17
C GLN B 375 -8.94 -50.58 3.91
N THR B 376 -9.87 -50.34 2.99
CA THR B 376 -9.86 -50.98 1.67
C THR B 376 -10.10 -49.91 0.60
N TRP B 377 -9.64 -50.17 -0.62
CA TRP B 377 -9.65 -49.16 -1.69
C TRP B 377 -10.20 -49.67 -3.01
N GLU B 378 -10.76 -48.74 -3.80
CA GLU B 378 -10.94 -48.95 -5.23
C GLU B 378 -10.07 -47.91 -5.92
N SER B 379 -9.37 -48.32 -6.97
CA SER B 379 -8.30 -47.48 -7.53
C SER B 379 -8.37 -47.32 -9.05
N LEU B 380 -7.87 -46.18 -9.52
CA LEU B 380 -7.65 -45.97 -10.95
C LEU B 380 -6.43 -45.08 -11.19
N ARG B 381 -5.78 -45.28 -12.32
CA ARG B 381 -4.59 -44.53 -12.70
C ARG B 381 -4.97 -43.51 -13.76
N PHE B 382 -4.55 -42.25 -13.59
CA PHE B 382 -4.72 -41.25 -14.64
C PHE B 382 -3.82 -41.60 -15.80
N PRO B 383 -4.31 -41.47 -17.05
CA PRO B 383 -3.45 -41.76 -18.19
C PRO B 383 -2.34 -40.72 -18.31
N HIS B 384 -1.25 -41.14 -18.95
CA HIS B 384 -0.16 -40.24 -19.38
C HIS B 384 0.69 -39.64 -18.24
N ASN B 385 0.95 -40.45 -17.21
CA ASN B 385 1.97 -40.14 -16.21
C ASN B 385 1.91 -38.71 -15.65
N VAL B 386 0.77 -38.33 -15.08
CA VAL B 386 0.64 -36.99 -14.46
C VAL B 386 1.63 -36.88 -13.31
N HIS B 387 2.46 -35.84 -13.35
CA HIS B 387 3.60 -35.74 -12.44
C HIS B 387 3.90 -34.29 -12.04
N HIS B 388 4.62 -34.12 -10.94
CA HIS B 388 5.14 -32.82 -10.45
C HIS B 388 4.09 -31.89 -9.83
N THR B 389 2.82 -32.26 -9.97
CA THR B 389 1.74 -31.48 -9.38
C THR B 389 0.92 -32.32 -8.40
N THR B 390 0.49 -31.69 -7.32
CA THR B 390 -0.57 -32.26 -6.50
C THR B 390 -1.86 -31.98 -7.24
N LEU B 391 -2.91 -32.74 -6.93
CA LEU B 391 -4.20 -32.55 -7.58
C LEU B 391 -5.30 -32.31 -6.53
N PRO B 392 -5.28 -31.14 -5.89
CA PRO B 392 -6.33 -30.85 -4.91
C PRO B 392 -7.68 -30.75 -5.61
N PHE B 393 -8.73 -31.09 -4.89
CA PHE B 393 -10.03 -31.29 -5.49
C PHE B 393 -11.16 -31.09 -4.49
N ALA B 394 -12.35 -30.89 -5.02
CA ALA B 394 -13.57 -30.98 -4.24
C ALA B 394 -14.59 -31.81 -5.03
N LYS B 395 -15.62 -32.31 -4.34
CA LYS B 395 -16.71 -33.02 -5.01
C LYS B 395 -17.95 -32.12 -5.07
N VAL B 396 -18.44 -31.88 -6.28
CA VAL B 396 -19.67 -31.13 -6.51
C VAL B 396 -20.59 -32.02 -7.35
N GLY B 397 -21.71 -32.43 -6.75
CA GLY B 397 -22.61 -33.37 -7.40
C GLY B 397 -21.89 -34.69 -7.64
N ASP B 398 -21.98 -35.21 -8.85
CA ASP B 398 -21.36 -36.49 -9.18
C ASP B 398 -19.90 -36.37 -9.62
N ASP B 399 -19.37 -35.14 -9.63
CA ASP B 399 -18.04 -34.89 -10.17
C ASP B 399 -17.00 -34.53 -9.11
N LEU B 400 -15.84 -35.16 -9.20
CA LEU B 400 -14.65 -34.64 -8.58
C LEU B 400 -14.15 -33.53 -9.49
N ILE B 401 -13.90 -32.36 -8.92
CA ILE B 401 -13.33 -31.25 -9.69
C ILE B 401 -11.91 -31.03 -9.17
N MET B 402 -10.92 -31.34 -10.01
CA MET B 402 -9.52 -31.33 -9.60
CA MET B 402 -9.51 -31.37 -9.63
C MET B 402 -8.72 -30.29 -10.36
N PHE B 403 -7.74 -29.70 -9.68
CA PHE B 403 -6.89 -28.67 -10.28
C PHE B 403 -5.42 -29.07 -10.24
N GLY B 404 -4.67 -28.72 -11.29
CA GLY B 404 -3.24 -29.01 -11.35
C GLY B 404 -2.47 -27.98 -12.15
N SER B 405 -1.18 -27.84 -11.85
CA SER B 405 -0.32 -26.90 -12.57
C SER B 405 1.03 -27.54 -12.86
N GLU B 406 1.45 -27.51 -14.12
CA GLU B 406 2.85 -27.82 -14.43
C GLU B 406 3.72 -26.73 -13.79
N ARG B 407 4.91 -27.10 -13.37
CA ARG B 407 5.78 -26.19 -12.61
C ARG B 407 6.52 -25.24 -13.54
N ALA B 408 6.74 -25.68 -14.77
CA ALA B 408 7.33 -24.90 -15.84
C ALA B 408 6.64 -25.31 -17.14
N GLU B 409 6.68 -24.44 -18.16
CA GLU B 409 5.98 -24.69 -19.41
C GLU B 409 6.42 -25.99 -20.06
N ASN B 410 5.44 -26.74 -20.58
CA ASN B 410 5.66 -27.95 -21.37
C ASN B 410 6.23 -29.15 -20.61
N GLU B 411 5.86 -29.26 -19.34
CA GLU B 411 6.27 -30.38 -18.49
C GLU B 411 5.13 -31.36 -18.21
N TRP B 412 3.90 -30.97 -18.52
CA TRP B 412 2.71 -31.74 -18.13
C TRP B 412 2.70 -33.16 -18.70
N GLU B 413 2.99 -33.26 -20.00
CA GLU B 413 2.84 -34.52 -20.74
C GLU B 413 3.74 -35.64 -20.25
N ALA B 414 3.29 -36.89 -20.45
CA ALA B 414 4.12 -38.06 -20.20
C ALA B 414 5.37 -38.00 -21.05
N GLY B 415 6.51 -38.29 -20.42
CA GLY B 415 7.81 -38.27 -21.09
C GLY B 415 8.43 -36.90 -21.32
N ALA B 416 7.69 -35.84 -20.97
CA ALA B 416 8.21 -34.48 -21.14
C ALA B 416 9.28 -34.17 -20.09
N PRO B 417 10.51 -33.86 -20.55
CA PRO B 417 11.59 -33.57 -19.60
C PRO B 417 11.37 -32.22 -18.91
N ASP B 418 11.95 -32.07 -17.72
CA ASP B 418 11.94 -30.79 -17.03
C ASP B 418 12.53 -29.70 -17.91
N ASP B 419 11.93 -28.51 -17.85
CA ASP B 419 12.38 -27.38 -18.65
C ASP B 419 12.57 -26.18 -17.74
N ARG B 420 13.77 -26.09 -17.17
CA ARG B 420 14.08 -25.08 -16.17
C ARG B 420 15.21 -24.17 -16.65
N TYR B 421 15.56 -23.17 -15.83
CA TYR B 421 16.63 -22.20 -16.14
C TYR B 421 16.33 -21.27 -17.34
N LYS B 422 15.08 -21.24 -17.78
CA LYS B 422 14.62 -20.20 -18.69
C LYS B 422 13.20 -19.81 -18.34
N ALA B 423 12.88 -18.52 -18.50
CA ALA B 423 11.53 -18.03 -18.27
C ALA B 423 10.54 -18.74 -19.20
N SER B 424 9.38 -19.10 -18.66
CA SER B 424 8.31 -19.69 -19.47
C SER B 424 6.92 -19.45 -18.87
N TYR B 425 5.89 -19.94 -19.54
CA TYR B 425 4.49 -19.73 -19.12
C TYR B 425 3.77 -21.05 -18.86
N PRO B 426 3.98 -21.65 -17.66
CA PRO B 426 3.36 -22.93 -17.31
C PRO B 426 1.83 -22.92 -17.33
N ARG B 427 1.26 -24.02 -17.85
CA ARG B 427 -0.18 -24.19 -17.98
C ARG B 427 -0.80 -24.75 -16.71
N THR B 428 -1.92 -24.16 -16.30
CA THR B 428 -2.72 -24.66 -15.19
C THR B 428 -4.00 -25.27 -15.74
N PHE B 429 -4.36 -26.45 -15.24
CA PHE B 429 -5.50 -27.21 -15.75
C PHE B 429 -6.51 -27.52 -14.65
N TYR B 430 -7.75 -27.77 -15.06
CA TYR B 430 -8.71 -28.46 -14.20
C TYR B 430 -9.36 -29.60 -15.00
N ALA B 431 -9.94 -30.55 -14.28
CA ALA B 431 -10.67 -31.64 -14.92
C ALA B 431 -11.79 -32.13 -14.01
N ARG B 432 -12.84 -32.66 -14.65
CA ARG B 432 -13.95 -33.29 -13.94
C ARG B 432 -13.87 -34.80 -14.11
N LEU B 433 -14.16 -35.53 -13.04
CA LEU B 433 -14.25 -36.98 -13.08
C LEU B 433 -15.56 -37.42 -12.41
N ASN B 434 -16.43 -38.02 -13.20
CA ASN B 434 -17.70 -38.57 -12.69
C ASN B 434 -17.43 -39.83 -11.87
N VAL B 435 -17.83 -39.80 -10.60
CA VAL B 435 -17.54 -40.90 -9.67
C VAL B 435 -18.35 -42.18 -9.92
N ASN B 436 -19.50 -42.03 -10.57
CA ASN B 436 -20.32 -43.18 -10.94
C ASN B 436 -19.68 -43.99 -12.06
N ASN B 437 -19.13 -43.29 -13.05
CA ASN B 437 -18.46 -43.91 -14.18
C ASN B 437 -17.10 -44.49 -13.84
N TRP B 438 -16.44 -43.89 -12.83
CA TRP B 438 -15.15 -44.37 -12.30
C TRP B 438 -14.17 -44.84 -13.38
N ASN B 439 -13.92 -43.98 -14.37
CA ASN B 439 -12.96 -44.27 -15.43
C ASN B 439 -12.25 -43.01 -15.89
N ALA B 440 -10.93 -43.00 -15.78
CA ALA B 440 -10.15 -41.82 -16.13
C ALA B 440 -9.55 -41.85 -17.53
N ASP B 441 -9.83 -42.92 -18.29
CA ASP B 441 -9.27 -43.07 -19.63
C ASP B 441 -9.48 -41.86 -20.53
N ASP B 442 -10.68 -41.29 -20.47
CA ASP B 442 -11.02 -40.16 -21.33
C ASP B 442 -11.05 -38.80 -20.62
N ILE B 443 -10.40 -38.71 -19.46
CA ILE B 443 -10.34 -37.46 -18.69
C ILE B 443 -9.86 -36.29 -19.56
N GLU B 444 -10.49 -35.12 -19.36
CA GLU B 444 -10.17 -33.95 -20.16
C GLU B 444 -9.56 -32.86 -19.30
N TRP B 445 -8.24 -32.70 -19.41
CA TRP B 445 -7.52 -31.62 -18.72
C TRP B 445 -7.66 -30.34 -19.50
N VAL B 446 -8.27 -29.34 -18.85
CA VAL B 446 -8.61 -28.08 -19.52
C VAL B 446 -7.72 -26.96 -18.98
N ASN B 447 -6.88 -26.42 -19.87
CA ASN B 447 -5.98 -25.31 -19.57
C ASN B 447 -6.81 -24.02 -19.46
N ILE B 448 -6.89 -23.49 -18.25
CA ILE B 448 -7.79 -22.37 -17.95
C ILE B 448 -7.07 -21.05 -17.64
N THR B 449 -5.79 -21.16 -17.29
CA THR B 449 -4.95 -20.00 -16.99
C THR B 449 -3.48 -20.40 -17.16
N ASP B 450 -2.64 -19.44 -17.52
CA ASP B 450 -1.19 -19.65 -17.59
C ASP B 450 -0.48 -18.78 -16.55
N GLN B 451 0.52 -19.35 -15.90
CA GLN B 451 1.33 -18.65 -14.90
C GLN B 451 2.69 -18.32 -15.50
N ILE B 452 3.57 -17.72 -14.69
CA ILE B 452 4.95 -17.48 -15.11
C ILE B 452 5.90 -18.28 -14.22
N TYR B 453 6.86 -18.96 -14.85
CA TYR B 453 8.02 -19.52 -14.15
C TYR B 453 9.20 -18.61 -14.47
N GLN B 454 9.87 -18.10 -13.44
CA GLN B 454 10.89 -17.06 -13.63
C GLN B 454 12.17 -17.55 -14.29
N GLY B 455 12.72 -18.67 -13.77
CA GLY B 455 13.86 -19.33 -14.41
C GLY B 455 15.24 -19.00 -13.88
N GLY B 456 15.31 -18.08 -12.92
CA GLY B 456 16.58 -17.72 -12.29
C GLY B 456 17.17 -18.79 -11.40
N ILE B 457 16.31 -19.69 -10.92
CA ILE B 457 16.73 -20.92 -10.24
C ILE B 457 15.93 -22.11 -10.77
N VAL B 458 16.42 -23.33 -10.51
CA VAL B 458 15.78 -24.55 -11.00
C VAL B 458 14.40 -24.79 -10.37
N ASN B 459 14.26 -24.41 -9.10
CA ASN B 459 13.01 -24.58 -8.34
C ASN B 459 11.89 -23.69 -8.85
N SER B 460 10.66 -24.17 -8.72
CA SER B 460 9.48 -23.41 -9.12
C SER B 460 8.44 -23.36 -7.99
N GLY B 461 7.90 -22.17 -7.74
CA GLY B 461 6.83 -22.02 -6.76
C GLY B 461 5.44 -22.12 -7.38
N VAL B 462 5.41 -22.38 -8.69
CA VAL B 462 4.16 -22.48 -9.44
C VAL B 462 3.36 -23.70 -8.98
N GLY B 463 2.07 -23.51 -8.75
CA GLY B 463 1.14 -24.60 -8.46
C GLY B 463 1.16 -25.08 -7.03
N VAL B 464 1.29 -26.40 -6.86
CA VAL B 464 1.18 -27.10 -5.57
C VAL B 464 0.17 -26.55 -4.57
N GLY B 465 -1.07 -26.38 -5.04
CA GLY B 465 -2.06 -25.63 -4.32
C GLY B 465 -3.07 -26.37 -3.46
N SER B 466 -4.24 -25.76 -3.32
CA SER B 466 -5.29 -26.26 -2.44
C SER B 466 -6.64 -25.76 -2.96
N VAL B 467 -7.70 -26.49 -2.64
CA VAL B 467 -9.03 -26.22 -3.21
C VAL B 467 -10.11 -26.22 -2.12
N VAL B 468 -11.02 -25.24 -2.20
CA VAL B 468 -12.23 -25.21 -1.39
C VAL B 468 -13.45 -24.83 -2.24
N VAL B 469 -14.63 -25.18 -1.74
CA VAL B 469 -15.88 -24.71 -2.30
C VAL B 469 -16.55 -23.83 -1.26
N LYS B 470 -17.01 -22.65 -1.67
CA LYS B 470 -17.88 -21.83 -0.82
C LYS B 470 -19.09 -21.43 -1.64
N ASP B 471 -20.27 -21.82 -1.15
CA ASP B 471 -21.53 -21.60 -1.88
C ASP B 471 -21.41 -22.26 -3.27
N ASN B 472 -21.72 -21.52 -4.34
CA ASN B 472 -21.71 -22.02 -5.71
CA ASN B 472 -21.65 -22.15 -5.67
C ASN B 472 -20.40 -21.75 -6.47
N TYR B 473 -19.30 -21.55 -5.74
CA TYR B 473 -17.99 -21.28 -6.36
C TYR B 473 -16.93 -22.24 -5.83
N ILE B 474 -16.03 -22.63 -6.72
CA ILE B 474 -14.85 -23.40 -6.33
C ILE B 474 -13.62 -22.49 -6.43
N TYR B 475 -12.68 -22.69 -5.51
CA TYR B 475 -11.49 -21.84 -5.41
C TYR B 475 -10.24 -22.70 -5.41
N TYR B 476 -9.32 -22.41 -6.33
CA TYR B 476 -8.02 -23.07 -6.40
C TYR B 476 -6.95 -22.04 -6.04
N MET B 477 -6.35 -22.22 -4.87
CA MET B 477 -5.31 -21.32 -4.38
C MET B 477 -3.96 -21.98 -4.61
N PHE B 478 -3.08 -21.27 -5.29
CA PHE B 478 -1.84 -21.85 -5.80
C PHE B 478 -0.77 -20.79 -6.09
N GLY B 479 0.46 -21.25 -6.24
CA GLY B 479 1.59 -20.37 -6.50
C GLY B 479 1.80 -20.00 -7.95
N GLY B 480 2.42 -18.85 -8.15
CA GLY B 480 2.82 -18.39 -9.47
C GLY B 480 3.95 -17.39 -9.30
N GLU B 481 4.82 -17.31 -10.30
CA GLU B 481 5.96 -16.40 -10.22
C GLU B 481 5.77 -15.20 -11.17
N ASP B 482 6.78 -14.34 -11.25
CA ASP B 482 6.79 -13.22 -12.20
C ASP B 482 8.19 -13.17 -12.82
N HIS B 483 8.49 -12.19 -13.66
CA HIS B 483 9.80 -12.16 -14.34
C HIS B 483 10.95 -11.59 -13.51
N PHE B 484 10.71 -11.24 -12.26
CA PHE B 484 11.76 -10.63 -11.42
C PHE B 484 12.67 -11.68 -10.80
N ASN B 485 13.94 -11.69 -11.23
CA ASN B 485 14.95 -12.63 -10.73
C ASN B 485 15.25 -12.42 -9.24
N PRO B 486 15.35 -13.50 -8.44
CA PRO B 486 15.75 -13.37 -7.02
C PRO B 486 17.25 -13.07 -6.83
N TRP B 487 18.02 -13.22 -7.91
CA TRP B 487 19.48 -13.01 -7.92
C TRP B 487 20.21 -13.94 -6.95
N THR B 488 19.76 -15.19 -6.88
CA THR B 488 20.46 -16.24 -6.13
C THR B 488 21.82 -16.49 -6.82
N TYR B 489 21.80 -16.43 -8.15
CA TYR B 489 23.03 -16.37 -8.92
C TYR B 489 23.18 -14.91 -9.35
N GLY B 490 23.97 -14.18 -8.57
CA GLY B 490 23.97 -12.72 -8.59
C GLY B 490 24.31 -12.18 -7.21
N ASP B 491 23.78 -11.00 -6.89
CA ASP B 491 24.14 -10.31 -5.64
C ASP B 491 23.39 -10.75 -4.38
N ASN B 492 22.54 -11.78 -4.50
CA ASN B 492 21.70 -12.21 -3.37
C ASN B 492 21.67 -13.74 -3.20
N SER B 493 22.85 -14.36 -3.17
CA SER B 493 22.93 -15.79 -2.88
C SER B 493 22.41 -16.07 -1.47
N ALA B 494 22.45 -15.06 -0.60
CA ALA B 494 21.94 -15.18 0.76
C ALA B 494 20.40 -15.23 0.81
N LYS B 495 19.76 -14.85 -0.31
CA LYS B 495 18.31 -14.92 -0.48
C LYS B 495 17.50 -14.02 0.46
N ASP B 496 18.09 -12.87 0.81
CA ASP B 496 17.40 -11.87 1.63
C ASP B 496 16.19 -11.36 0.84
N PRO B 497 14.97 -11.57 1.39
CA PRO B 497 13.76 -11.15 0.68
C PRO B 497 13.67 -9.64 0.44
N PHE B 498 14.37 -8.86 1.26
CA PHE B 498 14.15 -7.41 1.24
C PHE B 498 15.14 -6.62 0.39
N LYS B 499 16.00 -7.35 -0.32
CA LYS B 499 16.86 -6.77 -1.34
C LYS B 499 16.16 -6.86 -2.69
N SER B 500 16.26 -5.80 -3.48
CA SER B 500 15.69 -5.75 -4.83
C SER B 500 14.20 -6.17 -4.79
N ASP B 501 13.81 -7.08 -5.69
CA ASP B 501 12.41 -7.51 -5.79
C ASP B 501 12.11 -8.75 -4.94
N GLY B 502 13.05 -9.13 -4.09
CA GLY B 502 12.90 -10.35 -3.29
C GLY B 502 12.58 -11.55 -4.16
N HIS B 503 11.65 -12.37 -3.71
CA HIS B 503 11.36 -13.65 -4.36
C HIS B 503 10.06 -13.59 -5.15
N PRO B 504 10.08 -14.07 -6.42
CA PRO B 504 8.96 -13.88 -7.36
C PRO B 504 7.68 -14.67 -7.06
N SER B 505 7.80 -15.76 -6.29
CA SER B 505 6.62 -16.58 -5.99
C SER B 505 5.63 -15.86 -5.08
N ASP B 506 4.37 -15.87 -5.52
CA ASP B 506 3.26 -15.31 -4.76
C ASP B 506 2.03 -16.16 -5.01
N LEU B 507 0.97 -15.93 -4.24
CA LEU B 507 -0.25 -16.74 -4.38
C LEU B 507 -1.30 -16.12 -5.29
N TYR B 508 -2.00 -17.01 -5.98
CA TYR B 508 -3.11 -16.67 -6.86
C TYR B 508 -4.30 -17.56 -6.48
N CYS B 509 -5.49 -17.15 -6.91
CA CYS B 509 -6.70 -17.92 -6.68
C CYS B 509 -7.57 -17.90 -7.92
N TYR B 510 -7.88 -19.09 -8.45
CA TYR B 510 -8.85 -19.20 -9.53
C TYR B 510 -10.23 -19.49 -8.95
N LYS B 511 -11.16 -18.58 -9.23
CA LYS B 511 -12.53 -18.66 -8.73
C LYS B 511 -13.45 -19.04 -9.88
N MET B 512 -14.06 -20.22 -9.79
CA MET B 512 -14.88 -20.77 -10.87
C MET B 512 -16.32 -21.07 -10.42
N LYS B 513 -17.29 -20.69 -11.24
CA LYS B 513 -18.70 -20.99 -10.97
C LYS B 513 -18.95 -22.49 -11.14
N ILE B 514 -19.56 -23.11 -10.14
CA ILE B 514 -19.88 -24.55 -10.19
C ILE B 514 -21.37 -24.86 -9.94
N GLY B 515 -22.16 -23.81 -9.75
CA GLY B 515 -23.60 -23.94 -9.56
C GLY B 515 -24.27 -22.59 -9.69
N PRO B 516 -25.62 -22.56 -9.63
CA PRO B 516 -26.38 -21.32 -9.86
C PRO B 516 -26.09 -20.23 -8.82
N ASP B 517 -26.15 -18.99 -9.27
CA ASP B 517 -26.02 -17.83 -8.39
C ASP B 517 -27.36 -17.11 -8.45
N ASN B 518 -28.10 -17.17 -7.35
CA ASN B 518 -29.46 -16.61 -7.30
C ASN B 518 -29.53 -15.19 -6.73
N ARG B 519 -28.40 -14.49 -6.76
CA ARG B 519 -28.35 -13.10 -6.32
C ARG B 519 -27.73 -12.23 -7.39
N VAL B 520 -28.04 -10.94 -7.33
CA VAL B 520 -27.37 -9.94 -8.16
C VAL B 520 -25.88 -9.89 -7.75
N SER B 521 -25.03 -9.52 -8.70
CA SER B 521 -23.58 -9.54 -8.49
C SER B 521 -23.12 -8.72 -7.29
N ARG B 522 -22.13 -9.26 -6.57
CA ARG B 522 -21.45 -8.55 -5.48
C ARG B 522 -20.16 -7.90 -5.99
N ASP B 523 -19.84 -8.10 -7.26
CA ASP B 523 -18.56 -7.68 -7.82
C ASP B 523 -18.34 -6.18 -7.72
N PHE B 524 -17.13 -5.80 -7.34
CA PHE B 524 -16.70 -4.40 -7.35
C PHE B 524 -15.30 -4.28 -7.96
N ARG B 525 -15.01 -3.08 -8.45
CA ARG B 525 -13.64 -2.72 -8.79
C ARG B 525 -13.04 -2.04 -7.56
N TYR B 526 -11.84 -2.45 -7.18
CA TYR B 526 -11.19 -1.90 -5.98
C TYR B 526 -10.53 -0.56 -6.32
N GLY B 527 -11.01 0.51 -5.70
CA GLY B 527 -10.50 1.86 -5.98
C GLY B 527 -10.01 2.59 -4.74
N ALA B 528 -9.92 1.87 -3.63
CA ALA B 528 -9.54 2.46 -2.34
C ALA B 528 -8.03 2.50 -2.17
N VAL B 529 -7.57 3.37 -1.29
CA VAL B 529 -6.20 3.28 -0.79
C VAL B 529 -6.19 2.10 0.19
N PRO B 530 -5.33 1.08 -0.07
CA PRO B 530 -5.21 0.00 0.90
C PRO B 530 -4.69 0.58 2.20
N ASN B 531 -5.47 0.46 3.27
CA ASN B 531 -5.18 1.17 4.50
C ASN B 531 -5.33 0.28 5.73
N ARG B 532 -5.05 -1.02 5.56
CA ARG B 532 -5.09 -1.98 6.67
C ARG B 532 -3.69 -2.29 7.19
N ALA B 533 -2.75 -2.49 6.27
CA ALA B 533 -1.39 -2.88 6.62
C ALA B 533 -0.65 -1.78 7.40
N VAL B 534 -0.62 -0.58 6.83
CA VAL B 534 -0.09 0.60 7.55
C VAL B 534 -1.17 1.68 7.49
N PRO B 535 -2.11 1.67 8.46
CA PRO B 535 -3.26 2.59 8.41
C PRO B 535 -2.83 4.05 8.56
N VAL B 536 -3.06 4.84 7.51
CA VAL B 536 -2.66 6.25 7.46
C VAL B 536 -3.87 7.18 7.31
N PHE B 537 -3.88 8.24 8.10
CA PHE B 537 -4.90 9.27 8.01
C PHE B 537 -4.26 10.64 8.02
N PHE B 538 -4.68 11.50 7.10
CA PHE B 538 -4.22 12.90 7.12
C PHE B 538 -4.94 13.60 8.27
N ASP B 539 -4.18 13.96 9.31
CA ASP B 539 -4.75 14.63 10.47
CA ASP B 539 -4.75 14.63 10.49
C ASP B 539 -5.18 16.05 10.13
N THR B 540 -5.85 16.72 11.07
CA THR B 540 -6.38 18.07 10.83
C THR B 540 -5.32 19.11 10.46
N ASN B 541 -4.05 18.85 10.78
CA ASN B 541 -2.99 19.76 10.34
C ASN B 541 -2.21 19.26 9.11
N GLY B 542 -2.78 18.25 8.44
CA GLY B 542 -2.30 17.81 7.12
C GLY B 542 -1.11 16.88 7.11
N VAL B 543 -0.82 16.25 8.25
CA VAL B 543 0.31 15.32 8.34
C VAL B 543 -0.20 13.88 8.41
N ARG B 544 0.42 13.00 7.63
CA ARG B 544 0.11 11.56 7.65
C ARG B 544 0.30 10.99 9.05
N THR B 545 -0.76 10.39 9.59
CA THR B 545 -0.75 9.86 10.96
C THR B 545 -1.09 8.37 10.98
N VAL B 546 -0.24 7.58 11.62
CA VAL B 546 -0.46 6.14 11.79
C VAL B 546 -0.82 5.85 13.23
N PRO B 547 -2.10 5.48 13.49
CA PRO B 547 -2.54 5.24 14.85
C PRO B 547 -2.31 3.81 15.35
N ALA B 548 -1.99 2.89 14.44
CA ALA B 548 -1.78 1.48 14.82
C ALA B 548 -0.43 1.24 15.51
N PRO B 549 -0.39 0.35 16.52
CA PRO B 549 0.91 -0.06 17.04
C PRO B 549 1.67 -0.86 15.98
N MET B 550 2.97 -0.63 15.89
CA MET B 550 3.78 -1.29 14.87
C MET B 550 5.15 -1.74 15.38
N GLU B 551 5.69 -2.77 14.74
CA GLU B 551 7.04 -3.26 14.99
C GLU B 551 7.85 -3.13 13.72
N PHE B 552 8.90 -2.32 13.76
CA PHE B 552 9.85 -2.23 12.66
C PHE B 552 11.09 -3.01 13.07
N THR B 553 11.25 -4.22 12.54
CA THR B 553 12.34 -5.10 12.97
C THR B 553 13.60 -5.01 12.09
N GLY B 554 13.43 -4.51 10.87
CA GLY B 554 14.56 -4.32 9.95
C GLY B 554 15.33 -3.07 10.32
N ASP B 555 16.59 -3.00 9.88
CA ASP B 555 17.45 -1.84 10.16
C ASP B 555 16.77 -0.54 9.78
N LEU B 556 16.73 0.39 10.73
CA LEU B 556 15.95 1.61 10.58
C LEU B 556 16.83 2.85 10.59
N GLY B 557 16.67 3.69 9.57
CA GLY B 557 17.34 5.00 9.50
C GLY B 557 16.30 6.10 9.66
N LEU B 558 16.52 6.99 10.62
CA LEU B 558 15.56 8.07 10.91
C LEU B 558 16.21 9.44 10.75
N GLY B 559 15.41 10.44 10.36
CA GLY B 559 15.89 11.82 10.25
C GLY B 559 15.70 12.54 11.57
N HIS B 560 15.16 13.75 11.53
CA HIS B 560 14.82 14.45 12.77
C HIS B 560 13.68 13.72 13.49
N VAL B 561 13.88 13.44 14.77
CA VAL B 561 12.91 12.69 15.57
C VAL B 561 12.44 13.51 16.77
N THR B 562 11.12 13.56 16.95
CA THR B 562 10.51 14.10 18.16
C THR B 562 9.70 12.99 18.85
N ILE B 563 10.05 12.74 20.10
CA ILE B 563 9.34 11.76 20.93
CA ILE B 563 9.34 11.77 20.91
C ILE B 563 8.29 12.51 21.73
N ARG B 564 7.02 12.27 21.42
CA ARG B 564 5.91 13.00 22.03
C ARG B 564 5.51 12.46 23.40
N ALA B 565 4.81 13.30 24.17
CA ALA B 565 4.24 12.89 25.45
C ALA B 565 3.29 11.72 25.22
N SER B 566 3.46 10.65 25.99
CA SER B 566 2.75 9.39 25.72
C SER B 566 2.34 8.58 26.95
N THR B 567 3.01 8.81 28.06
CA THR B 567 2.99 7.87 29.18
C THR B 567 2.65 8.52 30.51
N SER B 568 1.89 7.78 31.34
CA SER B 568 1.43 8.22 32.65
C SER B 568 0.62 9.52 32.58
N SER B 569 -0.59 9.42 32.04
CA SER B 569 -1.45 10.57 31.75
C SER B 569 -0.73 11.61 30.87
N ASN B 570 0.09 11.11 29.96
CA ASN B 570 0.89 11.93 29.04
C ASN B 570 1.80 12.95 29.73
N ILE B 571 2.25 12.67 30.95
CA ILE B 571 3.18 13.56 31.65
C ILE B 571 4.59 13.50 31.03
N ARG B 572 4.94 12.36 30.45
CA ARG B 572 6.29 12.15 29.95
C ARG B 572 6.35 11.51 28.57
N SER B 573 7.43 11.80 27.86
CA SER B 573 7.85 11.02 26.70
C SER B 573 8.75 9.90 27.21
N GLU B 574 8.75 8.78 26.49
CA GLU B 574 9.43 7.58 26.98
C GLU B 574 10.05 6.71 25.90
N VAL B 575 11.29 6.32 26.12
CA VAL B 575 11.98 5.31 25.32
C VAL B 575 12.45 4.21 26.28
N LEU B 576 12.05 2.97 26.01
CA LEU B 576 12.53 1.81 26.77
C LEU B 576 13.42 0.94 25.91
N MET B 577 14.54 0.50 26.48
CA MET B 577 15.52 -0.33 25.76
C MET B 577 15.52 -1.74 26.30
N GLU B 578 15.46 -2.72 25.40
CA GLU B 578 15.39 -4.13 25.77
C GLU B 578 16.73 -4.85 25.59
N GLY B 579 16.71 -6.18 25.67
CA GLY B 579 17.93 -6.99 25.66
C GLY B 579 18.56 -7.07 27.04
N GLU B 580 19.73 -7.71 27.11
CA GLU B 580 20.52 -7.69 28.34
C GLU B 580 20.91 -6.25 28.68
N TYR B 581 21.37 -5.52 27.67
CA TYR B 581 21.74 -4.12 27.83
C TYR B 581 21.35 -3.26 26.63
N GLY B 582 21.23 -1.95 26.85
CA GLY B 582 21.05 -0.99 25.76
C GLY B 582 22.36 -0.29 25.46
N PHE B 583 22.51 0.16 24.21
CA PHE B 583 23.67 0.93 23.80
C PHE B 583 23.21 2.13 22.98
N ILE B 584 23.61 3.32 23.42
CA ILE B 584 23.41 4.54 22.63
C ILE B 584 24.79 5.09 22.29
N GLY B 585 25.12 5.09 21.00
CA GLY B 585 26.46 5.44 20.54
C GLY B 585 26.50 6.45 19.42
N LYS B 586 27.72 6.79 19.00
CA LYS B 586 27.98 7.82 18.02
C LYS B 586 28.89 7.31 16.90
N SER B 587 28.36 7.28 15.68
CA SER B 587 29.14 6.91 14.50
C SER B 587 30.37 7.80 14.34
N ILE B 588 31.39 7.30 13.63
CA ILE B 588 32.52 8.15 13.27
C ILE B 588 32.04 9.11 12.17
N PRO B 589 32.12 10.43 12.43
CA PRO B 589 31.67 11.40 11.43
C PRO B 589 32.49 11.27 10.16
N THR B 590 31.85 11.56 9.03
CA THR B 590 32.54 11.49 7.75
C THR B 590 32.97 12.87 7.24
N ASP B 591 32.39 13.92 7.80
CA ASP B 591 32.79 15.30 7.46
CA ASP B 591 32.79 15.30 7.46
C ASP B 591 33.94 15.77 8.34
N ASN B 592 33.74 15.71 9.66
CA ASN B 592 34.75 16.09 10.63
C ASN B 592 34.83 15.02 11.71
N PRO B 593 35.65 13.98 11.48
CA PRO B 593 35.77 12.89 12.45
C PRO B 593 36.27 13.38 13.80
N ALA B 594 37.03 14.48 13.80
CA ALA B 594 37.64 15.00 15.02
C ALA B 594 36.64 15.74 15.92
N GLY B 595 35.40 15.86 15.47
CA GLY B 595 34.32 16.44 16.27
C GLY B 595 33.43 15.42 16.95
N GLN B 596 33.70 14.14 16.74
CA GLN B 596 32.86 13.03 17.25
C GLN B 596 32.48 13.17 18.73
N ARG B 597 31.17 13.25 18.99
CA ARG B 597 30.62 13.40 20.35
C ARG B 597 29.09 13.34 20.36
N ILE B 598 28.51 13.12 21.54
CA ILE B 598 27.06 13.25 21.76
CA ILE B 598 27.07 13.33 21.72
C ILE B 598 26.83 14.25 22.90
N ILE B 599 25.89 15.18 22.69
CA ILE B 599 25.48 16.13 23.72
C ILE B 599 24.10 15.68 24.24
N PHE B 600 24.06 15.34 25.52
CA PHE B 600 22.80 15.07 26.22
C PHE B 600 22.42 16.35 26.96
N CYS B 601 21.17 16.79 26.82
CA CYS B 601 20.75 18.07 27.38
C CYS B 601 19.36 18.00 28.00
N GLY B 602 19.22 18.65 29.16
CA GLY B 602 17.94 18.70 29.87
C GLY B 602 17.05 19.82 29.34
N GLY B 603 17.58 20.58 28.37
CA GLY B 603 16.87 21.67 27.70
C GLY B 603 16.74 21.49 26.20
N GLU B 604 16.20 22.51 25.52
CA GLU B 604 15.76 22.40 24.13
CA GLU B 604 15.77 22.38 24.14
C GLU B 604 16.86 22.54 23.08
N GLY B 605 17.97 23.17 23.44
CA GLY B 605 19.00 23.49 22.46
C GLY B 605 20.41 23.04 22.77
N THR B 606 21.28 23.15 21.78
CA THR B 606 22.69 22.79 21.93
C THR B 606 23.42 23.75 22.88
N SER B 607 22.95 24.99 22.99
CA SER B 607 23.54 25.93 23.96
C SER B 607 23.23 25.44 25.37
N SER B 608 24.25 25.42 26.22
CA SER B 608 24.07 24.98 27.60
C SER B 608 23.30 26.01 28.41
N THR B 609 23.02 27.18 27.83
CA THR B 609 22.11 28.13 28.48
C THR B 609 20.69 27.56 28.60
N THR B 610 20.36 26.58 27.75
CA THR B 610 19.01 25.99 27.71
C THR B 610 18.79 24.89 28.75
N GLY B 611 19.87 24.34 29.28
CA GLY B 611 19.75 23.27 30.29
C GLY B 611 21.07 22.61 30.61
N ALA B 612 21.07 21.81 31.67
CA ALA B 612 22.23 21.02 32.06
C ALA B 612 22.64 20.06 30.94
N GLN B 613 23.95 19.88 30.76
CA GLN B 613 24.48 19.01 29.71
C GLN B 613 25.56 18.04 30.19
N ILE B 614 25.61 16.86 29.59
CA ILE B 614 26.76 15.97 29.67
C ILE B 614 27.14 15.64 28.22
N THR B 615 28.41 15.84 27.89
CA THR B 615 28.88 15.58 26.54
C THR B 615 29.96 14.52 26.58
N LEU B 616 29.73 13.42 25.88
CA LEU B 616 30.69 12.33 25.78
C LEU B 616 31.41 12.45 24.44
N TYR B 617 32.73 12.63 24.50
CA TYR B 617 33.56 12.78 23.30
C TYR B 617 34.02 11.41 22.81
N GLY B 618 34.03 11.23 21.50
CA GLY B 618 34.55 9.99 20.91
C GLY B 618 36.06 9.91 20.97
N ALA B 619 36.60 8.72 20.78
CA ALA B 619 38.06 8.54 20.71
C ALA B 619 38.65 9.28 19.51
N ASN B 620 37.85 9.43 18.46
CA ASN B 620 38.26 10.17 17.27
C ASN B 620 38.30 11.69 17.45
N ASN B 621 37.65 12.18 18.51
CA ASN B 621 37.64 13.61 18.78
C ASN B 621 39.05 14.11 19.12
N THR B 622 39.34 15.35 18.74
CA THR B 622 40.59 16.02 19.13
C THR B 622 40.83 15.88 20.64
N ASP B 623 39.77 16.11 21.41
CA ASP B 623 39.79 15.87 22.86
C ASP B 623 39.29 14.45 23.09
N SER B 624 40.20 13.49 22.87
CA SER B 624 39.86 12.07 22.83
C SER B 624 39.26 11.55 24.14
N ARG B 625 38.02 11.07 24.06
CA ARG B 625 37.30 10.48 25.20
C ARG B 625 37.12 11.44 26.40
N ARG B 626 37.06 12.74 26.13
CA ARG B 626 36.72 13.73 27.16
C ARG B 626 35.26 13.59 27.59
N ILE B 627 34.98 13.88 28.86
CA ILE B 627 33.61 14.11 29.30
C ILE B 627 33.54 15.47 29.96
N VAL B 628 32.57 16.27 29.52
CA VAL B 628 32.26 17.55 30.15
C VAL B 628 30.87 17.45 30.80
N TYR B 629 30.83 17.67 32.12
CA TYR B 629 29.60 17.71 32.88
C TYR B 629 29.33 19.18 33.19
N ASN B 630 28.22 19.70 32.67
CA ASN B 630 27.93 21.13 32.79
C ASN B 630 26.53 21.44 33.34
N GLY B 631 26.48 21.74 34.63
CA GLY B 631 25.23 22.13 35.29
C GLY B 631 25.49 23.23 36.30
N ASP B 632 24.41 23.84 36.82
CA ASP B 632 24.56 24.84 37.87
C ASP B 632 24.62 24.22 39.27
N GLU B 633 24.37 22.91 39.33
CA GLU B 633 24.61 22.08 40.50
C GLU B 633 25.05 20.71 40.02
N HIS B 634 26.01 20.12 40.72
CA HIS B 634 26.42 18.72 40.51
C HIS B 634 26.23 17.99 41.83
N LEU B 635 25.15 17.22 41.92
CA LEU B 635 24.77 16.58 43.19
C LEU B 635 24.84 15.07 43.11
N PHE B 636 25.79 14.51 43.86
CA PHE B 636 26.01 13.07 43.86
C PHE B 636 25.31 12.38 45.03
N GLN B 637 24.26 11.65 44.68
CA GLN B 637 23.34 11.07 45.66
C GLN B 637 23.58 9.58 45.85
N SER B 638 23.36 9.11 47.08
CA SER B 638 23.25 7.69 47.43
C SER B 638 24.57 6.91 47.55
N ALA B 639 25.68 7.54 47.17
CA ALA B 639 26.97 6.85 47.28
C ALA B 639 28.15 7.81 47.28
N ASP B 640 29.28 7.31 47.80
CA ASP B 640 30.55 8.01 47.72
C ASP B 640 30.92 8.33 46.28
N VAL B 641 31.62 9.44 46.09
CA VAL B 641 32.26 9.77 44.83
C VAL B 641 33.66 9.15 44.85
N LYS B 642 33.84 8.09 44.05
CA LYS B 642 35.07 7.29 44.10
C LYS B 642 35.78 7.19 42.76
N PRO B 643 37.13 7.02 42.80
CA PRO B 643 37.81 6.58 41.59
C PRO B 643 37.55 5.09 41.39
N TYR B 644 37.58 4.65 40.13
CA TYR B 644 37.35 3.24 39.80
C TYR B 644 38.48 2.36 40.33
N ASN B 645 39.71 2.86 40.21
CA ASN B 645 40.90 2.16 40.67
C ASN B 645 41.47 2.78 41.94
N ASP B 646 42.41 2.07 42.57
CA ASP B 646 42.95 2.50 43.85
C ASP B 646 44.31 3.19 43.70
N ASN B 647 44.37 4.45 44.14
CA ASN B 647 45.60 5.25 44.17
C ASN B 647 46.24 5.41 42.77
N VAL B 648 45.40 5.73 41.78
CA VAL B 648 45.79 5.88 40.39
C VAL B 648 45.38 7.24 39.84
N THR B 649 44.16 7.67 40.19
CA THR B 649 43.63 8.95 39.69
C THR B 649 43.47 9.98 40.81
N ALA B 650 43.49 11.25 40.46
CA ALA B 650 43.48 12.35 41.43
C ALA B 650 42.18 13.14 41.44
N LEU B 651 41.97 13.90 42.51
CA LEU B 651 41.00 15.00 42.51
C LEU B 651 41.74 16.25 42.05
N GLY B 652 41.29 16.81 40.93
CA GLY B 652 41.88 18.01 40.37
C GLY B 652 43.24 17.79 39.74
N GLY B 653 43.89 18.91 39.39
CA GLY B 653 45.21 18.92 38.79
C GLY B 653 45.84 20.29 38.97
N PRO B 654 47.14 20.43 38.60
CA PRO B 654 47.89 21.68 38.79
C PRO B 654 47.22 22.88 38.11
N SER B 655 46.55 22.64 36.99
CA SER B 655 45.86 23.67 36.23
C SER B 655 44.34 23.57 36.35
N ASN B 656 43.88 22.69 37.24
CA ASN B 656 42.46 22.48 37.49
C ASN B 656 42.24 22.26 38.97
N ARG B 657 42.49 23.30 39.76
CA ARG B 657 42.37 23.19 41.21
C ARG B 657 40.93 23.44 41.67
N PHE B 658 40.46 22.59 42.59
CA PHE B 658 39.25 22.89 43.34
C PHE B 658 39.64 23.96 44.37
N THR B 659 38.74 24.91 44.64
CA THR B 659 39.06 26.01 45.56
C THR B 659 39.39 25.49 46.97
N THR B 660 38.62 24.50 47.41
CA THR B 660 38.78 23.84 48.70
C THR B 660 37.95 22.56 48.71
N ALA B 661 37.98 21.82 49.82
CA ALA B 661 37.07 20.70 50.05
C ALA B 661 36.40 20.85 51.41
N TYR B 662 35.07 20.78 51.42
CA TYR B 662 34.31 20.85 52.66
C TYR B 662 34.10 19.46 53.21
N LEU B 663 34.71 19.17 54.36
CA LEU B 663 34.75 17.83 54.92
C LEU B 663 34.28 17.82 56.37
N GLY B 664 33.65 16.72 56.77
CA GLY B 664 33.24 16.53 58.17
C GLY B 664 34.40 16.17 59.08
N SER B 665 35.46 15.62 58.50
CA SER B 665 36.68 15.25 59.22
C SER B 665 37.89 15.38 58.30
N ASN B 666 39.10 15.35 58.88
CA ASN B 666 40.33 15.41 58.08
C ASN B 666 40.41 14.26 57.07
N PRO B 667 41.13 14.48 55.94
CA PRO B 667 41.37 13.39 55.01
C PRO B 667 42.00 12.16 55.67
N ILE B 668 41.65 10.98 55.19
CA ILE B 668 42.23 9.73 55.65
C ILE B 668 43.30 9.31 54.64
N VAL B 669 44.55 9.36 55.09
CA VAL B 669 45.75 9.16 54.27
C VAL B 669 46.71 8.21 55.04
N THR B 670 47.06 7.04 54.53
N THR B 670 47.11 7.06 54.48
CA THR B 670 46.65 6.52 53.24
CA THR B 670 46.62 6.53 53.20
C THR B 670 45.55 5.49 53.45
C THR B 670 45.96 5.20 53.49
N SER C 5 -30.08 3.01 -42.65
CA SER C 5 -29.07 1.96 -42.34
C SER C 5 -27.66 2.41 -42.76
N ALA C 6 -26.72 2.26 -41.83
CA ALA C 6 -25.35 2.76 -42.00
C ALA C 6 -24.53 1.95 -43.00
N LYS C 7 -23.76 2.65 -43.83
CA LYS C 7 -22.95 2.02 -44.87
C LYS C 7 -21.59 1.54 -44.35
N GLY C 8 -21.02 2.29 -43.40
CA GLY C 8 -19.75 1.94 -42.76
C GLY C 8 -18.59 1.84 -43.73
N ASP C 9 -18.46 2.87 -44.57
CA ASP C 9 -17.42 2.92 -45.60
C ASP C 9 -16.35 3.98 -45.32
N GLY C 10 -16.58 4.78 -44.27
CA GLY C 10 -15.63 5.82 -43.86
C GLY C 10 -15.70 7.09 -44.67
N VAL C 11 -16.74 7.21 -45.51
CA VAL C 11 -16.95 8.40 -46.34
C VAL C 11 -18.41 8.89 -46.33
N THR C 12 -19.35 7.96 -46.49
CA THR C 12 -20.79 8.27 -46.41
C THR C 12 -21.17 8.67 -44.99
N ASP C 13 -21.88 9.78 -44.86
CA ASP C 13 -22.34 10.27 -43.57
C ASP C 13 -23.40 9.33 -42.99
N ASP C 14 -23.05 8.66 -41.89
CA ASP C 14 -23.94 7.69 -41.24
C ASP C 14 -24.57 8.22 -39.94
N THR C 15 -24.45 9.52 -39.71
CA THR C 15 -24.93 10.14 -38.47
C THR C 15 -26.40 9.84 -38.19
N ALA C 16 -27.25 10.12 -39.18
CA ALA C 16 -28.70 9.90 -39.08
C ALA C 16 -29.02 8.43 -38.87
N ALA C 17 -28.39 7.55 -39.67
CA ALA C 17 -28.60 6.11 -39.58
C ALA C 17 -28.22 5.54 -38.23
N LEU C 18 -27.14 6.06 -37.65
CA LEU C 18 -26.67 5.61 -36.34
C LEU C 18 -27.48 6.19 -35.17
N THR C 19 -28.07 7.37 -35.38
CA THR C 19 -28.95 7.99 -34.38
C THR C 19 -30.23 7.16 -34.22
N SER C 20 -30.80 6.76 -35.36
CA SER C 20 -31.97 5.89 -35.39
C SER C 20 -31.64 4.51 -34.83
N ALA C 21 -30.42 4.05 -35.10
CA ALA C 21 -29.92 2.78 -34.60
C ALA C 21 -29.91 2.72 -33.07
N LEU C 22 -29.43 3.79 -32.43
CA LEU C 22 -29.39 3.88 -30.97
C LEU C 22 -30.78 3.99 -30.35
N ASN C 23 -31.68 4.71 -31.03
CA ASN C 23 -33.06 4.86 -30.58
C ASN C 23 -33.85 3.55 -30.62
N ASP C 24 -33.52 2.68 -31.58
CA ASP C 24 -34.15 1.37 -31.70
C ASP C 24 -33.51 0.34 -30.78
N THR C 25 -32.38 0.71 -30.19
CA THR C 25 -31.59 -0.17 -29.33
C THR C 25 -31.97 0.01 -27.86
N PRO C 26 -32.23 -1.09 -27.14
CA PRO C 26 -32.58 -1.07 -25.71
C PRO C 26 -31.63 -0.22 -24.87
N VAL C 27 -32.19 0.46 -23.86
CA VAL C 27 -31.44 1.36 -22.99
C VAL C 27 -30.27 0.63 -22.31
N GLY C 28 -29.07 0.85 -22.84
CA GLY C 28 -27.86 0.22 -22.32
C GLY C 28 -27.46 -1.06 -23.04
N GLN C 29 -28.02 -1.28 -24.22
CA GLN C 29 -27.61 -2.37 -25.11
C GLN C 29 -26.55 -1.84 -26.10
N LYS C 30 -25.60 -2.68 -26.46
CA LYS C 30 -24.45 -2.29 -27.28
C LYS C 30 -24.64 -2.57 -28.77
N ILE C 31 -24.27 -1.61 -29.60
CA ILE C 31 -24.27 -1.78 -31.06
C ILE C 31 -22.89 -2.26 -31.52
N ASN C 32 -22.89 -3.36 -32.27
CA ASN C 32 -21.66 -3.90 -32.84
C ASN C 32 -21.44 -3.35 -34.25
N GLY C 33 -20.37 -2.57 -34.41
CA GLY C 33 -20.06 -1.94 -35.70
C GLY C 33 -19.36 -2.85 -36.68
N ASN C 34 -19.11 -4.10 -36.27
CA ASN C 34 -18.48 -5.13 -37.10
C ASN C 34 -17.10 -4.76 -37.66
N GLY C 35 -16.37 -3.94 -36.91
CA GLY C 35 -15.03 -3.54 -37.29
C GLY C 35 -14.96 -2.43 -38.33
N LYS C 36 -16.12 -1.93 -38.73
CA LYS C 36 -16.19 -0.90 -39.78
C LYS C 36 -15.98 0.51 -39.22
N THR C 37 -15.68 1.44 -40.12
CA THR C 37 -15.53 2.85 -39.80
C THR C 37 -16.73 3.64 -40.31
N TYR C 38 -17.30 4.48 -39.44
CA TYR C 38 -18.49 5.25 -39.77
C TYR C 38 -18.24 6.75 -39.71
N LYS C 39 -18.51 7.45 -40.81
CA LYS C 39 -18.39 8.91 -40.86
C LYS C 39 -19.56 9.55 -40.14
N VAL C 40 -19.24 10.49 -39.25
CA VAL C 40 -20.24 11.22 -38.46
C VAL C 40 -19.95 12.72 -38.45
N THR C 41 -21.00 13.52 -38.30
CA THR C 41 -20.87 14.98 -38.18
C THR C 41 -20.79 15.41 -36.72
N SER C 42 -21.09 14.46 -35.83
CA SER C 42 -20.92 14.62 -34.39
C SER C 42 -20.65 13.24 -33.80
N LEU C 43 -19.81 13.17 -32.78
CA LEU C 43 -19.57 11.90 -32.10
C LEU C 43 -20.78 11.50 -31.28
N PRO C 44 -21.29 10.27 -31.48
CA PRO C 44 -22.44 9.79 -30.72
C PRO C 44 -22.02 9.26 -29.34
N ASP C 45 -22.95 8.62 -28.65
CA ASP C 45 -22.66 8.00 -27.37
C ASP C 45 -21.76 6.79 -27.58
N ILE C 46 -20.45 7.05 -27.55
CA ILE C 46 -19.43 6.04 -27.91
C ILE C 46 -19.47 4.80 -27.01
N SER C 47 -19.85 4.97 -25.75
CA SER C 47 -19.89 3.86 -24.80
C SER C 47 -20.92 2.78 -25.15
N ARG C 48 -21.86 3.11 -26.03
CA ARG C 48 -22.90 2.15 -26.43
C ARG C 48 -22.55 1.40 -27.71
N PHE C 49 -21.30 1.53 -28.14
CA PHE C 49 -20.79 0.82 -29.30
C PHE C 49 -19.66 -0.12 -28.91
N ILE C 50 -19.59 -1.27 -29.58
CA ILE C 50 -18.41 -2.13 -29.54
C ILE C 50 -17.95 -2.38 -30.96
N ASN C 51 -16.66 -2.67 -31.13
CA ASN C 51 -16.08 -3.01 -32.43
C ASN C 51 -16.44 -1.97 -33.51
N THR C 52 -16.36 -0.69 -33.11
CA THR C 52 -16.75 0.43 -33.97
C THR C 52 -15.68 1.52 -33.96
N ARG C 53 -15.40 2.08 -35.13
CA ARG C 53 -14.54 3.25 -35.27
C ARG C 53 -15.33 4.38 -35.94
N PHE C 54 -15.17 5.59 -35.42
CA PHE C 54 -15.80 6.76 -36.01
C PHE C 54 -14.77 7.64 -36.68
N VAL C 55 -15.10 8.16 -37.86
CA VAL C 55 -14.29 9.23 -38.46
C VAL C 55 -15.07 10.53 -38.40
N TYR C 56 -14.42 11.56 -37.86
CA TYR C 56 -15.09 12.80 -37.51
C TYR C 56 -14.14 13.98 -37.64
N GLU C 57 -14.65 15.08 -38.22
CA GLU C 57 -13.88 16.32 -38.40
C GLU C 57 -14.33 17.38 -37.40
N ARG C 58 -13.72 17.39 -36.23
CA ARG C 58 -13.98 18.43 -35.23
C ARG C 58 -13.64 19.80 -35.81
N ILE C 59 -12.52 19.87 -36.51
CA ILE C 59 -12.13 21.02 -37.32
C ILE C 59 -12.24 20.59 -38.77
N PRO C 60 -13.01 21.33 -39.59
CA PRO C 60 -13.19 20.94 -40.99
C PRO C 60 -11.86 20.74 -41.72
N GLY C 61 -11.76 19.65 -42.47
CA GLY C 61 -10.56 19.32 -43.24
C GLY C 61 -9.52 18.50 -42.48
N GLN C 62 -9.81 18.20 -41.22
CA GLN C 62 -8.88 17.45 -40.38
C GLN C 62 -9.58 16.23 -39.76
N PRO C 63 -9.77 15.16 -40.56
CA PRO C 63 -10.42 13.96 -40.04
C PRO C 63 -9.56 13.24 -38.99
N LEU C 64 -10.18 12.93 -37.86
CA LEU C 64 -9.56 12.08 -36.85
C LEU C 64 -10.47 10.89 -36.56
N TYR C 65 -9.88 9.82 -36.02
CA TYR C 65 -10.59 8.57 -35.81
C TYR C 65 -10.77 8.29 -34.32
N TYR C 66 -11.89 7.66 -33.97
CA TYR C 66 -12.28 7.48 -32.58
C TYR C 66 -12.76 6.05 -32.35
N ALA C 67 -12.07 5.33 -31.49
CA ALA C 67 -12.35 3.92 -31.26
C ALA C 67 -13.30 3.72 -30.08
N SER C 68 -14.33 2.91 -30.31
CA SER C 68 -15.19 2.42 -29.22
C SER C 68 -14.45 1.27 -28.54
N GLU C 69 -14.98 0.80 -27.41
CA GLU C 69 -14.40 -0.38 -26.77
C GLU C 69 -14.41 -1.59 -27.70
N GLU C 70 -13.35 -2.40 -27.58
CA GLU C 70 -13.17 -3.65 -28.34
C GLU C 70 -12.77 -3.48 -29.81
N PHE C 71 -12.74 -2.26 -30.33
CA PHE C 71 -12.31 -2.06 -31.72
C PHE C 71 -10.85 -2.45 -31.90
N VAL C 72 -10.00 -2.03 -30.96
CA VAL C 72 -8.64 -2.55 -30.86
C VAL C 72 -8.56 -3.46 -29.64
N GLN C 73 -7.72 -4.49 -29.73
CA GLN C 73 -7.43 -5.32 -28.57
C GLN C 73 -6.37 -4.59 -27.75
N GLY C 74 -6.83 -3.83 -26.75
CA GLY C 74 -5.94 -3.01 -25.94
C GLY C 74 -6.58 -2.59 -24.63
N GLU C 75 -5.77 -2.04 -23.73
CA GLU C 75 -6.22 -1.64 -22.39
C GLU C 75 -5.26 -0.62 -21.80
N LEU C 76 -5.81 0.35 -21.06
CA LEU C 76 -4.99 1.32 -20.34
C LEU C 76 -4.73 0.85 -18.91
N PHE C 77 -3.52 1.07 -18.43
CA PHE C 77 -3.15 0.80 -17.04
C PHE C 77 -2.61 2.08 -16.39
N LYS C 78 -2.90 2.27 -15.11
CA LYS C 78 -2.21 3.28 -14.31
C LYS C 78 -1.03 2.57 -13.64
N ILE C 79 0.17 3.14 -13.79
CA ILE C 79 1.41 2.43 -13.40
C ILE C 79 2.27 3.11 -12.32
N THR C 80 2.05 4.40 -12.08
CA THR C 80 2.59 5.06 -10.88
C THR C 80 1.47 5.79 -10.14
N ASP C 81 1.66 5.97 -8.84
CA ASP C 81 0.72 6.69 -8.00
C ASP C 81 1.48 7.31 -6.82
N THR C 82 2.19 8.39 -7.13
CA THR C 82 3.20 8.99 -6.26
C THR C 82 2.93 10.49 -6.15
N PRO C 83 3.23 11.11 -4.99
CA PRO C 83 2.98 12.56 -4.81
C PRO C 83 3.90 13.48 -5.62
N TYR C 84 4.97 12.94 -6.19
CA TYR C 84 5.85 13.73 -7.07
C TYR C 84 5.16 14.03 -8.39
N TYR C 85 5.68 15.03 -9.09
CA TYR C 85 5.30 15.31 -10.46
C TYR C 85 5.98 14.23 -11.30
N ASN C 86 5.23 13.18 -11.65
CA ASN C 86 5.77 12.04 -12.38
C ASN C 86 5.37 12.11 -13.85
N ALA C 87 6.37 12.37 -14.69
CA ALA C 87 6.13 12.57 -16.10
C ALA C 87 7.40 12.30 -16.89
N TRP C 88 7.34 12.58 -18.19
CA TRP C 88 8.48 12.43 -19.11
C TRP C 88 9.13 11.04 -19.15
N PRO C 89 8.35 9.99 -19.52
CA PRO C 89 9.02 8.75 -19.88
C PRO C 89 9.89 8.94 -21.12
N GLN C 90 9.55 9.95 -21.93
CA GLN C 90 10.31 10.30 -23.14
C GLN C 90 11.81 10.35 -22.90
N ASP C 91 12.59 9.64 -23.72
CA ASP C 91 12.15 8.47 -24.48
C ASP C 91 13.14 7.38 -24.04
N LYS C 92 12.78 6.71 -22.94
CA LYS C 92 13.73 5.95 -22.14
C LYS C 92 13.36 4.50 -21.93
N ALA C 93 12.15 4.10 -22.32
CA ALA C 93 11.66 2.75 -22.04
C ALA C 93 12.43 1.66 -22.80
N PHE C 94 12.58 0.51 -22.16
CA PHE C 94 13.21 -0.64 -22.81
C PHE C 94 12.75 -1.95 -22.19
N VAL C 95 12.98 -3.05 -22.90
CA VAL C 95 12.73 -4.40 -22.39
C VAL C 95 14.07 -5.11 -22.25
N TYR C 96 14.33 -5.65 -21.05
CA TYR C 96 15.55 -6.42 -20.83
C TYR C 96 15.27 -7.71 -20.08
N GLU C 97 15.61 -8.83 -20.72
CA GLU C 97 15.42 -10.17 -20.17
C GLU C 97 14.08 -10.32 -19.45
N ASN C 98 13.02 -10.15 -20.24
CA ASN C 98 11.63 -10.43 -19.84
C ASN C 98 10.97 -9.35 -18.96
N VAL C 99 11.73 -8.31 -18.59
CA VAL C 99 11.22 -7.23 -17.73
C VAL C 99 11.03 -5.94 -18.53
N ILE C 100 9.87 -5.31 -18.36
CA ILE C 100 9.56 -4.03 -19.00
C ILE C 100 9.94 -2.89 -18.06
N TYR C 101 10.78 -1.97 -18.56
CA TYR C 101 11.27 -0.84 -17.77
C TYR C 101 10.64 0.46 -18.24
N ALA C 102 10.05 1.21 -17.31
CA ALA C 102 9.43 2.49 -17.60
C ALA C 102 10.14 3.61 -16.82
N PRO C 103 11.28 4.09 -17.34
CA PRO C 103 12.01 5.17 -16.67
C PRO C 103 11.30 6.50 -16.88
N TYR C 104 11.51 7.42 -15.94
CA TYR C 104 10.83 8.73 -15.97
C TYR C 104 11.57 9.71 -15.07
N MET C 105 10.98 10.89 -14.88
CA MET C 105 11.50 11.83 -13.91
C MET C 105 10.42 12.22 -12.92
N GLY C 106 10.74 12.08 -11.64
CA GLY C 106 9.84 12.49 -10.57
C GLY C 106 10.36 13.76 -9.93
N SER C 107 9.64 14.86 -10.12
CA SER C 107 10.06 16.18 -9.64
C SER C 107 8.93 16.87 -8.89
N ASP C 108 9.00 18.20 -8.82
CA ASP C 108 7.91 19.00 -8.24
C ASP C 108 7.33 19.99 -9.24
N ARG C 109 7.89 19.99 -10.45
CA ARG C 109 7.50 20.94 -11.50
C ARG C 109 8.12 20.56 -12.85
N ALA C 110 7.76 21.30 -13.90
CA ALA C 110 8.41 21.19 -15.20
C ALA C 110 9.79 21.83 -15.13
N GLY C 111 10.72 21.13 -14.50
CA GLY C 111 12.06 21.63 -14.21
C GLY C 111 12.77 20.59 -13.36
N VAL C 112 13.94 20.93 -12.85
CA VAL C 112 14.78 19.92 -12.17
C VAL C 112 14.76 19.96 -10.64
N SER C 113 13.92 20.81 -10.06
CA SER C 113 13.76 20.90 -8.60
CA SER C 113 13.79 20.89 -8.60
C SER C 113 13.18 19.60 -8.05
N ARG C 114 13.76 19.12 -6.94
CA ARG C 114 13.36 17.87 -6.26
C ARG C 114 13.41 16.63 -7.17
N LEU C 115 14.11 16.74 -8.29
CA LEU C 115 14.06 15.70 -9.33
C LEU C 115 14.98 14.50 -9.04
N HIS C 116 14.39 13.31 -9.17
CA HIS C 116 15.15 12.06 -9.28
C HIS C 116 14.75 11.38 -10.60
N VAL C 117 15.75 11.01 -11.40
CA VAL C 117 15.51 10.11 -12.53
C VAL C 117 15.11 8.78 -11.89
N SER C 118 13.96 8.24 -12.29
CA SER C 118 13.37 7.08 -11.61
C SER C 118 12.94 6.04 -12.63
N TRP C 119 12.60 4.85 -12.16
CA TRP C 119 11.82 3.92 -12.99
C TRP C 119 10.87 3.05 -12.17
N VAL C 120 9.81 2.59 -12.84
CA VAL C 120 9.04 1.44 -12.37
C VAL C 120 9.20 0.33 -13.40
N LYS C 121 8.99 -0.91 -12.98
CA LYS C 121 9.18 -2.07 -13.85
C LYS C 121 7.96 -2.99 -13.76
N SER C 122 7.72 -3.76 -14.82
CA SER C 122 6.71 -4.81 -14.78
C SER C 122 7.33 -6.18 -15.03
N GLY C 123 7.04 -7.11 -14.12
CA GLY C 123 7.50 -8.49 -14.24
C GLY C 123 6.42 -9.45 -14.71
N ASP C 124 5.29 -8.91 -15.18
CA ASP C 124 4.16 -9.72 -15.61
C ASP C 124 3.48 -9.19 -16.88
N ASP C 125 4.30 -8.71 -17.80
CA ASP C 125 3.83 -8.20 -19.10
C ASP C 125 2.84 -7.04 -18.96
N GLY C 126 3.06 -6.18 -17.96
CA GLY C 126 2.30 -4.94 -17.83
C GLY C 126 1.09 -4.91 -16.92
N GLN C 127 0.77 -6.05 -16.29
CA GLN C 127 -0.39 -6.12 -15.42
C GLN C 127 -0.18 -5.34 -14.12
N THR C 128 1.01 -5.49 -13.53
CA THR C 128 1.36 -4.81 -12.29
C THR C 128 2.78 -4.24 -12.40
N TRP C 129 3.05 -3.22 -11.59
CA TRP C 129 4.31 -2.49 -11.67
C TRP C 129 4.95 -2.34 -10.29
N SER C 130 6.27 -2.13 -10.28
CA SER C 130 7.07 -2.11 -9.07
C SER C 130 7.01 -0.78 -8.32
N THR C 131 7.53 -0.79 -7.09
CA THR C 131 7.76 0.41 -6.30
C THR C 131 8.83 1.24 -7.02
N PRO C 132 8.61 2.56 -7.17
CA PRO C 132 9.59 3.41 -7.84
C PRO C 132 10.98 3.32 -7.23
N GLU C 133 12.00 3.26 -8.10
CA GLU C 133 13.40 3.28 -7.70
C GLU C 133 14.04 4.56 -8.22
N TRP C 134 14.81 5.22 -7.34
CA TRP C 134 15.61 6.38 -7.75
C TRP C 134 16.91 5.93 -8.38
N LEU C 135 17.17 6.38 -9.61
CA LEU C 135 18.39 6.06 -10.36
C LEU C 135 19.48 7.10 -10.16
N THR C 136 19.08 8.32 -9.85
CA THR C 136 20.02 9.39 -9.55
C THR C 136 19.70 9.99 -8.19
N ASP C 137 20.74 10.45 -7.51
CA ASP C 137 20.58 11.27 -6.31
C ASP C 137 20.48 12.73 -6.73
N LEU C 138 20.18 13.61 -5.78
CA LEU C 138 20.30 15.04 -6.03
C LEU C 138 21.75 15.38 -6.31
N HIS C 139 21.97 16.21 -7.34
CA HIS C 139 23.31 16.66 -7.76
C HIS C 139 24.09 17.21 -6.55
N PRO C 140 25.40 16.96 -6.49
CA PRO C 140 26.20 17.49 -5.38
C PRO C 140 26.05 19.00 -5.17
N ASP C 141 25.75 19.73 -6.25
CA ASP C 141 25.59 21.18 -6.22
C ASP C 141 24.13 21.66 -6.17
N TYR C 142 23.22 20.77 -5.79
CA TYR C 142 21.83 21.14 -5.49
C TYR C 142 21.85 22.17 -4.35
N PRO C 143 21.01 23.23 -4.42
CA PRO C 143 19.94 23.51 -5.38
C PRO C 143 20.28 24.47 -6.53
N THR C 144 21.54 24.60 -6.91
CA THR C 144 21.90 25.43 -8.06
C THR C 144 21.56 24.68 -9.34
N VAL C 145 21.97 23.41 -9.39
CA VAL C 145 21.71 22.55 -10.55
C VAL C 145 21.17 21.19 -10.08
N ASN C 146 20.61 20.43 -11.02
CA ASN C 146 20.20 19.04 -10.76
C ASN C 146 20.19 18.24 -12.06
N TYR C 147 20.01 16.92 -11.94
CA TYR C 147 20.03 16.02 -13.09
C TYR C 147 18.75 16.02 -13.93
N HIS C 148 18.86 15.44 -15.13
CA HIS C 148 17.79 15.38 -16.12
C HIS C 148 18.16 14.28 -17.11
N CYS C 149 17.17 13.51 -17.55
CA CYS C 149 17.44 12.45 -18.52
C CYS C 149 16.23 12.15 -19.39
N MET C 150 16.43 12.18 -20.71
CA MET C 150 15.42 11.80 -21.68
C MET C 150 15.95 10.76 -22.69
N SER C 151 17.14 10.22 -22.41
CA SER C 151 17.76 9.22 -23.29
C SER C 151 18.39 8.10 -22.47
N MET C 152 17.91 6.89 -22.68
CA MET C 152 18.33 5.73 -21.89
C MET C 152 18.01 4.46 -22.67
N GLY C 153 18.91 3.49 -22.61
CA GLY C 153 18.72 2.21 -23.31
C GLY C 153 19.75 1.18 -22.92
N VAL C 154 19.71 0.03 -23.59
CA VAL C 154 20.66 -1.05 -23.33
C VAL C 154 21.48 -1.40 -24.57
N CYS C 155 22.78 -1.54 -24.37
CA CYS C 155 23.71 -1.99 -25.39
C CYS C 155 24.68 -2.99 -24.77
N ARG C 156 24.76 -4.19 -25.34
CA ARG C 156 25.62 -5.28 -24.85
C ARG C 156 25.59 -5.44 -23.33
N ASN C 157 24.38 -5.61 -22.78
CA ASN C 157 24.17 -5.94 -21.37
C ASN C 157 24.52 -4.82 -20.37
N ARG C 158 24.68 -3.61 -20.89
CA ARG C 158 24.87 -2.43 -20.04
C ARG C 158 23.79 -1.40 -20.28
N LEU C 159 23.29 -0.81 -19.19
CA LEU C 159 22.42 0.36 -19.29
C LEU C 159 23.29 1.55 -19.67
N PHE C 160 22.85 2.31 -20.66
CA PHE C 160 23.49 3.57 -21.04
C PHE C 160 22.47 4.70 -20.90
N ALA C 161 22.92 5.86 -20.43
CA ALA C 161 22.02 7.00 -20.24
C ALA C 161 22.77 8.31 -20.41
N MET C 162 22.11 9.28 -21.05
CA MET C 162 22.65 10.64 -21.10
C MET C 162 22.13 11.44 -19.92
N ILE C 163 22.97 11.57 -18.90
CA ILE C 163 22.63 12.30 -17.70
C ILE C 163 23.08 13.75 -17.86
N GLU C 164 22.10 14.64 -17.94
CA GLU C 164 22.31 16.07 -18.11
C GLU C 164 22.29 16.78 -16.77
N THR C 165 23.02 17.88 -16.69
CA THR C 165 22.96 18.79 -15.53
C THR C 165 22.31 20.08 -16.01
N ARG C 166 21.24 20.50 -15.33
CA ARG C 166 20.49 21.70 -15.70
C ARG C 166 20.27 22.60 -14.49
N THR C 167 20.15 23.89 -14.74
CA THR C 167 19.94 24.87 -13.66
C THR C 167 18.50 24.81 -13.18
N LEU C 168 18.29 24.96 -11.88
CA LEU C 168 16.94 25.02 -11.31
C LEU C 168 16.21 26.27 -11.78
N ALA C 169 16.93 27.40 -11.82
CA ALA C 169 16.34 28.69 -12.14
C ALA C 169 15.76 28.79 -13.54
N LYS C 170 16.46 28.22 -14.52
CA LYS C 170 16.15 28.44 -15.92
C LYS C 170 16.01 27.16 -16.75
N ASN C 171 16.30 26.02 -16.13
CA ASN C 171 16.37 24.74 -16.84
C ASN C 171 17.38 24.76 -17.99
N ALA C 172 18.45 25.53 -17.79
CA ALA C 172 19.50 25.68 -18.79
C ALA C 172 20.51 24.53 -18.68
N LEU C 173 20.82 23.92 -19.82
CA LEU C 173 21.79 22.83 -19.88
C LEU C 173 23.22 23.33 -19.59
N THR C 174 23.89 22.68 -18.64
CA THR C 174 25.23 23.06 -18.22
CA THR C 174 25.26 23.07 -18.29
C THR C 174 26.27 21.96 -18.53
N ASN C 175 25.81 20.72 -18.53
CA ASN C 175 26.70 19.56 -18.71
C ASN C 175 25.97 18.34 -19.25
N CYS C 176 26.67 17.53 -20.05
CA CYS C 176 26.20 16.22 -20.48
C CYS C 176 27.24 15.18 -20.08
N ALA C 177 26.77 14.08 -19.50
CA ALA C 177 27.65 12.95 -19.20
C ALA C 177 26.99 11.64 -19.61
N LEU C 178 27.77 10.74 -20.20
CA LEU C 178 27.29 9.39 -20.46
C LEU C 178 27.55 8.53 -19.25
N TRP C 179 26.47 7.98 -18.68
CA TRP C 179 26.56 7.09 -17.52
C TRP C 179 26.14 5.70 -17.97
N ASP C 180 26.94 4.70 -17.63
CA ASP C 180 26.59 3.32 -17.94
C ASP C 180 26.89 2.37 -16.79
N ARG C 181 26.21 1.23 -16.79
CA ARG C 181 26.21 0.34 -15.63
C ARG C 181 25.79 -1.05 -16.13
N PRO C 182 26.45 -2.12 -15.66
CA PRO C 182 26.05 -3.43 -16.17
C PRO C 182 24.66 -3.83 -15.65
N MET C 183 23.87 -4.50 -16.49
CA MET C 183 22.56 -4.98 -16.07
C MET C 183 22.71 -6.29 -15.30
N SER C 184 21.82 -6.50 -14.34
CA SER C 184 21.81 -7.75 -13.56
C SER C 184 21.34 -8.93 -14.41
N ARG C 185 22.11 -10.02 -14.36
CA ARG C 185 21.85 -11.23 -15.13
CA ARG C 185 21.85 -11.23 -15.13
C ARG C 185 22.17 -12.46 -14.30
N SER C 186 21.46 -13.56 -14.59
CA SER C 186 21.82 -14.88 -14.11
C SER C 186 22.13 -15.72 -15.35
N LEU C 187 23.33 -16.31 -15.38
CA LEU C 187 23.75 -17.09 -16.54
C LEU C 187 23.99 -18.53 -16.14
N HIS C 188 23.56 -19.44 -17.01
CA HIS C 188 23.80 -20.87 -16.80
CA HIS C 188 23.79 -20.85 -16.81
C HIS C 188 24.70 -21.32 -17.94
N LEU C 189 25.97 -21.56 -17.61
CA LEU C 189 27.00 -21.76 -18.61
C LEU C 189 27.69 -23.11 -18.52
N THR C 190 28.38 -23.48 -19.60
CA THR C 190 29.16 -24.71 -19.67
C THR C 190 30.60 -24.37 -20.05
N GLY C 191 31.53 -24.74 -19.18
CA GLY C 191 32.96 -24.48 -19.40
C GLY C 191 33.36 -23.02 -19.44
N GLY C 192 34.58 -22.77 -19.92
CA GLY C 192 35.06 -21.40 -20.12
C GLY C 192 35.92 -20.81 -19.02
N ILE C 193 36.16 -21.56 -17.95
CA ILE C 193 37.03 -21.09 -16.87
C ILE C 193 38.33 -21.89 -16.82
N THR C 194 39.45 -21.17 -16.78
CA THR C 194 40.77 -21.77 -16.70
C THR C 194 41.62 -21.10 -15.62
N LYS C 195 42.48 -21.88 -14.97
CA LYS C 195 43.34 -21.36 -13.91
C LYS C 195 44.69 -22.08 -13.95
N ALA C 196 45.73 -21.36 -14.33
CA ALA C 196 47.08 -21.92 -14.42
C ALA C 196 47.64 -22.26 -13.05
N ALA C 197 48.37 -23.36 -12.99
CA ALA C 197 49.00 -23.85 -11.76
C ALA C 197 49.88 -22.79 -11.09
N ASN C 198 49.95 -22.86 -9.76
CA ASN C 198 50.87 -22.05 -8.96
C ASN C 198 50.72 -20.53 -9.14
N GLN C 199 49.50 -20.09 -9.44
CA GLN C 199 49.15 -18.67 -9.44
C GLN C 199 47.66 -18.50 -9.14
N ARG C 200 47.24 -17.26 -8.86
CA ARG C 200 45.94 -17.02 -8.23
C ARG C 200 44.81 -16.53 -9.16
N TYR C 201 45.16 -16.13 -10.38
CA TYR C 201 44.16 -15.58 -11.30
C TYR C 201 43.47 -16.65 -12.12
N ALA C 202 42.20 -16.42 -12.44
CA ALA C 202 41.47 -17.30 -13.34
C ALA C 202 40.87 -16.49 -14.48
N THR C 203 40.84 -17.10 -15.66
CA THR C 203 40.27 -16.48 -16.85
C THR C 203 38.85 -17.00 -17.09
N ILE C 204 37.92 -16.06 -17.32
CA ILE C 204 36.51 -16.36 -17.47
C ILE C 204 36.07 -15.99 -18.89
N HIS C 205 35.66 -17.00 -19.67
CA HIS C 205 35.13 -16.78 -21.02
C HIS C 205 33.62 -16.63 -20.96
N VAL C 206 33.14 -15.40 -21.18
CA VAL C 206 31.71 -15.09 -21.27
C VAL C 206 31.50 -14.14 -22.45
N PRO C 207 30.95 -14.66 -23.58
CA PRO C 207 30.75 -13.84 -24.78
C PRO C 207 29.96 -12.56 -24.50
N ASP C 208 30.49 -11.44 -24.98
CA ASP C 208 29.86 -10.12 -24.84
C ASP C 208 29.42 -9.82 -23.42
N HIS C 209 30.30 -10.08 -22.45
CA HIS C 209 29.97 -9.90 -21.04
C HIS C 209 29.57 -8.46 -20.68
N GLY C 210 30.19 -7.49 -21.35
CA GLY C 210 29.91 -6.07 -21.13
C GLY C 210 30.36 -5.56 -19.77
N LEU C 211 31.32 -6.25 -19.16
CA LEU C 211 31.82 -5.87 -17.84
C LEU C 211 33.13 -5.11 -17.93
N PHE C 212 33.37 -4.26 -16.93
CA PHE C 212 34.63 -3.53 -16.79
C PHE C 212 35.31 -3.92 -15.50
N VAL C 213 36.59 -3.60 -15.38
CA VAL C 213 37.36 -3.81 -14.15
C VAL C 213 36.60 -3.22 -12.96
N GLY C 214 36.43 -4.01 -11.92
CA GLY C 214 35.75 -3.57 -10.71
C GLY C 214 34.29 -3.98 -10.63
N ASP C 215 33.69 -4.34 -11.76
CA ASP C 215 32.28 -4.75 -11.78
C ASP C 215 32.07 -6.07 -11.02
N PHE C 216 30.87 -6.21 -10.45
CA PHE C 216 30.49 -7.36 -9.65
C PHE C 216 30.29 -8.61 -10.49
N VAL C 217 30.85 -9.72 -10.02
CA VAL C 217 30.58 -11.05 -10.60
C VAL C 217 30.45 -12.10 -9.50
N ASN C 218 29.36 -12.87 -9.54
CA ASN C 218 29.13 -13.94 -8.57
C ASN C 218 29.26 -15.30 -9.24
N PHE C 219 29.95 -16.23 -8.58
CA PHE C 219 30.16 -17.57 -9.15
C PHE C 219 29.58 -18.66 -8.26
N SER C 220 28.97 -19.67 -8.89
CA SER C 220 28.50 -20.85 -8.17
C SER C 220 28.81 -22.12 -8.95
N ASN C 221 29.30 -23.15 -8.25
CA ASN C 221 29.59 -24.46 -8.86
C ASN C 221 30.57 -24.37 -10.05
N SER C 222 31.56 -23.48 -9.95
CA SER C 222 32.49 -23.26 -11.06
C SER C 222 33.38 -24.46 -11.35
N ALA C 223 33.61 -25.28 -10.32
CA ALA C 223 34.57 -26.40 -10.37
C ALA C 223 36.02 -25.93 -10.55
N VAL C 224 36.26 -24.65 -10.31
CA VAL C 224 37.61 -24.08 -10.38
C VAL C 224 37.88 -23.40 -9.04
N THR C 225 38.72 -24.03 -8.23
CA THR C 225 38.96 -23.61 -6.86
C THR C 225 39.32 -22.13 -6.77
N GLY C 226 38.61 -21.41 -5.90
CA GLY C 226 38.84 -19.98 -5.70
C GLY C 226 37.90 -19.09 -6.49
N VAL C 227 37.35 -19.63 -7.57
CA VAL C 227 36.34 -18.94 -8.37
C VAL C 227 34.99 -19.29 -7.76
N SER C 228 34.54 -18.44 -6.83
CA SER C 228 33.45 -18.79 -5.93
C SER C 228 32.86 -17.55 -5.26
N GLY C 229 31.53 -17.46 -5.22
CA GLY C 229 30.83 -16.40 -4.48
C GLY C 229 31.02 -15.01 -5.07
N ASP C 230 30.89 -13.99 -4.22
CA ASP C 230 30.99 -12.59 -4.64
C ASP C 230 32.43 -12.20 -4.96
N MET C 231 32.65 -11.77 -6.20
CA MET C 231 33.98 -11.40 -6.69
C MET C 231 33.88 -10.14 -7.55
N THR C 232 35.03 -9.66 -8.05
CA THR C 232 35.04 -8.53 -8.98
C THR C 232 35.95 -8.81 -10.16
N VAL C 233 35.70 -8.12 -11.27
CA VAL C 233 36.54 -8.23 -12.45
C VAL C 233 37.91 -7.60 -12.17
N ALA C 234 38.97 -8.39 -12.33
CA ALA C 234 40.34 -7.93 -12.07
C ALA C 234 40.94 -7.25 -13.30
N THR C 235 40.77 -7.87 -14.45
CA THR C 235 41.25 -7.32 -15.72
C THR C 235 40.23 -7.67 -16.79
N VAL C 236 40.21 -6.89 -17.88
CA VAL C 236 39.48 -7.26 -19.08
C VAL C 236 40.48 -7.64 -20.17
N ILE C 237 40.33 -8.84 -20.73
CA ILE C 237 41.20 -9.30 -21.82
C ILE C 237 40.69 -8.76 -23.14
N ASP C 238 39.42 -9.06 -23.43
CA ASP C 238 38.70 -8.56 -24.60
C ASP C 238 37.19 -8.64 -24.32
N LYS C 239 36.37 -8.40 -25.34
CA LYS C 239 34.91 -8.33 -25.16
C LYS C 239 34.27 -9.65 -24.67
N ASP C 240 35.00 -10.75 -24.80
CA ASP C 240 34.48 -12.08 -24.46
C ASP C 240 35.23 -12.76 -23.29
N ASN C 241 36.25 -12.09 -22.77
CA ASN C 241 37.10 -12.69 -21.74
C ASN C 241 37.56 -11.69 -20.69
N PHE C 242 37.48 -12.08 -19.43
CA PHE C 242 38.01 -11.28 -18.33
C PHE C 242 38.68 -12.19 -17.29
N THR C 243 39.38 -11.59 -16.33
CA THR C 243 40.00 -12.38 -15.25
C THR C 243 39.47 -11.98 -13.88
N VAL C 244 39.62 -12.88 -12.91
CA VAL C 244 39.38 -12.60 -11.51
C VAL C 244 40.58 -13.00 -10.67
N LEU C 245 40.77 -12.35 -9.53
CA LEU C 245 41.77 -12.76 -8.56
C LEU C 245 41.13 -13.66 -7.51
N THR C 246 41.62 -14.89 -7.40
CA THR C 246 41.13 -15.84 -6.39
C THR C 246 42.00 -15.75 -5.13
N PRO C 247 41.49 -16.25 -3.98
CA PRO C 247 42.28 -16.22 -2.74
C PRO C 247 43.34 -17.33 -2.63
N ASN C 248 43.41 -18.22 -3.61
CA ASN C 248 44.25 -19.41 -3.47
C ASN C 248 44.93 -19.89 -4.75
N GLN C 249 45.83 -20.87 -4.60
CA GLN C 249 46.51 -21.47 -5.75
C GLN C 249 46.76 -22.97 -5.58
N GLN C 250 46.84 -23.65 -6.71
CA GLN C 250 46.94 -25.10 -6.75
C GLN C 250 48.13 -25.51 -7.60
N THR C 251 48.63 -26.73 -7.38
CA THR C 251 49.85 -27.22 -8.04
C THR C 251 49.60 -27.81 -9.43
N SER C 252 48.33 -27.89 -9.82
CA SER C 252 47.95 -28.38 -11.15
C SER C 252 47.05 -27.39 -11.86
N ASP C 253 47.08 -27.42 -13.19
CA ASP C 253 46.20 -26.60 -14.02
C ASP C 253 44.75 -26.97 -13.77
N LEU C 254 43.86 -25.98 -13.79
CA LEU C 254 42.43 -26.22 -13.63
C LEU C 254 41.64 -25.68 -14.83
N ASN C 255 40.62 -26.43 -15.22
CA ASN C 255 39.76 -26.09 -16.36
C ASN C 255 38.40 -26.71 -16.06
N ASN C 256 37.32 -26.02 -16.42
CA ASN C 256 35.99 -26.58 -16.21
C ASN C 256 35.24 -26.90 -17.52
N ALA C 257 36.00 -27.20 -18.58
CA ALA C 257 35.43 -27.58 -19.86
C ALA C 257 34.39 -28.68 -19.67
N GLY C 258 33.23 -28.51 -20.30
CA GLY C 258 32.15 -29.48 -20.23
C GLY C 258 31.35 -29.54 -18.93
N LYS C 259 31.64 -28.65 -17.98
CA LYS C 259 30.94 -28.63 -16.69
C LYS C 259 29.99 -27.44 -16.60
N ASN C 260 28.80 -27.67 -16.04
CA ASN C 260 27.78 -26.61 -15.91
C ASN C 260 27.96 -25.79 -14.63
N TRP C 261 27.87 -24.46 -14.77
CA TRP C 261 28.06 -23.54 -13.66
C TRP C 261 27.19 -22.28 -13.80
N HIS C 262 27.30 -21.39 -12.81
CA HIS C 262 26.45 -20.20 -12.73
C HIS C 262 27.23 -18.89 -12.51
N MET C 263 26.78 -17.83 -13.19
CA MET C 263 27.19 -16.41 -12.99
C MET C 263 25.88 -15.59 -13.20
N GLY C 264 25.63 -14.42 -12.61
CA GLY C 264 26.38 -13.76 -11.58
C GLY C 264 26.67 -12.26 -11.72
N THR C 265 25.84 -11.45 -12.42
CA THR C 265 26.10 -9.97 -12.51
C THR C 265 25.15 -9.09 -11.69
N SER C 266 25.55 -7.84 -11.41
CA SER C 266 24.73 -6.95 -10.57
C SER C 266 24.82 -5.46 -10.90
N PHE C 267 23.67 -4.87 -11.25
CA PHE C 267 23.51 -3.43 -11.39
C PHE C 267 23.79 -2.75 -10.03
N HIS C 268 23.09 -3.18 -8.99
CA HIS C 268 23.20 -2.61 -7.65
C HIS C 268 24.62 -2.61 -7.09
N LYS C 269 25.36 -3.71 -7.27
CA LYS C 269 26.70 -3.85 -6.68
C LYS C 269 27.81 -3.23 -7.52
N SER C 270 27.51 -2.83 -8.75
CA SER C 270 28.53 -2.26 -9.62
C SER C 270 28.37 -0.75 -9.69
N PRO C 271 29.49 -0.01 -9.84
CA PRO C 271 29.38 1.44 -9.94
C PRO C 271 28.94 1.87 -11.34
N TRP C 272 28.49 3.11 -11.45
CA TRP C 272 28.33 3.74 -12.75
C TRP C 272 29.71 3.99 -13.33
N ARG C 273 29.85 3.83 -14.63
CA ARG C 273 30.96 4.47 -15.33
C ARG C 273 30.42 5.78 -15.85
N LYS C 274 31.07 6.88 -15.47
CA LYS C 274 30.60 8.21 -15.82
C LYS C 274 31.64 8.89 -16.71
N THR C 275 31.22 9.24 -17.92
CA THR C 275 32.09 9.87 -18.91
C THR C 275 31.59 11.28 -19.15
N ASP C 276 32.36 12.25 -18.67
CA ASP C 276 32.02 13.67 -18.79
C ASP C 276 32.20 14.11 -20.24
N LEU C 277 31.12 14.57 -20.86
CA LEU C 277 31.18 15.06 -22.24
C LEU C 277 31.22 16.58 -22.27
N GLY C 278 31.27 17.20 -21.09
CA GLY C 278 31.30 18.65 -20.94
C GLY C 278 30.04 19.32 -21.43
N LEU C 279 30.15 20.61 -21.75
CA LEU C 279 29.08 21.35 -22.40
C LEU C 279 29.16 21.04 -23.90
N ILE C 280 28.26 20.19 -24.39
CA ILE C 280 28.26 19.85 -25.81
C ILE C 280 27.78 21.07 -26.60
N PRO C 281 28.56 21.50 -27.61
CA PRO C 281 28.15 22.67 -28.39
C PRO C 281 26.81 22.46 -29.10
N SER C 282 25.96 23.48 -29.06
CA SER C 282 24.68 23.49 -29.77
C SER C 282 23.80 22.28 -29.46
N VAL C 283 23.47 22.12 -28.17
CA VAL C 283 22.52 21.09 -27.73
C VAL C 283 21.59 21.68 -26.69
N THR C 284 20.29 21.47 -26.87
CA THR C 284 19.28 21.87 -25.88
C THR C 284 18.84 20.65 -25.05
N GLU C 285 18.55 19.54 -25.73
CA GLU C 285 18.16 18.30 -25.07
C GLU C 285 18.68 17.09 -25.82
N VAL C 286 19.08 16.07 -25.06
CA VAL C 286 19.35 14.75 -25.64
C VAL C 286 18.14 13.88 -25.31
N HIS C 287 17.63 13.18 -26.32
CA HIS C 287 16.32 12.54 -26.23
C HIS C 287 16.28 11.32 -27.13
N SER C 288 15.81 10.21 -26.58
CA SER C 288 15.63 8.93 -27.31
C SER C 288 16.93 8.15 -27.54
N PHE C 289 16.77 6.84 -27.76
CA PHE C 289 17.87 5.89 -27.78
C PHE C 289 17.58 4.78 -28.79
N ALA C 290 18.57 4.47 -29.62
CA ALA C 290 18.47 3.38 -30.57
C ALA C 290 19.74 2.56 -30.57
N THR C 291 19.64 1.32 -30.10
CA THR C 291 20.75 0.38 -30.14
C THR C 291 21.06 0.03 -31.60
N ILE C 292 22.32 0.18 -31.99
CA ILE C 292 22.74 -0.05 -33.36
C ILE C 292 23.29 -1.47 -33.55
N ASP C 293 24.24 -1.84 -32.71
CA ASP C 293 24.83 -3.19 -32.75
C ASP C 293 25.46 -3.54 -31.41
N ASN C 294 26.43 -4.45 -31.45
CA ASN C 294 27.11 -4.95 -30.27
C ASN C 294 28.11 -3.95 -29.66
N ASN C 295 28.38 -2.88 -30.39
CA ASN C 295 29.42 -1.92 -30.00
C ASN C 295 28.90 -0.52 -29.65
N GLY C 296 27.72 -0.18 -30.14
CA GLY C 296 27.22 1.17 -29.95
C GLY C 296 25.75 1.43 -30.23
N PHE C 297 25.40 2.71 -30.17
CA PHE C 297 24.02 3.17 -30.22
C PHE C 297 23.98 4.61 -30.67
N ALA C 298 22.78 5.07 -31.00
CA ALA C 298 22.56 6.49 -31.27
C ALA C 298 21.62 7.07 -30.22
N MET C 299 21.79 8.37 -29.98
CA MET C 299 20.90 9.14 -29.12
C MET C 299 20.41 10.35 -29.91
N GLY C 300 19.14 10.70 -29.75
CA GLY C 300 18.58 11.87 -30.45
C GLY C 300 18.96 13.17 -29.76
N TYR C 301 18.87 14.27 -30.49
CA TYR C 301 19.12 15.59 -29.93
C TYR C 301 18.43 16.67 -30.73
N HIS C 302 18.24 17.83 -30.10
CA HIS C 302 17.87 19.03 -30.82
C HIS C 302 18.48 20.26 -30.17
N GLN C 303 18.62 21.30 -30.98
CA GLN C 303 19.09 22.61 -30.53
CA GLN C 303 19.08 22.60 -30.53
C GLN C 303 18.00 23.61 -30.87
N GLY C 304 17.38 24.19 -29.85
CA GLY C 304 16.29 25.15 -30.05
C GLY C 304 16.44 26.42 -29.26
N ASP C 305 17.68 26.87 -29.07
CA ASP C 305 17.96 28.11 -28.33
C ASP C 305 18.29 29.27 -29.25
N VAL C 306 18.97 28.97 -30.36
CA VAL C 306 19.35 29.98 -31.35
C VAL C 306 19.07 29.49 -32.77
N ALA C 307 19.01 30.41 -33.72
CA ALA C 307 18.84 30.06 -35.12
C ALA C 307 20.19 29.77 -35.78
N PRO C 308 20.26 28.76 -36.67
CA PRO C 308 19.17 27.87 -37.05
C PRO C 308 19.00 26.70 -36.08
N ARG C 309 17.77 26.21 -35.97
CA ARG C 309 17.45 25.07 -35.13
C ARG C 309 18.10 23.81 -35.69
N GLU C 310 18.59 22.95 -34.79
CA GLU C 310 19.15 21.66 -35.19
C GLU C 310 18.30 20.52 -34.64
N VAL C 311 18.11 19.49 -35.47
CA VAL C 311 17.49 18.24 -35.05
C VAL C 311 18.28 17.09 -35.66
N GLY C 312 18.65 16.10 -34.85
CA GLY C 312 19.39 14.95 -35.36
C GLY C 312 19.72 13.93 -34.30
N LEU C 313 20.89 13.31 -34.44
CA LEU C 313 21.33 12.24 -33.54
C LEU C 313 22.83 12.30 -33.28
N PHE C 314 23.25 11.71 -32.16
CA PHE C 314 24.63 11.45 -31.88
C PHE C 314 24.84 9.94 -31.94
N TYR C 315 25.71 9.49 -32.83
CA TYR C 315 26.02 8.07 -32.93
C TYR C 315 27.33 7.76 -32.20
N PHE C 316 27.26 6.83 -31.25
CA PHE C 316 28.43 6.40 -30.48
C PHE C 316 28.87 5.05 -31.06
N PRO C 317 29.86 5.06 -31.97
CA PRO C 317 30.21 3.83 -32.72
C PRO C 317 30.81 2.72 -31.86
N ASP C 318 31.55 3.09 -30.81
CA ASP C 318 32.15 2.12 -29.89
C ASP C 318 32.09 2.72 -28.49
N ALA C 319 30.91 2.58 -27.88
CA ALA C 319 30.65 3.16 -26.55
C ALA C 319 31.41 2.47 -25.43
N PHE C 320 31.95 1.28 -25.72
CA PHE C 320 32.69 0.50 -24.72
C PHE C 320 34.15 0.95 -24.62
N ASN C 321 34.86 0.98 -25.74
CA ASN C 321 36.24 1.46 -25.77
C ASN C 321 36.35 2.99 -25.78
N SER C 322 35.40 3.65 -26.43
CA SER C 322 35.45 5.10 -26.60
C SER C 322 34.12 5.79 -26.26
N PRO C 323 33.75 5.82 -24.96
CA PRO C 323 32.48 6.45 -24.56
C PRO C 323 32.38 7.94 -24.88
N SER C 324 33.53 8.61 -25.01
CA SER C 324 33.56 10.05 -25.27
C SER C 324 33.46 10.43 -26.75
N ASN C 325 33.51 9.43 -27.64
CA ASN C 325 33.43 9.69 -29.07
C ASN C 325 32.05 9.43 -29.68
N TYR C 326 31.51 10.46 -30.31
CA TYR C 326 30.22 10.38 -30.98
C TYR C 326 30.21 11.21 -32.27
N VAL C 327 29.34 10.83 -33.20
CA VAL C 327 29.22 11.55 -34.47
CA VAL C 327 29.21 11.51 -34.49
C VAL C 327 27.87 12.24 -34.59
N ARG C 328 27.92 13.56 -34.78
CA ARG C 328 26.71 14.37 -34.93
C ARG C 328 26.18 14.30 -36.36
N ARG C 329 24.92 13.89 -36.47
CA ARG C 329 24.24 13.79 -37.75
CA ARG C 329 24.24 13.79 -37.76
C ARG C 329 22.92 14.57 -37.69
N GLN C 330 22.64 15.34 -38.71
CA GLN C 330 21.41 16.14 -38.75
C GLN C 330 20.44 15.65 -39.81
N ILE C 331 19.15 15.87 -39.57
CA ILE C 331 18.12 15.60 -40.57
C ILE C 331 18.15 16.73 -41.60
N PRO C 332 17.56 16.52 -42.80
CA PRO C 332 17.56 17.57 -43.82
C PRO C 332 17.06 18.91 -43.26
N SER C 333 17.71 20.00 -43.66
CA SER C 333 17.47 21.32 -43.08
C SER C 333 16.04 21.83 -43.23
N GLU C 334 15.34 21.34 -44.25
CA GLU C 334 13.93 21.64 -44.50
C GLU C 334 13.03 21.28 -43.30
N TYR C 335 13.42 20.22 -42.60
CA TYR C 335 12.59 19.65 -41.53
C TYR C 335 13.01 20.07 -40.13
N GLU C 336 14.07 20.86 -40.04
CA GLU C 336 14.62 21.27 -38.75
C GLU C 336 13.91 22.44 -38.07
N PRO C 337 13.37 23.40 -38.85
CA PRO C 337 12.63 24.48 -38.18
C PRO C 337 11.39 23.95 -37.45
N ASP C 338 11.11 24.54 -36.29
CA ASP C 338 9.90 24.26 -35.52
C ASP C 338 9.80 22.78 -35.09
N ALA C 339 10.95 22.17 -34.82
CA ALA C 339 11.04 20.75 -34.46
C ALA C 339 11.95 20.48 -33.27
N SER C 340 11.63 19.45 -32.50
CA SER C 340 12.44 19.09 -31.33
C SER C 340 12.33 17.60 -31.03
N GLU C 341 13.08 17.17 -30.03
CA GLU C 341 12.93 15.87 -29.37
C GLU C 341 12.61 14.70 -30.31
N PRO C 342 13.58 14.33 -31.17
CA PRO C 342 13.36 13.25 -32.10
C PRO C 342 13.33 11.88 -31.40
N CYS C 343 12.37 11.04 -31.77
CA CYS C 343 12.39 9.63 -31.38
C CYS C 343 13.12 8.84 -32.45
N ILE C 344 14.04 7.97 -32.02
CA ILE C 344 14.82 7.19 -32.96
C ILE C 344 14.85 5.71 -32.61
N LYS C 345 14.71 4.87 -33.64
CA LYS C 345 14.83 3.42 -33.51
C LYS C 345 15.50 2.84 -34.76
N TYR C 346 16.08 1.65 -34.60
CA TYR C 346 16.89 1.05 -35.65
C TYR C 346 16.40 -0.38 -35.90
N TYR C 347 15.98 -0.64 -37.13
CA TYR C 347 15.46 -1.95 -37.51
C TYR C 347 16.02 -2.40 -38.85
N ASP C 348 16.64 -3.58 -38.86
CA ASP C 348 17.12 -4.23 -40.09
C ASP C 348 17.91 -3.27 -40.99
N GLY C 349 18.91 -2.61 -40.39
CA GLY C 349 19.80 -1.72 -41.13
C GLY C 349 19.24 -0.33 -41.45
N VAL C 350 18.04 -0.04 -40.97
CA VAL C 350 17.40 1.25 -41.23
C VAL C 350 17.16 2.02 -39.92
N LEU C 351 17.62 3.26 -39.91
CA LEU C 351 17.42 4.17 -38.79
CA LEU C 351 17.39 4.16 -38.78
C LEU C 351 16.21 5.08 -39.07
N TYR C 352 15.21 5.00 -38.20
CA TYR C 352 13.98 5.80 -38.32
C TYR C 352 13.97 6.90 -37.27
N LEU C 353 13.51 8.09 -37.67
CA LEU C 353 13.48 9.27 -36.80
C LEU C 353 12.17 10.04 -37.01
N ILE C 354 11.49 10.34 -35.91
CA ILE C 354 10.25 11.14 -35.94
C ILE C 354 10.37 12.34 -35.00
N THR C 355 10.09 13.53 -35.53
CA THR C 355 10.22 14.78 -34.77
C THR C 355 8.94 15.18 -34.04
N ARG C 356 9.11 16.02 -33.02
CA ARG C 356 8.02 16.72 -32.36
C ARG C 356 7.91 18.10 -32.98
N GLY C 357 6.68 18.56 -33.21
CA GLY C 357 6.45 19.93 -33.69
C GLY C 357 6.30 20.91 -32.53
N THR C 358 6.91 22.08 -32.66
CA THR C 358 6.88 23.10 -31.60
C THR C 358 5.57 23.88 -31.54
N ARG C 359 4.87 24.00 -32.67
CA ARG C 359 3.65 24.82 -32.73
C ARG C 359 2.66 24.42 -33.82
N GLY C 360 1.38 24.66 -33.55
CA GLY C 360 0.30 24.23 -34.43
C GLY C 360 0.07 25.06 -35.68
N ASP C 361 0.70 26.23 -35.74
CA ASP C 361 0.59 27.13 -36.90
C ASP C 361 1.75 26.99 -37.88
N ARG C 362 2.62 26.01 -37.65
CA ARG C 362 3.72 25.74 -38.56
C ARG C 362 3.89 24.25 -38.81
N LEU C 363 4.50 23.91 -39.95
CA LEU C 363 4.73 22.51 -40.30
C LEU C 363 5.37 21.76 -39.14
N GLY C 364 4.79 20.60 -38.79
CA GLY C 364 5.16 19.90 -37.57
C GLY C 364 5.91 18.60 -37.79
N SER C 365 5.55 17.61 -36.99
CA SER C 365 6.19 16.30 -36.98
C SER C 365 6.46 15.75 -38.38
N SER C 366 7.69 15.27 -38.58
CA SER C 366 8.09 14.66 -39.83
C SER C 366 8.83 13.36 -39.56
N LEU C 367 8.82 12.47 -40.55
CA LEU C 367 9.43 11.14 -40.43
C LEU C 367 10.59 11.00 -41.41
N HIS C 368 11.66 10.34 -40.94
CA HIS C 368 12.89 10.20 -41.71
C HIS C 368 13.46 8.80 -41.59
N ARG C 369 14.02 8.28 -42.68
CA ARG C 369 14.74 7.01 -42.64
C ARG C 369 16.12 7.11 -43.27
N SER C 370 17.05 6.30 -42.76
CA SER C 370 18.44 6.34 -43.20
C SER C 370 19.05 4.95 -43.22
N ARG C 371 19.83 4.68 -44.26
CA ARG C 371 20.52 3.40 -44.42
C ARG C 371 22.02 3.54 -44.12
N ASP C 372 22.43 4.73 -43.69
CA ASP C 372 23.83 5.01 -43.38
C ASP C 372 23.98 5.77 -42.06
N ILE C 373 23.16 5.39 -41.09
CA ILE C 373 23.16 5.95 -39.73
C ILE C 373 23.13 7.49 -39.69
N GLY C 374 22.31 8.08 -40.56
CA GLY C 374 22.04 9.51 -40.51
C GLY C 374 22.83 10.44 -41.42
N GLN C 375 23.64 9.87 -42.30
CA GLN C 375 24.37 10.66 -43.30
C GLN C 375 23.42 11.15 -44.39
N THR C 376 22.56 10.27 -44.88
CA THR C 376 21.53 10.62 -45.86
C THR C 376 20.15 10.17 -45.37
N TRP C 377 19.11 10.84 -45.86
CA TRP C 377 17.76 10.63 -45.38
C TRP C 377 16.72 10.59 -46.51
N GLU C 378 15.70 9.77 -46.32
CA GLU C 378 14.43 9.91 -47.03
C GLU C 378 13.42 10.44 -46.01
N SER C 379 12.59 11.38 -46.44
CA SER C 379 11.74 12.13 -45.51
C SER C 379 10.30 12.23 -45.96
N LEU C 380 9.40 12.43 -44.98
CA LEU C 380 8.02 12.80 -45.27
C LEU C 380 7.46 13.59 -44.09
N ARG C 381 6.53 14.49 -44.36
CA ARG C 381 5.89 15.22 -43.28
C ARG C 381 4.45 14.77 -43.05
N PHE C 382 4.10 14.63 -41.77
CA PHE C 382 2.72 14.34 -41.39
C PHE C 382 1.85 15.56 -41.67
N PRO C 383 0.64 15.34 -42.22
CA PRO C 383 -0.26 16.45 -42.49
C PRO C 383 -0.76 17.13 -41.21
N HIS C 384 -1.17 18.39 -41.35
CA HIS C 384 -1.88 19.14 -40.31
C HIS C 384 -1.08 19.50 -39.06
N ASN C 385 0.21 19.81 -39.24
CA ASN C 385 1.03 20.43 -38.20
C ASN C 385 0.98 19.73 -36.83
N VAL C 386 1.25 18.43 -36.81
CA VAL C 386 1.28 17.67 -35.57
C VAL C 386 2.30 18.32 -34.62
N HIS C 387 1.85 18.68 -33.42
CA HIS C 387 2.67 19.48 -32.51
C HIS C 387 2.47 19.16 -31.03
N HIS C 388 3.41 19.63 -30.20
CA HIS C 388 3.40 19.50 -28.72
C HIS C 388 3.61 18.09 -28.17
N THR C 389 3.63 17.10 -29.05
CA THR C 389 3.80 15.70 -28.64
C THR C 389 5.00 15.07 -29.33
N THR C 390 5.75 14.26 -28.59
CA THR C 390 6.70 13.35 -29.19
C THR C 390 5.90 12.21 -29.80
N LEU C 391 6.50 11.50 -30.74
CA LEU C 391 5.82 10.36 -31.37
C LEU C 391 6.64 9.07 -31.26
N PRO C 392 6.76 8.53 -30.03
CA PRO C 392 7.49 7.28 -29.85
C PRO C 392 6.83 6.15 -30.63
N PHE C 393 7.63 5.23 -31.13
CA PHE C 393 7.15 4.23 -32.07
C PHE C 393 7.98 2.94 -32.01
N ALA C 394 7.44 1.89 -32.61
CA ALA C 394 8.18 0.67 -32.89
C ALA C 394 7.78 0.18 -34.28
N LYS C 395 8.61 -0.66 -34.88
CA LYS C 395 8.30 -1.29 -36.15
C LYS C 395 7.82 -2.73 -35.94
N VAL C 396 6.63 -3.02 -36.44
CA VAL C 396 6.05 -4.37 -36.41
C VAL C 396 5.65 -4.73 -37.83
N GLY C 397 6.31 -5.72 -38.41
CA GLY C 397 6.14 -6.05 -39.82
C GLY C 397 6.51 -4.86 -40.68
N ASP C 398 5.62 -4.49 -41.61
CA ASP C 398 5.89 -3.38 -42.52
C ASP C 398 5.43 -2.03 -41.98
N ASP C 399 4.85 -2.04 -40.79
CA ASP C 399 4.28 -0.85 -40.20
C ASP C 399 5.13 -0.26 -39.09
N LEU C 400 5.24 1.07 -39.10
CA LEU C 400 5.62 1.79 -37.89
C LEU C 400 4.34 2.01 -37.12
N ILE C 401 4.36 1.70 -35.82
CA ILE C 401 3.22 1.98 -34.96
C ILE C 401 3.64 3.06 -33.98
N MET C 402 3.00 4.22 -34.08
CA MET C 402 3.40 5.39 -33.29
C MET C 402 2.27 5.89 -32.41
N PHE C 403 2.64 6.42 -31.24
CA PHE C 403 1.69 6.95 -30.27
C PHE C 403 1.97 8.41 -29.99
N GLY C 404 0.91 9.18 -29.76
CA GLY C 404 1.03 10.58 -29.38
C GLY C 404 -0.14 11.02 -28.52
N SER C 405 0.06 12.08 -27.75
CA SER C 405 -1.00 12.63 -26.89
C SER C 405 -0.98 14.16 -26.91
N GLU C 406 -2.15 14.76 -27.10
CA GLU C 406 -2.28 16.20 -26.87
C GLU C 406 -2.16 16.46 -25.37
N ARG C 407 -1.63 17.63 -25.04
CA ARG C 407 -1.30 17.97 -23.65
C ARG C 407 -2.52 18.47 -22.87
N ALA C 408 -3.47 19.05 -23.60
CA ALA C 408 -4.77 19.44 -23.09
C ALA C 408 -5.79 19.22 -24.20
N GLU C 409 -7.07 19.16 -23.85
CA GLU C 409 -8.12 18.81 -24.80
C GLU C 409 -8.19 19.78 -25.99
N ASN C 410 -8.32 19.22 -27.18
CA ASN C 410 -8.54 19.98 -28.42
C ASN C 410 -7.36 20.82 -28.90
N GLU C 411 -6.15 20.36 -28.61
CA GLU C 411 -4.93 21.04 -29.05
C GLU C 411 -4.25 20.36 -30.23
N TRP C 412 -4.71 19.17 -30.59
CA TRP C 412 -4.06 18.32 -31.58
C TRP C 412 -4.03 18.92 -32.99
N GLU C 413 -5.18 19.42 -33.42
CA GLU C 413 -5.37 19.91 -34.79
C GLU C 413 -4.54 21.15 -35.14
N ALA C 414 -4.18 21.27 -36.42
CA ALA C 414 -3.52 22.47 -36.93
C ALA C 414 -4.36 23.69 -36.64
N GLY C 415 -3.73 24.74 -36.14
CA GLY C 415 -4.41 26.00 -35.87
C GLY C 415 -5.21 26.03 -34.59
N ALA C 416 -5.28 24.90 -33.88
CA ALA C 416 -5.96 24.86 -32.59
C ALA C 416 -5.10 25.58 -31.54
N PRO C 417 -5.68 26.56 -30.83
CA PRO C 417 -4.94 27.30 -29.83
C PRO C 417 -4.68 26.45 -28.59
N ASP C 418 -3.66 26.81 -27.81
CA ASP C 418 -3.43 26.17 -26.51
C ASP C 418 -4.60 26.46 -25.61
N ASP C 419 -5.07 25.44 -24.90
CA ASP C 419 -6.22 25.59 -24.02
C ASP C 419 -5.82 25.14 -22.63
N ARG C 420 -5.26 26.07 -21.87
CA ARG C 420 -4.72 25.77 -20.54
C ARG C 420 -5.48 26.51 -19.45
N TYR C 421 -5.12 26.25 -18.20
CA TYR C 421 -5.72 26.90 -17.03
C TYR C 421 -7.18 26.49 -16.79
N LYS C 422 -7.59 25.38 -17.37
CA LYS C 422 -8.90 24.79 -17.12
C LYS C 422 -8.85 23.28 -17.32
N ALA C 423 -9.56 22.54 -16.48
CA ALA C 423 -9.61 21.08 -16.57
C ALA C 423 -10.18 20.61 -17.91
N SER C 424 -9.56 19.59 -18.49
CA SER C 424 -10.06 19.01 -19.74
C SER C 424 -9.66 17.55 -19.88
N TYR C 425 -10.12 16.91 -20.95
CA TYR C 425 -9.83 15.49 -21.22
C TYR C 425 -9.08 15.30 -22.54
N PRO C 426 -7.72 15.44 -22.51
CA PRO C 426 -6.91 15.30 -23.72
C PRO C 426 -6.98 13.92 -24.37
N ARG C 427 -7.02 13.90 -25.70
CA ARG C 427 -7.07 12.68 -26.48
C ARG C 427 -5.68 12.11 -26.72
N THR C 428 -5.55 10.80 -26.53
CA THR C 428 -4.33 10.07 -26.93
C THR C 428 -4.61 9.25 -28.18
N PHE C 429 -3.68 9.32 -29.13
CA PHE C 429 -3.84 8.69 -30.44
C PHE C 429 -2.74 7.68 -30.71
N TYR C 430 -3.02 6.76 -31.63
CA TYR C 430 -1.99 5.97 -32.29
C TYR C 430 -2.26 5.94 -33.80
N ALA C 431 -1.21 5.64 -34.57
CA ALA C 431 -1.33 5.49 -36.01
C ALA C 431 -0.31 4.50 -36.56
N ARG C 432 -0.67 3.86 -37.66
CA ARG C 432 0.23 2.97 -38.38
C ARG C 432 0.71 3.65 -39.66
N LEU C 433 1.96 3.39 -40.02
CA LEU C 433 2.51 3.86 -41.28
C LEU C 433 3.30 2.74 -41.95
N ASN C 434 2.84 2.35 -43.14
CA ASN C 434 3.50 1.33 -43.94
C ASN C 434 4.79 1.89 -44.56
N VAL C 435 5.92 1.26 -44.26
CA VAL C 435 7.23 1.75 -44.70
C VAL C 435 7.50 1.57 -46.21
N ASN C 436 6.88 0.56 -46.81
CA ASN C 436 6.99 0.34 -48.26
C ASN C 436 6.28 1.44 -49.05
N ASN C 437 5.09 1.83 -48.58
CA ASN C 437 4.29 2.85 -49.24
C ASN C 437 4.83 4.26 -49.00
N TRP C 438 5.50 4.43 -47.87
CA TRP C 438 6.16 5.70 -47.50
C TRP C 438 5.37 6.93 -47.91
N ASN C 439 4.17 7.07 -47.34
CA ASN C 439 3.27 8.17 -47.66
C ASN C 439 2.29 8.41 -46.51
N ALA C 440 2.36 9.59 -45.92
CA ALA C 440 1.53 9.93 -44.76
C ALA C 440 0.30 10.77 -45.10
N ASP C 441 0.07 11.02 -46.38
CA ASP C 441 -1.06 11.86 -46.81
C ASP C 441 -2.36 11.44 -46.15
N ASP C 442 -2.59 10.14 -46.10
CA ASP C 442 -3.84 9.58 -45.58
C ASP C 442 -3.66 8.83 -44.27
N ILE C 443 -2.70 9.28 -43.45
CA ILE C 443 -2.45 8.68 -42.13
C ILE C 443 -3.69 8.80 -41.24
N GLU C 444 -3.99 7.74 -40.49
CA GLU C 444 -5.19 7.70 -39.66
C GLU C 444 -4.85 7.67 -38.17
N TRP C 445 -5.01 8.81 -37.53
CA TRP C 445 -4.80 8.93 -36.08
C TRP C 445 -6.04 8.45 -35.32
N VAL C 446 -5.88 7.37 -34.56
CA VAL C 446 -7.00 6.74 -33.87
C VAL C 446 -6.96 7.05 -32.37
N ASN C 447 -7.98 7.75 -31.90
CA ASN C 447 -8.12 8.09 -30.49
C ASN C 447 -8.55 6.85 -29.70
N ILE C 448 -7.66 6.36 -28.83
CA ILE C 448 -7.86 5.07 -28.15
C ILE C 448 -8.08 5.18 -26.64
N THR C 449 -7.68 6.30 -26.06
CA THR C 449 -7.88 6.60 -24.64
C THR C 449 -7.84 8.12 -24.42
N ASP C 450 -8.57 8.59 -23.41
CA ASP C 450 -8.51 9.99 -22.97
C ASP C 450 -7.93 10.11 -21.57
N GLN C 451 -7.11 11.14 -21.38
CA GLN C 451 -6.46 11.43 -20.11
C GLN C 451 -7.11 12.67 -19.48
N ILE C 452 -6.62 13.09 -18.31
CA ILE C 452 -7.06 14.32 -17.66
C ILE C 452 -5.93 15.34 -17.62
N TYR C 453 -6.23 16.57 -18.01
CA TYR C 453 -5.35 17.72 -17.74
C TYR C 453 -5.98 18.52 -16.61
N GLN C 454 -5.23 18.72 -15.53
CA GLN C 454 -5.77 19.27 -14.30
C GLN C 454 -6.13 20.76 -14.41
N GLY C 455 -5.20 21.57 -14.90
CA GLY C 455 -5.47 22.99 -15.18
C GLY C 455 -5.07 24.00 -14.11
N GLY C 456 -4.55 23.51 -12.99
CA GLY C 456 -4.09 24.39 -11.91
C GLY C 456 -2.85 25.21 -12.26
N ILE C 457 -2.04 24.69 -13.18
CA ILE C 457 -0.91 25.43 -13.75
C ILE C 457 -0.94 25.30 -15.27
N VAL C 458 -0.14 26.11 -15.97
CA VAL C 458 -0.12 26.11 -17.42
C VAL C 458 0.46 24.80 -17.99
N ASN C 459 1.44 24.23 -17.30
CA ASN C 459 2.14 23.03 -17.76
C ASN C 459 1.26 21.79 -17.68
N SER C 460 1.55 20.83 -18.56
CA SER C 460 0.87 19.55 -18.58
C SER C 460 1.86 18.38 -18.55
N GLY C 461 1.57 17.40 -17.69
CA GLY C 461 2.36 16.18 -17.62
C GLY C 461 1.86 15.10 -18.56
N VAL C 462 0.72 15.37 -19.20
CA VAL C 462 0.10 14.42 -20.13
C VAL C 462 0.99 14.10 -21.34
N GLY C 463 1.16 12.81 -21.61
CA GLY C 463 1.83 12.36 -22.83
C GLY C 463 3.34 12.26 -22.72
N VAL C 464 4.03 12.86 -23.68
CA VAL C 464 5.50 12.79 -23.85
C VAL C 464 6.21 11.48 -23.45
N GLY C 465 5.64 10.39 -23.96
CA GLY C 465 5.98 9.04 -23.50
C GLY C 465 7.06 8.28 -24.23
N SER C 466 6.92 6.96 -24.21
CA SER C 466 7.92 6.04 -24.74
C SER C 466 7.23 4.73 -25.08
N VAL C 467 7.79 4.01 -26.07
CA VAL C 467 7.15 2.81 -26.63
C VAL C 467 8.09 1.62 -26.67
N VAL C 468 7.61 0.45 -26.26
CA VAL C 468 8.33 -0.82 -26.43
C VAL C 468 7.42 -1.95 -26.91
N VAL C 469 8.02 -2.92 -27.59
CA VAL C 469 7.34 -4.17 -27.94
C VAL C 469 7.93 -5.31 -27.12
N LYS C 470 7.05 -6.11 -26.51
CA LYS C 470 7.47 -7.39 -25.94
C LYS C 470 6.51 -8.46 -26.44
N ASP C 471 7.08 -9.48 -27.07
CA ASP C 471 6.32 -10.54 -27.72
C ASP C 471 5.32 -9.92 -28.69
N ASN C 472 4.04 -10.27 -28.58
CA ASN C 472 2.97 -9.81 -29.47
CA ASN C 472 3.05 -9.74 -29.52
C ASN C 472 2.19 -8.59 -28.96
N TYR C 473 2.78 -7.82 -28.05
CA TYR C 473 2.12 -6.64 -27.48
C TYR C 473 3.03 -5.41 -27.59
N ILE C 474 2.42 -4.26 -27.87
CA ILE C 474 3.11 -2.97 -27.87
C ILE C 474 2.65 -2.17 -26.65
N TYR C 475 3.56 -1.40 -26.07
CA TYR C 475 3.32 -0.68 -24.83
C TYR C 475 3.70 0.78 -24.99
N TYR C 476 2.74 1.66 -24.71
CA TYR C 476 2.98 3.11 -24.70
C TYR C 476 2.92 3.59 -23.26
N MET C 477 4.07 3.97 -22.72
CA MET C 477 4.19 4.48 -21.35
C MET C 477 4.24 6.00 -21.40
N PHE C 478 3.33 6.65 -20.67
CA PHE C 478 3.12 8.10 -20.80
C PHE C 478 2.44 8.73 -19.59
N GLY C 479 2.50 10.05 -19.52
CA GLY C 479 1.92 10.78 -18.40
C GLY C 479 0.43 11.07 -18.54
N GLY C 480 -0.22 11.24 -17.39
CA GLY C 480 -1.59 11.73 -17.33
C GLY C 480 -1.82 12.33 -15.96
N GLU C 481 -2.74 13.28 -15.87
CA GLU C 481 -3.05 13.92 -14.59
C GLU C 481 -4.38 13.47 -14.02
N ASP C 482 -4.78 14.09 -12.92
CA ASP C 482 -6.10 13.90 -12.31
C ASP C 482 -6.63 15.29 -11.92
N HIS C 483 -7.78 15.36 -11.28
CA HIS C 483 -8.41 16.64 -10.93
C HIS C 483 -7.93 17.26 -9.63
N PHE C 484 -6.91 16.68 -8.98
CA PHE C 484 -6.38 17.22 -7.74
C PHE C 484 -5.36 18.32 -8.01
N ASN C 485 -5.71 19.56 -7.64
CA ASN C 485 -4.85 20.72 -7.80
C ASN C 485 -3.59 20.64 -6.94
N PRO C 486 -2.42 21.01 -7.50
CA PRO C 486 -1.19 21.04 -6.70
C PRO C 486 -1.08 22.27 -5.81
N TRP C 487 -2.04 23.20 -5.94
CA TRP C 487 -2.10 24.46 -5.17
C TRP C 487 -0.82 25.30 -5.26
N THR C 488 -0.21 25.30 -6.44
CA THR C 488 0.90 26.20 -6.78
C THR C 488 0.41 27.66 -6.64
N TYR C 489 -0.79 27.91 -7.18
CA TYR C 489 -1.52 29.12 -6.88
C TYR C 489 -2.50 28.80 -5.77
N GLY C 490 -2.08 29.09 -4.55
CA GLY C 490 -2.75 28.62 -3.34
C GLY C 490 -1.71 28.43 -2.25
N ASP C 491 -1.92 27.44 -1.38
CA ASP C 491 -1.09 27.26 -0.18
C ASP C 491 0.23 26.50 -0.38
N ASN C 492 0.53 26.11 -1.62
CA ASN C 492 1.73 25.31 -1.90
C ASN C 492 2.56 25.83 -3.08
N SER C 493 2.89 27.12 -3.05
CA SER C 493 3.76 27.70 -4.09
C SER C 493 5.14 27.07 -4.06
N ALA C 494 5.54 26.59 -2.87
CA ALA C 494 6.82 25.90 -2.68
C ALA C 494 6.87 24.54 -3.38
N LYS C 495 5.70 24.05 -3.78
CA LYS C 495 5.54 22.80 -4.55
C LYS C 495 5.96 21.51 -3.81
N ASP C 496 5.86 21.54 -2.49
CA ASP C 496 6.14 20.39 -1.62
C ASP C 496 5.18 19.25 -1.99
N PRO C 497 5.72 18.12 -2.51
CA PRO C 497 4.89 16.99 -2.94
C PRO C 497 4.10 16.35 -1.81
N PHE C 498 4.56 16.52 -0.58
CA PHE C 498 3.99 15.79 0.55
C PHE C 498 2.90 16.54 1.32
N LYS C 499 2.58 17.73 0.83
CA LYS C 499 1.42 18.48 1.29
C LYS C 499 0.21 18.10 0.44
N SER C 500 -0.94 17.95 1.09
CA SER C 500 -2.20 17.64 0.39
CA SER C 500 -2.20 17.61 0.41
C SER C 500 -2.04 16.45 -0.57
N ASP C 501 -2.51 16.61 -1.80
CA ASP C 501 -2.46 15.54 -2.80
C ASP C 501 -1.19 15.56 -3.65
N GLY C 502 -0.22 16.40 -3.27
CA GLY C 502 0.98 16.57 -4.08
C GLY C 502 0.65 16.93 -5.51
N HIS C 503 1.40 16.37 -6.45
CA HIS C 503 1.30 16.72 -7.86
C HIS C 503 0.53 15.67 -8.67
N PRO C 504 -0.42 16.12 -9.51
CA PRO C 504 -1.36 15.19 -10.17
C PRO C 504 -0.78 14.29 -11.25
N SER C 505 0.39 14.65 -11.80
CA SER C 505 0.98 13.86 -12.89
C SER C 505 1.46 12.50 -12.41
N ASP C 506 1.06 11.47 -13.14
CA ASP C 506 1.47 10.09 -12.90
C ASP C 506 1.53 9.34 -14.22
N LEU C 507 2.13 8.16 -14.19
CA LEU C 507 2.36 7.38 -15.41
C LEU C 507 1.27 6.38 -15.69
N TYR C 508 1.03 6.18 -16.99
CA TYR C 508 0.07 5.22 -17.51
C TYR C 508 0.75 4.38 -18.58
N CYS C 509 0.13 3.25 -18.93
CA CYS C 509 0.64 2.41 -20.00
C CYS C 509 -0.51 1.83 -20.81
N TYR C 510 -0.54 2.15 -22.10
CA TYR C 510 -1.48 1.51 -22.99
C TYR C 510 -0.85 0.26 -23.61
N LYS C 511 -1.44 -0.88 -23.30
CA LYS C 511 -0.98 -2.18 -23.79
C LYS C 511 -1.90 -2.62 -24.93
N MET C 512 -1.32 -2.76 -26.13
CA MET C 512 -2.09 -3.09 -27.32
C MET C 512 -1.55 -4.35 -28.00
N LYS C 513 -2.45 -5.26 -28.32
CA LYS C 513 -2.09 -6.48 -29.05
C LYS C 513 -1.73 -6.18 -30.51
N ILE C 514 -0.62 -6.72 -30.97
CA ILE C 514 -0.13 -6.45 -32.33
C ILE C 514 0.21 -7.73 -33.12
N GLY C 515 -0.13 -8.87 -32.55
CA GLY C 515 0.07 -10.17 -33.20
C GLY C 515 -0.64 -11.26 -32.41
N PRO C 516 -0.71 -12.48 -32.97
CA PRO C 516 -1.47 -13.55 -32.33
C PRO C 516 -0.95 -13.93 -30.94
N ASP C 517 -1.86 -14.30 -30.06
CA ASP C 517 -1.53 -14.81 -28.74
C ASP C 517 -1.99 -16.28 -28.70
N ASN C 518 -1.02 -17.17 -28.84
CA ASN C 518 -1.30 -18.61 -28.97
C ASN C 518 -1.36 -19.33 -27.63
N ARG C 519 -1.51 -18.57 -26.55
CA ARG C 519 -1.61 -19.14 -25.21
C ARG C 519 -2.94 -18.77 -24.58
N VAL C 520 -3.36 -19.58 -23.61
CA VAL C 520 -4.47 -19.24 -22.73
C VAL C 520 -4.07 -17.98 -21.94
N SER C 521 -5.06 -17.19 -21.53
CA SER C 521 -4.81 -15.88 -20.90
C SER C 521 -3.99 -15.97 -19.61
N ARG C 522 -3.15 -14.96 -19.38
CA ARG C 522 -2.41 -14.82 -18.12
C ARG C 522 -3.08 -13.80 -17.20
N ASP C 523 -4.14 -13.16 -17.68
CA ASP C 523 -4.78 -12.04 -16.96
C ASP C 523 -5.33 -12.43 -15.60
N PHE C 524 -5.13 -11.54 -14.63
CA PHE C 524 -5.72 -11.70 -13.30
C PHE C 524 -6.29 -10.39 -12.78
N ARG C 525 -7.19 -10.50 -11.82
CA ARG C 525 -7.62 -9.36 -11.04
C ARG C 525 -6.74 -9.27 -9.79
N TYR C 526 -6.19 -8.09 -9.54
CA TYR C 526 -5.31 -7.90 -8.39
C TYR C 526 -6.13 -7.73 -7.13
N GLY C 527 -6.03 -8.72 -6.22
CA GLY C 527 -6.82 -8.72 -4.99
C GLY C 527 -6.00 -8.77 -3.71
N ALA C 528 -4.68 -8.66 -3.86
CA ALA C 528 -3.74 -8.74 -2.74
C ALA C 528 -3.57 -7.40 -2.01
N VAL C 529 -3.11 -7.45 -0.76
CA VAL C 529 -2.57 -6.27 -0.09
C VAL C 529 -1.21 -5.97 -0.73
N PRO C 530 -1.02 -4.76 -1.28
CA PRO C 530 0.30 -4.42 -1.82
C PRO C 530 1.32 -4.44 -0.69
N ASN C 531 2.27 -5.36 -0.75
CA ASN C 531 3.14 -5.62 0.39
C ASN C 531 4.63 -5.64 0.05
N ARG C 532 5.00 -4.85 -0.97
CA ARG C 532 6.40 -4.71 -1.39
C ARG C 532 7.03 -3.41 -0.88
N ALA C 533 6.28 -2.31 -0.97
CA ALA C 533 6.78 -0.99 -0.56
C ALA C 533 7.06 -0.92 0.96
N VAL C 534 6.06 -1.26 1.76
CA VAL C 534 6.22 -1.41 3.21
C VAL C 534 5.68 -2.80 3.60
N PRO C 535 6.54 -3.84 3.54
CA PRO C 535 6.07 -5.20 3.80
C PRO C 535 5.62 -5.38 5.25
N VAL C 536 4.32 -5.65 5.42
CA VAL C 536 3.72 -5.80 6.75
C VAL C 536 3.20 -7.21 6.97
N PHE C 537 3.53 -7.77 8.13
CA PHE C 537 3.03 -9.07 8.53
C PHE C 537 2.50 -8.99 9.94
N PHE C 538 1.28 -9.48 10.15
CA PHE C 538 0.74 -9.60 11.50
C PHE C 538 1.52 -10.69 12.21
N ASP C 539 2.25 -10.32 13.25
CA ASP C 539 3.05 -11.30 13.98
C ASP C 539 2.15 -12.21 14.82
N THR C 540 2.76 -13.21 15.46
CA THR C 540 2.00 -14.18 16.26
C THR C 540 1.33 -13.53 17.46
N ASN C 541 1.73 -12.31 17.79
CA ASN C 541 1.11 -11.54 18.87
C ASN C 541 0.04 -10.55 18.36
N GLY C 542 -0.20 -10.56 17.05
CA GLY C 542 -1.26 -9.74 16.46
C GLY C 542 -0.88 -8.30 16.17
N VAL C 543 0.42 -8.04 16.11
CA VAL C 543 0.93 -6.68 15.86
C VAL C 543 1.59 -6.61 14.47
N ARG C 544 1.25 -5.56 13.71
CA ARG C 544 1.84 -5.31 12.40
C ARG C 544 3.37 -5.20 12.52
N THR C 545 4.06 -5.99 11.70
CA THR C 545 5.52 -6.09 11.77
C THR C 545 6.13 -5.85 10.40
N VAL C 546 7.12 -4.96 10.34
CA VAL C 546 7.86 -4.64 9.11
C VAL C 546 9.30 -5.16 9.22
N PRO C 547 9.62 -6.25 8.49
CA PRO C 547 10.97 -6.82 8.60
C PRO C 547 11.99 -6.21 7.66
N ALA C 548 11.53 -5.40 6.71
CA ALA C 548 12.41 -4.74 5.74
C ALA C 548 13.17 -3.57 6.35
N PRO C 549 14.43 -3.35 5.91
CA PRO C 549 15.14 -2.13 6.30
C PRO C 549 14.48 -0.90 5.68
N MET C 550 14.33 0.16 6.46
CA MET C 550 13.65 1.35 5.97
CA MET C 550 13.59 1.36 6.03
C MET C 550 14.36 2.63 6.37
N GLU C 551 14.20 3.65 5.53
CA GLU C 551 14.72 4.98 5.81
C GLU C 551 13.55 5.97 5.84
N PHE C 552 13.41 6.69 6.96
CA PHE C 552 12.46 7.77 7.05
C PHE C 552 13.26 9.06 7.10
N THR C 553 13.14 9.88 6.06
CA THR C 553 13.94 11.10 5.97
C THR C 553 13.16 12.38 6.32
N GLY C 554 11.83 12.28 6.31
CA GLY C 554 10.97 13.40 6.73
C GLY C 554 10.94 13.52 8.24
N ASP C 555 10.44 14.64 8.74
CA ASP C 555 10.30 14.86 10.18
C ASP C 555 9.32 13.86 10.79
N LEU C 556 9.76 13.17 11.83
CA LEU C 556 8.97 12.14 12.48
C LEU C 556 8.56 12.54 13.89
N GLY C 557 7.29 12.29 14.22
CA GLY C 557 6.81 12.35 15.59
C GLY C 557 6.44 10.95 16.02
N LEU C 558 6.98 10.52 17.16
CA LEU C 558 6.73 9.17 17.65
C LEU C 558 6.06 9.23 19.02
N GLY C 559 5.26 8.20 19.34
CA GLY C 559 4.62 8.09 20.65
C GLY C 559 5.53 7.31 21.59
N HIS C 560 4.96 6.35 22.32
CA HIS C 560 5.77 5.47 23.15
C HIS C 560 6.69 4.62 22.28
N VAL C 561 7.97 4.57 22.65
CA VAL C 561 8.97 3.86 21.86
C VAL C 561 9.69 2.80 22.68
N THR C 562 9.80 1.60 22.11
CA THR C 562 10.63 0.54 22.67
C THR C 562 11.69 0.14 21.64
N ILE C 563 12.94 0.10 22.09
CA ILE C 563 14.04 -0.38 21.25
C ILE C 563 14.30 -1.84 21.59
N ARG C 564 13.98 -2.72 20.64
CA ARG C 564 14.10 -4.17 20.84
C ARG C 564 15.56 -4.62 20.74
N ALA C 565 15.84 -5.77 21.34
CA ALA C 565 17.12 -6.44 21.16
C ALA C 565 17.27 -6.77 19.68
N SER C 566 18.42 -6.44 19.09
CA SER C 566 18.61 -6.49 17.65
C SER C 566 20.03 -6.89 17.25
N THR C 567 21.00 -6.62 18.13
CA THR C 567 22.39 -6.56 17.71
C THR C 567 23.33 -7.47 18.50
N SER C 568 24.30 -8.05 17.80
CA SER C 568 25.34 -8.92 18.36
C SER C 568 24.71 -10.15 19.02
N SER C 569 24.23 -11.07 18.18
CA SER C 569 23.44 -12.23 18.63
C SER C 569 22.28 -11.79 19.53
N ASN C 570 21.68 -10.66 19.18
CA ASN C 570 20.56 -10.07 19.92
C ASN C 570 20.79 -9.86 21.43
N ILE C 571 22.05 -9.69 21.82
CA ILE C 571 22.36 -9.42 23.23
C ILE C 571 21.89 -8.02 23.63
N ARG C 572 21.88 -7.09 22.67
CA ARG C 572 21.60 -5.69 23.00
C ARG C 572 20.61 -4.99 22.08
N SER C 573 19.98 -3.95 22.62
CA SER C 573 19.28 -2.96 21.81
C SER C 573 20.31 -1.88 21.48
N GLU C 574 20.13 -1.20 20.36
CA GLU C 574 21.14 -0.25 19.89
C GLU C 574 20.55 0.94 19.14
N VAL C 575 21.02 2.12 19.53
CA VAL C 575 20.77 3.35 18.78
C VAL C 575 22.12 4.00 18.47
N LEU C 576 22.37 4.28 17.19
CA LEU C 576 23.58 4.99 16.76
C LEU C 576 23.19 6.36 16.20
N MET C 577 23.97 7.38 16.56
CA MET C 577 23.72 8.74 16.07
C MET C 577 24.79 9.17 15.09
N GLU C 578 24.37 9.70 13.94
CA GLU C 578 25.31 10.13 12.90
C GLU C 578 25.55 11.65 12.97
N GLY C 579 26.17 12.20 11.92
CA GLY C 579 26.58 13.60 11.90
C GLY C 579 27.91 13.79 12.62
N GLU C 580 28.37 15.04 12.69
CA GLU C 580 29.57 15.36 13.48
C GLU C 580 29.30 15.09 14.96
N TYR C 581 28.13 15.51 15.43
CA TYR C 581 27.70 15.18 16.79
C TYR C 581 26.23 14.77 16.83
N GLY C 582 25.86 14.04 17.88
CA GLY C 582 24.45 13.73 18.14
C GLY C 582 23.93 14.62 19.25
N PHE C 583 22.64 14.93 19.20
CA PHE C 583 22.01 15.75 20.24
C PHE C 583 20.71 15.12 20.71
N ILE C 584 20.63 14.85 22.01
CA ILE C 584 19.41 14.38 22.64
C ILE C 584 18.99 15.44 23.65
N GLY C 585 17.87 16.10 23.38
CA GLY C 585 17.39 17.20 24.21
C GLY C 585 15.92 17.14 24.58
N LYS C 586 15.49 18.17 25.29
CA LYS C 586 14.17 18.21 25.93
C LYS C 586 13.46 19.52 25.58
N SER C 587 12.30 19.40 24.95
CA SER C 587 11.48 20.57 24.61
C SER C 587 11.04 21.33 25.86
N ILE C 588 10.73 22.62 25.70
CA ILE C 588 10.07 23.39 26.75
C ILE C 588 8.65 22.83 26.91
N PRO C 589 8.30 22.36 28.13
CA PRO C 589 6.97 21.81 28.38
C PRO C 589 5.87 22.85 28.23
N THR C 590 4.68 22.40 27.85
CA THR C 590 3.54 23.30 27.68
C THR C 590 2.88 23.66 29.01
N ASP C 591 2.52 22.65 29.80
CA ASP C 591 1.72 22.87 31.01
C ASP C 591 2.54 23.15 32.27
N ASN C 592 3.68 22.47 32.41
CA ASN C 592 4.58 22.71 33.53
C ASN C 592 6.04 22.88 33.08
N PRO C 593 6.38 24.06 32.51
CA PRO C 593 7.77 24.30 32.09
C PRO C 593 8.77 24.21 33.26
N ALA C 594 8.30 24.50 34.47
CA ALA C 594 9.17 24.45 35.65
C ALA C 594 9.60 23.02 36.03
N GLY C 595 9.11 22.03 35.27
CA GLY C 595 9.51 20.63 35.45
C GLY C 595 10.45 20.08 34.38
N GLN C 596 10.80 20.91 33.40
CA GLN C 596 11.66 20.50 32.28
C GLN C 596 12.92 19.72 32.71
N ARG C 597 13.02 18.48 32.24
CA ARG C 597 14.16 17.60 32.56
C ARG C 597 14.11 16.32 31.75
N ILE C 598 15.23 15.60 31.72
CA ILE C 598 15.27 14.22 31.20
C ILE C 598 15.89 13.31 32.25
N ILE C 599 15.21 12.21 32.54
CA ILE C 599 15.72 11.17 33.43
C ILE C 599 16.30 10.04 32.59
N PHE C 600 17.59 9.75 32.81
CA PHE C 600 18.23 8.57 32.23
C PHE C 600 18.37 7.50 33.30
N CYS C 601 17.96 6.28 32.98
CA CYS C 601 17.90 5.20 33.98
C CYS C 601 18.41 3.86 33.47
N GLY C 602 19.20 3.17 34.29
CA GLY C 602 19.66 1.83 33.98
C GLY C 602 18.63 0.74 34.28
N GLY C 603 17.48 1.13 34.80
CA GLY C 603 16.38 0.23 35.10
C GLY C 603 15.05 0.61 34.46
N GLU C 604 14.01 -0.14 34.75
CA GLU C 604 12.76 -0.12 33.98
C GLU C 604 11.80 1.05 34.23
N GLY C 605 11.93 1.70 35.39
CA GLY C 605 10.96 2.72 35.77
C GLY C 605 11.55 4.06 36.20
N THR C 606 10.67 5.05 36.36
CA THR C 606 11.08 6.38 36.79
C THR C 606 11.56 6.40 38.24
N SER C 607 11.12 5.45 39.06
CA SER C 607 11.65 5.29 40.42
C SER C 607 13.12 4.88 40.38
N SER C 608 13.95 5.58 41.15
CA SER C 608 15.38 5.27 41.20
C SER C 608 15.68 3.93 41.89
N THR C 609 14.65 3.31 42.47
CA THR C 609 14.76 1.97 43.04
CA THR C 609 14.78 1.98 43.04
C THR C 609 15.03 0.94 41.95
N THR C 610 14.60 1.25 40.72
CA THR C 610 14.75 0.31 39.58
C THR C 610 16.12 0.30 38.91
N GLY C 611 16.92 1.34 39.14
CA GLY C 611 18.27 1.41 38.57
C GLY C 611 18.94 2.75 38.81
N ALA C 612 20.24 2.82 38.49
CA ALA C 612 20.99 4.07 38.57
C ALA C 612 20.40 5.14 37.66
N GLN C 613 20.41 6.39 38.11
CA GLN C 613 19.85 7.49 37.34
C GLN C 613 20.78 8.69 37.25
N ILE C 614 20.72 9.38 36.11
CA ILE C 614 21.26 10.72 35.99
C ILE C 614 20.13 11.57 35.43
N THR C 615 19.84 12.69 36.08
CA THR C 615 18.77 13.57 35.65
C THR C 615 19.34 14.94 35.29
N LEU C 616 19.09 15.37 34.06
CA LEU C 616 19.54 16.68 33.58
C LEU C 616 18.35 17.62 33.61
N TYR C 617 18.48 18.70 34.37
CA TYR C 617 17.39 19.67 34.53
C TYR C 617 17.52 20.80 33.50
N GLY C 618 16.41 21.18 32.89
CA GLY C 618 16.40 22.28 31.93
C GLY C 618 16.57 23.63 32.61
N ALA C 619 16.85 24.66 31.80
CA ALA C 619 16.97 26.02 32.32
C ALA C 619 15.63 26.57 32.80
N ASN C 620 14.52 26.05 32.25
CA ASN C 620 13.18 26.44 32.68
C ASN C 620 12.76 25.79 34.00
N ASN C 621 13.47 24.75 34.42
CA ASN C 621 13.16 24.04 35.66
C ASN C 621 13.31 24.96 36.86
N THR C 622 12.47 24.75 37.88
CA THR C 622 12.62 25.45 39.16
C THR C 622 14.08 25.39 39.64
N ASP C 623 14.65 24.19 39.58
CA ASP C 623 16.06 23.97 39.90
C ASP C 623 16.85 24.05 38.59
N SER C 624 17.14 25.28 38.16
CA SER C 624 17.65 25.54 36.81
C SER C 624 19.02 24.93 36.58
N ARG C 625 19.12 24.09 35.55
CA ARG C 625 20.38 23.44 35.14
C ARG C 625 21.01 22.54 36.20
N ARG C 626 20.19 22.06 37.13
CA ARG C 626 20.64 21.07 38.12
C ARG C 626 21.00 19.74 37.43
N ILE C 627 21.98 19.03 37.97
CA ILE C 627 22.21 17.63 37.63
C ILE C 627 22.24 16.80 38.93
N VAL C 628 21.41 15.76 38.97
CA VAL C 628 21.43 14.79 40.07
C VAL C 628 21.95 13.45 39.54
N TYR C 629 23.04 12.95 40.14
CA TYR C 629 23.60 11.65 39.82
C TYR C 629 23.27 10.73 40.97
N ASN C 630 22.54 9.66 40.70
CA ASN C 630 22.01 8.81 41.75
C ASN C 630 22.27 7.32 41.51
N GLY C 631 23.32 6.81 42.13
CA GLY C 631 23.64 5.39 42.06
C GLY C 631 24.11 4.90 43.41
N ASP C 632 24.21 3.59 43.58
CA ASP C 632 24.73 3.02 44.81
C ASP C 632 26.26 2.92 44.79
N GLU C 633 26.83 3.25 43.62
CA GLU C 633 28.27 3.44 43.44
C GLU C 633 28.46 4.53 42.39
N HIS C 634 29.42 5.41 42.63
CA HIS C 634 29.86 6.38 41.62
C HIS C 634 31.34 6.15 41.38
N LEU C 635 31.66 5.48 40.27
CA LEU C 635 33.03 5.08 39.97
C LEU C 635 33.60 5.80 38.75
N PHE C 636 34.58 6.67 38.99
CA PHE C 636 35.23 7.45 37.94
C PHE C 636 36.52 6.78 37.46
N GLN C 637 36.45 6.27 36.24
CA GLN C 637 37.49 5.44 35.65
C GLN C 637 38.33 6.21 34.64
N SER C 638 39.63 5.86 34.56
CA SER C 638 40.54 6.26 33.47
C SER C 638 41.05 7.70 33.50
N ALA C 639 40.48 8.54 34.37
CA ALA C 639 40.92 9.93 34.48
C ALA C 639 40.66 10.54 35.85
N ASP C 640 41.45 11.56 36.18
CA ASP C 640 41.21 12.43 37.33
C ASP C 640 39.79 13.00 37.30
N VAL C 641 39.23 13.22 38.48
CA VAL C 641 37.99 13.99 38.62
C VAL C 641 38.40 15.45 38.79
N LYS C 642 38.14 16.27 37.77
CA LYS C 642 38.64 17.65 37.75
C LYS C 642 37.53 18.69 37.61
N PRO C 643 37.76 19.91 38.16
CA PRO C 643 36.89 21.00 37.75
C PRO C 643 37.30 21.47 36.36
N TYR C 644 36.35 22.00 35.61
CA TYR C 644 36.61 22.51 34.26
C TYR C 644 37.55 23.72 34.30
N ASN C 645 37.31 24.61 35.27
CA ASN C 645 38.13 25.82 35.43
C ASN C 645 39.07 25.71 36.64
N ASP C 646 40.03 26.63 36.72
CA ASP C 646 41.06 26.59 37.76
C ASP C 646 40.73 27.53 38.90
N ASN C 647 40.60 26.96 40.11
CA ASN C 647 40.38 27.73 41.34
C ASN C 647 39.08 28.55 41.32
N VAL C 648 38.03 27.92 40.81
CA VAL C 648 36.72 28.56 40.65
C VAL C 648 35.63 27.80 41.42
N THR C 649 35.66 26.47 41.34
CA THR C 649 34.63 25.64 41.98
C THR C 649 35.20 24.77 43.09
N ALA C 650 34.33 24.33 44.00
CA ALA C 650 34.75 23.60 45.21
C ALA C 650 34.30 22.13 45.20
N LEU C 651 34.91 21.36 46.09
CA LEU C 651 34.39 20.05 46.47
C LEU C 651 33.53 20.22 47.72
N GLY C 652 32.25 19.90 47.60
CA GLY C 652 31.31 20.06 48.70
C GLY C 652 30.96 21.50 49.01
N GLY C 653 30.30 21.68 50.15
CA GLY C 653 29.89 23.01 50.65
C GLY C 653 29.49 22.89 52.12
N PRO C 654 29.27 24.04 52.78
CA PRO C 654 28.94 24.05 54.22
C PRO C 654 27.71 23.21 54.58
N SER C 655 26.76 23.11 53.65
CA SER C 655 25.55 22.31 53.83
C SER C 655 25.55 21.01 53.00
N ASN C 656 26.67 20.76 52.32
CA ASN C 656 26.86 19.55 51.52
C ASN C 656 28.28 19.05 51.74
N ARG C 657 28.59 18.63 52.96
CA ARG C 657 29.94 18.19 53.30
C ARG C 657 30.14 16.73 52.92
N PHE C 658 31.31 16.41 52.36
CA PHE C 658 31.74 15.03 52.26
C PHE C 658 32.23 14.62 53.65
N THR C 659 32.01 13.37 54.05
CA THR C 659 32.44 12.90 55.38
C THR C 659 33.95 13.07 55.56
N THR C 660 34.69 12.75 54.52
CA THR C 660 36.14 12.83 54.48
C THR C 660 36.60 12.60 53.04
N ALA C 661 37.92 12.61 52.83
CA ALA C 661 38.51 12.24 51.56
C ALA C 661 39.60 11.19 51.77
N TYR C 662 39.51 10.08 51.05
CA TYR C 662 40.49 9.01 51.15
C TYR C 662 41.57 9.24 50.10
N LEU C 663 42.79 9.51 50.57
CA LEU C 663 43.86 9.96 49.69
C LEU C 663 45.13 9.15 49.87
N GLY C 664 45.96 9.12 48.82
CA GLY C 664 47.26 8.44 48.85
C GLY C 664 48.39 9.35 49.30
N SER C 665 48.06 10.62 49.54
CA SER C 665 49.00 11.63 50.00
C SER C 665 48.20 12.83 50.53
N ASN C 666 48.88 13.75 51.22
CA ASN C 666 48.24 15.00 51.61
C ASN C 666 47.83 15.80 50.38
N PRO C 667 46.79 16.64 50.51
CA PRO C 667 46.43 17.52 49.39
C PRO C 667 47.58 18.42 48.97
N ILE C 668 47.63 18.73 47.68
CA ILE C 668 48.61 19.67 47.14
C ILE C 668 47.92 21.03 47.07
N VAL C 669 48.33 21.93 47.95
CA VAL C 669 47.66 23.21 48.15
C VAL C 669 48.56 24.34 47.64
N THR C 670 48.09 25.06 46.63
CA THR C 670 48.85 26.17 46.04
C THR C 670 47.97 27.39 45.81
C1 SLB D . -28.40 2.36 14.26
C2 SLB D . -29.26 2.40 15.47
C3 SLB D . -28.92 1.55 16.67
C4 SLB D . -29.66 1.97 17.92
C5 SLB D . -30.99 2.62 17.57
C6 SLB D . -30.83 3.85 16.65
C7 SLB D . -32.18 4.44 16.26
C8 SLB D . -32.11 5.84 15.62
C9 SLB D . -31.55 5.72 14.19
C10 SLB D . -31.80 3.74 19.66
C11 SLB D . -30.79 4.83 19.54
N5 SLB D . -31.81 2.81 18.76
O1A SLB D . -27.97 1.27 13.97
O1B SLB D . -28.15 3.39 13.64
O2 SLB D . -28.31 3.33 15.98
O4 SLB D . -29.86 0.83 18.75
O6 SLB D . -30.30 3.35 15.44
O7 SLB D . -32.71 3.59 15.29
O8 SLB D . -33.36 6.54 15.70
O9 SLB D . -31.35 6.92 13.47
O10 SLB D . -32.59 3.67 20.58
C1 SIA D . -34.68 8.09 15.89
C2 SIA D . -33.92 7.11 16.75
C3 SIA D . -33.33 7.79 17.98
C4 SIA D . -34.40 8.10 19.03
C5 SIA D . -35.08 6.79 19.41
C6 SIA D . -35.74 6.21 18.15
C7 SIA D . -36.53 4.92 18.40
C8 SIA D . -37.31 4.43 17.17
C9 SIA D . -36.49 3.60 16.19
C10 SIA D . -36.30 6.58 21.54
C11 SIA D . -35.29 5.55 21.96
N5 SIA D . -36.16 7.13 20.33
O1A SIA D . -35.70 7.71 15.25
O1B SIA D . -34.28 9.27 15.82
O4 SIA D . -33.86 8.81 20.17
O6 SIA D . -34.75 5.99 17.12
O7 SIA D . -35.69 3.87 18.90
O8 SIA D . -38.43 3.66 17.59
O9 SIA D . -36.87 3.95 14.86
O10 SIA D . -37.23 6.90 22.27
C1 SIA D . -40.45 2.81 18.19
C2 SIA D . -39.83 3.90 17.36
C3 SIA D . -40.33 3.87 15.91
C4 SIA D . -41.73 4.46 15.77
C5 SIA D . -41.81 5.84 16.43
C6 SIA D . -41.36 5.76 17.89
C7 SIA D . -41.38 7.14 18.56
C8 SIA D . -41.55 7.10 20.09
C9 SIA D . -40.49 6.28 20.80
C10 SIA D . -43.69 7.21 15.73
C11 SIA D . -45.17 7.43 15.82
N5 SIA D . -43.22 6.18 16.42
O1A SIA D . -40.50 2.94 19.43
O1B SIA D . -40.90 1.79 17.60
O4 SIA D . -42.06 4.56 14.38
O6 SIA D . -40.04 5.20 17.96
O7 SIA D . -40.23 7.89 18.18
O8 SIA D . -41.50 8.43 20.64
O9 SIA D . -41.05 4.99 21.12
O10 SIA D . -42.96 7.94 15.07
C1 SLB E . 11.50 40.83 -5.74
C2 SLB E . 10.20 41.16 -6.46
C3 SLB E . 9.87 42.61 -6.83
C4 SLB E . 8.41 42.72 -7.26
C5 SLB E . 7.52 41.62 -6.68
C6 SLB E . 8.02 40.19 -6.93
C7 SLB E . 7.50 39.21 -5.86
C8 SLB E . 7.91 37.77 -6.16
C9 SLB E . 9.05 37.26 -5.28
C10 SLB E . 5.15 42.26 -6.56
C11 SLB E . 3.86 42.31 -7.33
N5 SLB E . 6.18 41.76 -7.23
O1A SLB E . 12.35 41.74 -5.55
O1B SLB E . 11.68 39.67 -5.35
O2 SLB E . 10.98 41.11 -7.67
O4 SLB E . 7.90 43.99 -6.82
O6 SLB E . 9.44 40.09 -7.05
O7 SLB E . 7.94 39.60 -4.55
O8 SLB E . 6.77 36.92 -5.99
O9 SLB E . 9.62 36.10 -5.87
O10 SLB E . 5.22 42.66 -5.41
C1 SIA E . 4.69 37.02 -7.23
C2 SIA E . 5.70 36.14 -6.52
C3 SIA E . 5.02 35.20 -5.51
C4 SIA E . 4.42 33.97 -6.17
C5 SIA E . 5.42 33.29 -7.11
C6 SIA E . 5.99 34.29 -8.12
C7 SIA E . 7.05 33.67 -9.02
C8 SIA E . 7.29 34.49 -10.30
C9 SIA E . 7.87 35.89 -10.11
C10 SIA E . 4.87 31.06 -7.94
C11 SIA E . 3.94 30.26 -8.80
N5 SIA E . 4.61 32.37 -7.90
O1A SIA E . 4.61 36.96 -8.48
O1B SIA E . 3.97 37.77 -6.55
O4 SIA E . 4.02 33.04 -5.16
O6 SIA E . 6.55 35.42 -7.43
O7 SIA E . 8.28 33.48 -8.30
O8 SIA E . 8.16 33.74 -11.16
O9 SIA E . 9.08 35.84 -9.34
O10 SIA E . 5.79 30.54 -7.32
C1 SIA E . 6.78 32.62 -12.63
C2 SIA E . 8.24 32.97 -12.37
C3 SIA E . 9.18 31.82 -12.77
C4 SIA E . 9.44 31.77 -14.28
C5 SIA E . 9.85 33.14 -14.82
C6 SIA E . 8.85 34.22 -14.40
C7 SIA E . 9.29 35.62 -14.85
C8 SIA E . 8.30 36.71 -14.40
C9 SIA E . 8.58 38.04 -15.10
C10 SIA E . 10.76 33.15 -17.11
C11 SIA E . 10.43 32.98 -18.56
N5 SIA E . 9.72 33.02 -16.27
O1A SIA E . 6.35 31.53 -12.19
O1B SIA E . 6.06 33.42 -13.26
O4 SIA E . 10.47 30.81 -14.55
O6 SIA E . 8.65 34.21 -12.98
O7 SIA E . 10.58 35.92 -14.32
O8 SIA E . 6.95 36.32 -14.67
O9 SIA E . 7.80 39.06 -14.49
O10 SIA E . 11.89 33.39 -16.73
C1 SLB F . 40.94 -3.15 33.57
C2 SLB F . 40.76 -2.30 32.33
C3 SLB F . 41.98 -1.97 31.47
C4 SLB F . 41.84 -0.61 30.80
C5 SLB F . 40.38 -0.20 30.60
C6 SLB F . 39.45 -1.41 30.55
C7 SLB F . 38.03 -0.97 30.22
C8 SLB F . 37.05 -2.11 30.39
C9 SLB F . 36.91 -2.57 31.84
C10 SLB F . 39.54 1.65 29.25
C11 SLB F . 39.59 2.31 27.89
N5 SLB F . 40.30 0.57 29.37
O1A SLB F . 39.97 -3.83 33.97
O1B SLB F . 42.04 -3.14 34.14
O2 SLB F . 40.73 -3.55 31.62
O4 SLB F . 42.49 0.39 31.60
O6 SLB F . 39.45 -2.08 31.81
O7 SLB F . 37.66 0.12 31.06
O8 SLB F . 35.76 -1.69 29.91
O9 SLB F . 36.08 -3.73 31.87
O10 SLB F . 38.83 2.06 30.15
C1 SIA F . 35.81 -2.04 27.51
C2 SIA F . 34.98 -2.11 28.77
C3 SIA F . 33.78 -1.14 28.75
C4 SIA F . 32.60 -1.66 27.92
C5 SIA F . 32.30 -3.12 28.22
C6 SIA F . 33.58 -3.95 28.05
C7 SIA F . 33.36 -5.44 28.30
C8 SIA F . 34.28 -6.37 27.48
C9 SIA F . 35.78 -6.05 27.54
C10 SIA F . 30.23 -4.16 27.52
C11 SIA F . 29.37 -4.61 26.38
N5 SIA F . 31.38 -3.59 27.19
O1A SIA F . 36.65 -2.95 27.29
O1B SIA F . 35.65 -1.09 26.74
O4 SIA F . 31.43 -0.87 28.18
O6 SIA F . 34.56 -3.46 28.98
O7 SIA F . 33.49 -5.70 29.70
O8 SIA F . 34.10 -7.73 27.89
O9 SIA F . 36.19 -5.81 28.89
O10 SIA F . 29.88 -4.30 28.69
C1 SLB G . 11.00 -29.24 -5.04
C2 SLB G . 12.18 -30.07 -4.64
C3 SLB G . 13.60 -29.66 -4.92
C4 SLB G . 14.58 -30.69 -4.39
C5 SLB G . 14.06 -32.14 -4.48
C6 SLB G . 12.71 -32.28 -3.81
C7 SLB G . 11.97 -33.60 -4.04
C8 SLB G . 10.85 -33.80 -3.00
C9 SLB G . 9.62 -32.94 -3.32
C10 SLB G . 15.82 -33.90 -4.34
C11 SLB G . 15.79 -34.00 -5.84
N5 SLB G . 15.00 -33.03 -3.81
O1A SLB G . 10.97 -28.92 -6.20
O1B SLB G . 10.11 -29.01 -4.25
O2 SLB G . 12.31 -29.46 -3.34
O4 SLB G . 15.73 -30.54 -5.17
O6 SLB G . 11.79 -31.25 -4.06
O7 SLB G . 11.38 -33.64 -5.30
O8 SLB G . 10.53 -35.19 -2.84
O9 SLB G . 8.53 -33.17 -2.48
O10 SLB G . 16.58 -34.56 -3.66
C1 SIA G . 10.09 -37.14 -2.10
C2 SIA G . 11.19 -36.16 -2.38
C3 SIA G . 12.06 -35.89 -1.13
C4 SIA G . 13.05 -37.03 -0.87
C5 SIA G . 13.82 -37.40 -2.12
C6 SIA G . 12.87 -37.71 -3.28
C7 SIA G . 13.61 -38.05 -4.59
C8 SIA G . 12.68 -38.25 -5.78
C9 SIA G . 12.19 -36.95 -6.41
C10 SIA G . 15.83 -38.74 -1.94
C11 SIA G . 16.43 -40.07 -1.56
N5 SIA G . 14.51 -38.64 -1.78
O1A SIA G . 9.65 -37.85 -3.03
O1B SIA G . 9.64 -37.21 -0.93
O4 SIA G . 13.98 -36.62 0.16
O6 SIA G . 12.00 -36.59 -3.49
O7 SIA G . 14.59 -37.06 -4.90
O8 SIA G . 13.40 -38.98 -6.79
O9 SIA G . 11.06 -37.27 -7.23
O10 SIA G . 16.50 -37.83 -2.38
C1 SIA G . 14.29 -40.63 -8.06
C2 SIA G . 13.11 -40.34 -7.16
C3 SIA G . 11.78 -40.55 -7.90
C4 SIA G . 11.40 -42.02 -8.00
C5 SIA G . 11.48 -42.73 -6.65
C6 SIA G . 12.87 -42.51 -6.05
C7 SIA G . 13.06 -43.12 -4.65
C8 SIA G . 14.38 -42.65 -4.03
C9 SIA G . 14.58 -43.17 -2.61
C10 SIA G . 10.31 -44.88 -6.55
C11 SIA G . 10.35 -46.33 -6.94
N5 SIA G . 11.36 -44.16 -6.95
O1A SIA G . 15.36 -40.98 -7.53
O1B SIA G . 14.16 -40.50 -9.30
O4 SIA G . 10.07 -42.08 -8.51
O6 SIA G . 13.16 -41.11 -5.95
O7 SIA G . 11.98 -42.70 -3.80
O8 SIA G . 15.46 -43.06 -4.86
O9 SIA G . 14.76 -44.58 -2.61
O10 SIA G . 9.37 -44.43 -5.91
C1 SLB H . -22.09 -3.08 36.87
C2 SLB H . -22.60 -4.43 36.41
C3 SLB H . -23.19 -5.34 37.47
C4 SLB H . -23.82 -6.57 36.82
C5 SLB H . -22.92 -7.11 35.70
C6 SLB H . -22.69 -6.08 34.58
C7 SLB H . -21.43 -6.42 33.77
C8 SLB H . -21.14 -5.42 32.64
C9 SLB H . -20.47 -4.12 33.09
C10 SLB H . -23.12 -9.52 35.27
C11 SLB H . -23.86 -10.54 34.47
N5 SLB H . -23.51 -8.27 35.05
O1A SLB H . -22.87 -2.10 36.95
O1B SLB H . -20.88 -3.01 37.17
O2 SLB H . -23.90 -3.84 36.22
O4 SLB H . -24.04 -7.56 37.82
O6 SLB H . -22.70 -4.72 35.01
O7 SLB H . -20.26 -6.65 34.58
O8 SLB H . -20.28 -6.05 31.70
O9 SLB H . -20.23 -3.31 31.93
O10 SLB H . -22.23 -9.82 36.06
C1 SIA H . -21.54 -7.61 30.45
C2 SIA H . -20.49 -6.52 30.36
C3 SIA H . -19.24 -7.01 29.61
C4 SIA H . -19.43 -6.99 28.09
C5 SIA H . -19.95 -5.63 27.64
C6 SIA H . -21.23 -5.28 28.38
C7 SIA H . -21.76 -3.89 27.99
C8 SIA H . -23.27 -3.73 28.24
C9 SIA H . -23.78 -4.11 29.63
C10 SIA H . -19.75 -5.13 25.26
C11 SIA H . -20.26 -5.46 23.89
N5 SIA H . -20.32 -5.83 26.24
O1A SIA H . -22.71 -7.39 30.06
O1B SIA H . -21.18 -8.70 30.95
O4 SIA H . -18.19 -7.30 27.45
O6 SIA H . -21.02 -5.31 29.79
O7 SIA H . -21.02 -2.87 28.68
O8 SIA H . -23.66 -2.38 27.93
O9 SIA H . -23.46 -3.08 30.57
O10 SIA H . -18.88 -4.29 25.46
C1 SIA H . -24.84 -3.32 25.87
C2 SIA H . -24.53 -2.18 26.81
C3 SIA H . -24.17 -0.88 26.07
C4 SIA H . -25.42 -0.16 25.56
C5 SIA H . -26.45 0.02 26.66
C6 SIA H . -26.80 -1.34 27.28
C7 SIA H . -27.83 -1.30 28.41
C8 SIA H . -27.99 -2.66 29.09
C9 SIA H . -29.37 -2.80 29.71
C10 SIA H . -28.08 1.76 26.14
C11 SIA H . -29.30 2.13 25.36
N5 SIA H . -27.64 0.51 25.98
O1A SIA H . -25.86 -4.02 26.04
O1B SIA H . -24.03 -3.54 24.93
O4 SIA H . -25.06 1.12 25.00
O6 SIA H . -25.60 -1.97 27.77
O7 SIA H . -27.41 -0.35 29.40
O8 SIA H . -27.79 -3.74 28.16
O9 SIA H . -29.48 -4.10 30.32
O10 SIA H . -27.52 2.56 26.88
C1 SLB I . 33.65 29.03 29.06
C2 SLB I . 32.16 29.35 29.11
C3 SLB I . 31.61 30.21 30.25
C4 SLB I . 30.08 30.16 30.28
C5 SLB I . 29.54 28.86 29.67
C6 SLB I . 30.01 28.63 28.21
C7 SLB I . 29.85 27.14 27.84
C8 SLB I . 30.39 26.77 26.46
C9 SLB I . 31.90 26.51 26.43
C10 SLB I . 27.45 27.82 30.40
C11 SLB I . 25.96 27.96 30.46
N5 SLB I . 28.09 28.83 29.80
O1A SLB I . 34.31 29.27 28.01
O1B SLB I . 34.18 28.51 30.07
O2 SLB I . 32.47 30.60 28.46
O4 SLB I . 29.67 30.26 31.65
O6 SLB I . 31.35 29.08 27.97
O7 SLB I . 30.44 26.30 28.84
O8 SLB I . 29.74 25.58 26.02
O9 SLB I . 32.39 26.75 25.12
O10 SLB I . 28.05 26.86 30.88
C1 SIA I . 27.66 26.50 24.95
C2 SIA I . 28.75 25.46 24.99
C3 SIA I . 28.19 24.04 25.16
C4 SIA I . 27.57 23.48 23.88
C5 SIA I . 28.50 23.69 22.68
C6 SIA I . 28.99 25.14 22.58
C7 SIA I . 30.06 25.29 21.48
C8 SIA I . 30.65 26.70 21.35
C9 SIA I . 31.04 26.97 19.90
C10 SIA I . 28.06 22.55 20.56
C11 SIA I . 27.13 22.42 19.39
N5 SIA I . 27.69 23.44 21.49
O1A SIA I . 27.84 27.51 24.23
O1B SIA I . 26.64 26.35 25.65
O4 SIA I . 27.30 22.08 24.05
O6 SIA I . 29.57 25.56 23.82
O7 SIA I . 31.13 24.39 21.76
O8 SIA I . 29.76 27.71 21.84
O9 SIA I . 30.13 27.92 19.32
O10 SIA I . 29.07 21.87 20.65
C1 SLB J . 7.20 22.20 -21.19
C2 SLB J . 7.67 23.59 -21.45
C3 SLB J . 7.32 24.82 -20.58
C4 SLB J . 7.97 26.07 -21.14
C5 SLB J . 8.00 25.60 -22.58
C6 SLB J . 9.24 24.77 -22.76
C7 SLB J . 9.81 24.73 -24.16
C8 SLB J . 10.99 23.78 -24.35
C9 SLB J . 10.55 22.32 -24.04
C10 SLB J . 8.05 27.43 -24.30
C11 SLB J . 8.95 28.30 -23.48
N5 SLB J . 7.65 26.31 -23.79
O1A SLB J . 6.02 22.02 -21.06
O1B SLB J . 7.95 21.27 -21.20
O2 SLB J . 8.67 23.46 -20.41
O4 SLB J . 7.26 27.27 -20.83
O6 SLB J . 8.59 23.57 -22.54
O7 SLB J . 8.72 24.36 -24.96
O8 SLB J . 11.66 24.03 -25.59
O9 SLB J . 10.98 21.26 -24.90
O10 SLB J . 7.60 27.68 -25.36
C1 SIA J . 13.03 23.99 -27.38
C2 SIA J . 12.44 24.64 -26.15
C3 SIA J . 13.53 25.07 -25.16
C4 SIA J . 14.28 26.31 -25.61
C5 SIA J . 13.31 27.44 -25.98
C6 SIA J . 12.29 26.94 -27.02
C7 SIA J . 11.27 28.02 -27.41
C8 SIA J . 10.22 27.52 -28.40
C9 SIA J . 9.04 26.80 -27.75
C10 SIA J . 14.26 29.70 -26.25
C11 SIA J . 13.47 30.14 -25.05
N5 SIA J . 14.15 28.44 -26.66
O1A SIA J . 12.37 23.97 -28.45
O1B SIA J . 14.16 23.47 -27.30
O4 SIA J . 15.16 26.76 -24.57
O6 SIA J . 11.61 25.78 -26.51
O7 SIA J . 10.64 28.60 -26.26
O8 SIA J . 9.69 28.65 -29.14
O9 SIA J . 8.39 26.01 -28.76
O10 SIA J . 14.98 30.49 -26.85
C1 SIA J . 9.23 30.30 -30.61
C2 SIA J . 9.83 28.92 -30.53
C3 SIA J . 9.14 27.94 -31.49
C4 SIA J . 9.59 28.07 -32.94
C5 SIA J . 11.12 28.16 -33.06
C6 SIA J . 11.67 29.23 -32.13
C7 SIA J . 13.20 29.35 -32.17
C8 SIA J . 13.74 30.36 -31.17
C9 SIA J . 15.19 30.71 -31.45
C10 SIA J . 11.97 27.86 -35.34
C11 SIA J . 12.14 28.51 -36.69
N5 SIA J . 11.37 28.62 -34.42
O1A SIA J . 9.91 31.28 -30.18
O1B SIA J . 8.09 30.45 -31.09
O4 SIA J . 9.11 26.93 -33.65
O6 SIA J . 11.26 28.96 -30.77
O7 SIA J . 13.80 28.06 -31.90
O8 SIA J . 12.97 31.57 -31.19
O9 SIA J . 15.73 31.26 -30.26
O10 SIA J . 12.37 26.72 -35.12
C1 SLB K . 34.36 -25.50 1.16
C2 SLB K . 34.48 -25.25 -0.32
C3 SLB K . 35.64 -25.87 -1.12
C4 SLB K . 35.53 -25.65 -2.63
C5 SLB K . 34.79 -24.35 -2.99
C6 SLB K . 33.40 -24.27 -2.33
C7 SLB K . 32.75 -22.88 -2.51
C8 SLB K . 31.32 -22.78 -1.95
C9 SLB K . 31.24 -22.76 -0.42
C10 SLB K . 35.33 -23.41 -5.18
C11 SLB K . 35.01 -23.47 -6.65
N5 SLB K . 34.63 -24.26 -4.42
O1A SLB K . 34.19 -26.65 1.60
O1B SLB K . 34.44 -24.50 1.91
O2 SLB K . 33.74 -26.46 -0.59
O4 SLB K . 36.85 -25.60 -3.18
O6 SLB K . 33.39 -24.53 -0.92
O7 SLB K . 33.57 -21.85 -1.95
O8 SLB K . 30.72 -21.58 -2.42
O9 SLB K . 29.87 -22.78 -0.02
O10 SLB K . 36.18 -22.65 -4.74
C1 SIA K . 30.28 -22.03 -4.80
C2 SIA K . 29.73 -21.55 -3.47
C3 SIA K . 29.26 -20.10 -3.57
C4 SIA K . 27.88 -20.01 -4.22
C5 SIA K . 26.89 -20.95 -3.53
C6 SIA K . 27.43 -22.38 -3.52
C7 SIA K . 26.52 -23.33 -2.75
C8 SIA K . 26.71 -24.79 -3.17
C9 SIA K . 28.13 -25.37 -3.04
C10 SIA K . 24.50 -20.58 -3.90
C11 SIA K . 23.38 -20.67 -4.87
N5 SIA K . 25.69 -20.96 -4.36
O1A SIA K . 29.80 -23.04 -5.36
O1B SIA K . 31.23 -21.38 -5.29
O4 SIA K . 27.41 -18.66 -4.16
O6 SIA K . 28.73 -22.42 -2.91
O7 SIA K . 26.72 -23.19 -1.34
O8 SIA K . 25.79 -25.62 -2.43
O9 SIA K . 28.58 -25.29 -1.69
O10 SIA K . 24.33 -20.20 -2.75
C1 SIA K . 24.56 -26.17 -4.46
C2 SIA K . 25.04 -26.65 -3.12
C3 SIA K . 23.87 -27.07 -2.22
C4 SIA K . 23.36 -28.49 -2.44
C5 SIA K . 24.48 -29.51 -2.66
C6 SIA K . 25.47 -28.99 -3.69
C7 SIA K . 26.62 -29.96 -4.01
C8 SIA K . 27.55 -29.41 -5.09
C9 SIA K . 28.56 -30.46 -5.54
C10 SIA K . 23.84 -31.88 -2.69
C11 SIA K . 23.15 -32.97 -3.46
N5 SIA K . 23.85 -30.68 -3.27
O1A SIA K . 25.07 -26.64 -5.50
O1B SIA K . 23.67 -25.29 -4.51
O4 SIA K . 22.60 -28.88 -1.29
O6 SIA K . 26.00 -27.73 -3.23
O7 SIA K . 27.38 -30.23 -2.82
O8 SIA K . 26.79 -28.99 -6.23
O9 SIA K . 29.83 -29.84 -5.76
O10 SIA K . 24.35 -32.09 -1.59
C1 SLB L . 15.16 11.68 49.86
C2 SLB L . 15.31 10.29 49.28
C3 SLB L . 16.13 9.23 50.05
C4 SLB L . 16.10 7.87 49.34
C5 SLB L . 16.07 8.01 47.82
C6 SLB L . 14.87 8.82 47.31
C7 SLB L . 15.08 9.31 45.86
C8 SLB L . 13.96 10.21 45.34
C9 SLB L . 14.04 11.67 45.80
C10 SLB L . 16.93 6.37 46.22
C11 SLB L . 16.84 4.96 45.70
N5 SLB L . 16.10 6.69 47.21
O1A SLB L . 14.98 12.64 49.09
O1B SLB L . 15.22 11.83 51.10
O2 SLB L . 14.19 9.89 50.08
O4 SLB L . 17.23 7.11 49.75
O6 SLB L . 14.49 9.94 48.15
O7 SLB L . 16.33 9.99 45.71
O8 SLB L . 14.04 10.19 43.91
O9 SLB L . 12.95 12.44 45.26
O10 SLB L . 17.71 7.18 45.75
C1 SIA L . 12.58 8.33 43.20
C2 SIA L . 13.17 9.68 42.87
C3 SIA L . 13.89 9.73 41.52
C4 SIA L . 12.92 9.81 40.34
C5 SIA L . 11.84 10.88 40.55
C6 SIA L . 11.18 10.66 41.92
C7 SIA L . 10.08 11.68 42.27
C8 SIA L . 9.62 11.52 43.72
C9 SIA L . 8.45 12.43 44.06
C10 SIA L . 10.36 11.57 38.74
C11 SIA L . 9.29 11.13 37.79
N5 SIA L . 10.80 10.61 39.56
O1A SIA L . 11.44 8.27 43.71
O1B SIA L . 13.25 7.31 42.97
O4 SIA L . 13.66 10.09 39.14
O6 SIA L . 12.17 10.70 42.95
O7 SIA L . 10.57 13.00 42.10
O8 SIA L . 9.25 10.16 43.96
O9 SIA L . 7.29 12.01 43.34
O10 SIA L . 10.80 12.71 38.74
NA NA M . -13.54 -0.75 8.12
NA NA N . 7.04 -13.12 -3.36
NA NA O . 1.94 12.47 -8.95
#